data_4J56
#
_entry.id   4J56
#
_cell.length_a   101.880
_cell.length_b   89.180
_cell.length_c   151.330
_cell.angle_alpha   90.00
_cell.angle_beta   91.62
_cell.angle_gamma   90.00
#
_symmetry.space_group_name_H-M   'P 1 21 1'
#
loop_
_entity.id
_entity.type
_entity.pdbx_description
1 polymer 'Thioredoxin reductase 2'
2 polymer Thioredoxin
3 non-polymer 'FLAVIN-ADENINE DINUCLEOTIDE'
4 water water
#
loop_
_entity_poly.entity_id
_entity_poly.type
_entity_poly.pdbx_seq_one_letter_code
_entity_poly.pdbx_strand_id
1 'polypeptide(L)'
;MCKDKNEKKNYEHVNANEKNGYLASEKNELTKNKVEEHTYDYDYVVIGGGPGGMASAKEAAAHGARVLLFDYVKPSSQGT
KWGIGGTCVNVGCVPKKLMHYAGHMGSIFKLDSKAYGWKFDNLKHDWKKLVTTVQSHIRSLNFSYMTGLRSSKVKYINGL
AKLKDKNTVSYYLKGDLSKEETVTGKYILIATGCRPHIPDDVEGAKELSITSDDIFSLKKDPGKTLVVGASYVALECSGF
LNSLGYDVTVAVRSIVLRGFDQQCAVKVKLYMEEQGVMFKNGILPKKLTKMDDKILVEFSDKTSELYDTVLYAIGRKGDI
DGLNLESLNMNVNKSNNKIIADHLSCTNIPSIFAVGDVAENVPELAPVAIKAGEILARRLFKDSDEIMDYSYIPTSIYTP
IEYGACGYSEEKAYELYGKSNVEVFLQEFNNLEISAVHRQKHIRAQKDEYDLDVSSTCLAKLVCLKNEDNRVIGFHYVGP
NAGEVTQGMALALRLKVKKKDFDNCIGIHPTDAESFMNLFVTISSGLSYAAKGGSGGGKCG
;
A,B,C,D
2 'polypeptide(L)'
;RGSHHHHHHGSVKIVTSQAEFDSIISQNELVIVDFFAEWCGPSKRIAPFYEECSKTYTKMVFIKVDVDEVSEVTEKENIT
SMPTFKVYKNGSSVDTLLGANDSALKQLIEKYAA
;
E,F,G,H
#
loop_
_chem_comp.id
_chem_comp.type
_chem_comp.name
_chem_comp.formula
FAD non-polymer 'FLAVIN-ADENINE DINUCLEOTIDE' 'C27 H33 N9 O15 P2'
#
# COMPACT_ATOMS: atom_id res chain seq x y z
N HIS A 38 -2.27 -41.75 -13.22
CA HIS A 38 -2.09 -41.61 -11.77
C HIS A 38 -3.36 -41.84 -10.95
N THR A 39 -3.17 -42.12 -9.67
CA THR A 39 -4.26 -42.48 -8.75
C THR A 39 -4.12 -41.71 -7.45
N TYR A 40 -5.25 -41.35 -6.84
CA TYR A 40 -5.22 -40.57 -5.60
C TYR A 40 -6.29 -41.09 -4.65
N ASP A 41 -6.19 -40.74 -3.37
CA ASP A 41 -7.20 -41.19 -2.40
C ASP A 41 -8.52 -40.44 -2.60
N TYR A 42 -8.44 -39.21 -3.10
CA TYR A 42 -9.63 -38.38 -3.27
C TYR A 42 -9.46 -37.53 -4.50
N ASP A 43 -10.57 -37.20 -5.12
CA ASP A 43 -10.57 -36.32 -6.28
C ASP A 43 -10.39 -34.88 -5.87
N TYR A 44 -10.71 -34.58 -4.61
CA TYR A 44 -10.70 -33.20 -4.12
C TYR A 44 -10.45 -33.24 -2.64
N VAL A 45 -9.35 -32.64 -2.22
CA VAL A 45 -9.10 -32.44 -0.80
C VAL A 45 -9.11 -30.93 -0.60
N VAL A 46 -9.85 -30.45 0.39
CA VAL A 46 -9.90 -29.02 0.62
C VAL A 46 -9.48 -28.68 2.03
N ILE A 47 -8.69 -27.63 2.16
CA ILE A 47 -8.19 -27.20 3.47
C ILE A 47 -8.93 -25.95 3.92
N GLY A 48 -9.79 -26.11 4.92
CA GLY A 48 -10.62 -25.03 5.44
C GLY A 48 -12.12 -25.32 5.40
N GLY A 49 -12.78 -25.22 6.54
CA GLY A 49 -14.23 -25.39 6.56
C GLY A 49 -15.03 -24.11 6.75
N GLY A 50 -14.73 -23.09 5.95
CA GLY A 50 -15.48 -21.84 6.01
C GLY A 50 -16.39 -21.81 4.80
N PRO A 51 -17.04 -20.66 4.54
CA PRO A 51 -17.96 -20.51 3.40
C PRO A 51 -17.43 -21.08 2.09
N GLY A 52 -16.20 -20.74 1.73
CA GLY A 52 -15.70 -21.13 0.43
C GLY A 52 -15.38 -22.60 0.36
N GLY A 53 -14.69 -23.10 1.38
CA GLY A 53 -14.20 -24.46 1.36
C GLY A 53 -15.36 -25.42 1.41
N MET A 54 -16.32 -25.15 2.31
CA MET A 54 -17.53 -25.98 2.42
C MET A 54 -18.35 -25.99 1.13
N ALA A 55 -18.52 -24.80 0.54
CA ALA A 55 -19.35 -24.66 -0.65
C ALA A 55 -18.72 -25.43 -1.80
N SER A 56 -17.42 -25.25 -2.00
CA SER A 56 -16.72 -25.93 -3.07
C SER A 56 -16.78 -27.46 -2.88
N ALA A 57 -16.65 -27.89 -1.63
CA ALA A 57 -16.62 -29.32 -1.32
C ALA A 57 -17.96 -29.94 -1.67
N LYS A 58 -19.03 -29.33 -1.17
CA LYS A 58 -20.39 -29.82 -1.44
C LYS A 58 -20.78 -29.83 -2.93
N GLU A 59 -20.39 -28.80 -3.69
CA GLU A 59 -20.64 -28.84 -5.12
C GLU A 59 -19.87 -29.98 -5.76
N ALA A 60 -18.58 -30.07 -5.46
CA ALA A 60 -17.71 -31.10 -6.05
C ALA A 60 -18.28 -32.50 -5.83
N ALA A 61 -18.70 -32.77 -4.60
CA ALA A 61 -19.37 -34.01 -4.22
C ALA A 61 -20.60 -34.30 -5.07
N ALA A 62 -21.43 -33.29 -5.26
CA ALA A 62 -22.68 -33.48 -5.98
C ALA A 62 -22.44 -33.76 -7.44
N HIS A 63 -21.21 -33.66 -7.90
CA HIS A 63 -20.90 -33.97 -9.30
C HIS A 63 -20.05 -35.21 -9.41
N GLY A 64 -19.98 -36.00 -8.34
CA GLY A 64 -19.34 -37.29 -8.40
C GLY A 64 -17.97 -37.39 -7.74
N ALA A 65 -17.36 -36.25 -7.42
CA ALA A 65 -16.04 -36.27 -6.83
C ALA A 65 -16.05 -36.93 -5.44
N ARG A 66 -15.01 -37.68 -5.14
CA ARG A 66 -14.77 -38.13 -3.79
C ARG A 66 -14.05 -36.99 -3.09
N VAL A 67 -14.59 -36.53 -1.97
CA VAL A 67 -14.14 -35.27 -1.40
C VAL A 67 -13.77 -35.41 0.06
N LEU A 68 -12.64 -34.80 0.44
CA LEU A 68 -12.23 -34.77 1.86
C LEU A 68 -12.02 -33.32 2.23
N LEU A 69 -12.53 -32.92 3.40
CA LEU A 69 -12.39 -31.53 3.83
C LEU A 69 -11.80 -31.43 5.22
N PHE A 70 -10.81 -30.56 5.40
CA PHE A 70 -10.17 -30.40 6.70
C PHE A 70 -10.56 -29.08 7.28
N ASP A 71 -10.93 -29.05 8.55
CA ASP A 71 -11.05 -27.78 9.26
C ASP A 71 -10.53 -27.84 10.68
N TYR A 72 -9.72 -26.86 11.05
CA TYR A 72 -9.16 -26.79 12.39
C TYR A 72 -8.98 -25.34 12.80
N VAL A 73 -9.39 -25.02 14.04
CA VAL A 73 -9.35 -23.66 14.52
C VAL A 73 -8.17 -23.44 15.48
N LYS A 74 -7.09 -22.85 14.97
CA LYS A 74 -5.99 -22.46 15.82
C LYS A 74 -6.49 -21.32 16.67
N PRO A 75 -6.39 -21.45 18.00
CA PRO A 75 -6.84 -20.42 18.96
C PRO A 75 -6.32 -18.99 18.65
N SER A 76 -6.97 -17.98 19.23
CA SER A 76 -6.65 -16.61 18.86
C SER A 76 -5.63 -16.13 19.84
N SER A 77 -5.07 -14.93 19.60
CA SER A 77 -4.17 -14.23 20.52
C SER A 77 -4.53 -14.45 21.98
N GLN A 78 -5.82 -14.49 22.29
CA GLN A 78 -6.25 -14.66 23.67
C GLN A 78 -6.76 -16.07 23.97
N GLY A 79 -6.57 -16.99 23.02
CA GLY A 79 -6.89 -18.39 23.24
C GLY A 79 -8.33 -18.81 22.94
N THR A 80 -9.04 -17.95 22.23
CA THR A 80 -10.44 -18.22 21.90
C THR A 80 -10.51 -19.26 20.77
N LYS A 81 -11.42 -20.23 20.89
CA LYS A 81 -11.65 -21.14 19.78
C LYS A 81 -13.14 -21.41 19.55
N TRP A 82 -13.46 -22.12 18.47
CA TRP A 82 -14.85 -22.33 18.05
C TRP A 82 -15.01 -23.48 17.06
N GLY A 83 -16.26 -23.72 16.66
CA GLY A 83 -16.60 -24.86 15.83
C GLY A 83 -16.35 -24.64 14.35
N ILE A 84 -16.93 -25.53 13.53
CA ILE A 84 -16.74 -25.51 12.09
C ILE A 84 -17.59 -24.41 11.46
N GLY A 85 -17.14 -23.92 10.30
CA GLY A 85 -17.93 -22.94 9.60
C GLY A 85 -17.10 -21.74 9.23
N GLY A 86 -15.90 -21.65 9.81
CA GLY A 86 -15.03 -20.54 9.51
C GLY A 86 -15.38 -19.23 10.22
N THR A 87 -14.80 -18.14 9.70
CA THR A 87 -14.91 -16.84 10.32
C THR A 87 -16.36 -16.41 10.36
N CYS A 88 -17.02 -16.43 9.20
CA CYS A 88 -18.43 -16.00 9.07
C CYS A 88 -19.40 -16.42 10.18
N VAL A 89 -19.54 -17.72 10.41
CA VAL A 89 -20.52 -18.23 11.36
C VAL A 89 -20.14 -17.98 12.81
N ASN A 90 -18.86 -18.12 13.13
CA ASN A 90 -18.42 -18.09 14.53
C ASN A 90 -17.95 -16.73 15.03
N VAL A 91 -17.20 -15.99 14.21
CA VAL A 91 -16.54 -14.78 14.70
C VAL A 91 -16.60 -13.65 13.65
N GLY A 92 -17.70 -13.60 12.92
CA GLY A 92 -17.85 -12.65 11.84
C GLY A 92 -19.33 -12.37 11.61
N CYS A 93 -19.79 -12.50 10.37
CA CYS A 93 -21.11 -12.02 9.95
C CYS A 93 -22.26 -12.40 10.88
N VAL A 94 -22.35 -13.67 11.24
CA VAL A 94 -23.49 -14.10 12.05
C VAL A 94 -23.53 -13.49 13.46
N PRO A 95 -22.49 -13.70 14.30
CA PRO A 95 -22.63 -13.09 15.63
C PRO A 95 -22.61 -11.54 15.60
N LYS A 96 -21.95 -10.98 14.60
CA LYS A 96 -21.89 -9.54 14.46
C LYS A 96 -23.28 -8.98 14.19
N LYS A 97 -24.05 -9.65 13.32
CA LYS A 97 -25.42 -9.22 13.03
C LYS A 97 -26.31 -9.34 14.26
N LEU A 98 -26.05 -10.37 15.06
CA LEU A 98 -26.88 -10.64 16.22
C LEU A 98 -26.73 -9.56 17.28
N MET A 99 -25.50 -9.12 17.51
CA MET A 99 -25.25 -8.10 18.52
C MET A 99 -25.60 -6.72 18.00
N HIS A 100 -25.50 -6.52 16.69
CA HIS A 100 -26.00 -5.30 16.07
C HIS A 100 -27.48 -5.14 16.37
N TYR A 101 -28.21 -6.24 16.28
CA TYR A 101 -29.61 -6.24 16.63
C TYR A 101 -29.76 -5.83 18.09
N ALA A 102 -28.92 -6.41 18.97
CA ALA A 102 -28.97 -6.12 20.40
C ALA A 102 -28.82 -4.62 20.64
N GLY A 103 -27.90 -4.02 19.92
CA GLY A 103 -27.58 -2.61 20.10
C GLY A 103 -28.65 -1.73 19.49
N HIS A 104 -29.01 -2.03 18.24
CA HIS A 104 -30.06 -1.28 17.55
C HIS A 104 -31.31 -1.21 18.42
N MET A 105 -31.68 -2.35 18.95
CA MET A 105 -32.79 -2.47 19.88
C MET A 105 -32.65 -1.47 21.00
N GLY A 106 -31.47 -1.43 21.60
CA GLY A 106 -31.22 -0.51 22.69
C GLY A 106 -31.39 0.93 22.28
N SER A 107 -30.88 1.30 21.12
CA SER A 107 -31.06 2.65 20.63
C SER A 107 -32.54 2.97 20.50
N ILE A 108 -33.35 2.02 20.04
CA ILE A 108 -34.79 2.23 19.97
C ILE A 108 -35.37 2.53 21.35
N PHE A 109 -34.99 1.76 22.36
CA PHE A 109 -35.51 1.94 23.71
C PHE A 109 -35.20 3.35 24.21
N LYS A 110 -33.94 3.76 24.05
CA LYS A 110 -33.41 4.99 24.67
C LYS A 110 -33.78 6.27 23.92
N LEU A 111 -33.84 6.19 22.61
CA LEU A 111 -34.04 7.36 21.77
C LEU A 111 -35.47 7.55 21.29
N ASP A 112 -36.16 6.46 20.97
CA ASP A 112 -37.44 6.55 20.27
C ASP A 112 -38.66 6.12 21.06
N SER A 113 -38.51 5.15 21.94
CA SER A 113 -39.67 4.50 22.59
C SER A 113 -40.60 5.44 23.35
N LYS A 114 -40.04 6.42 24.06
CA LYS A 114 -40.86 7.34 24.83
C LYS A 114 -41.77 8.14 23.91
N ALA A 115 -41.21 8.61 22.79
CA ALA A 115 -41.98 9.33 21.79
C ALA A 115 -43.14 8.54 21.22
N TYR A 116 -42.99 7.23 21.11
CA TYR A 116 -44.06 6.44 20.53
C TYR A 116 -45.03 5.86 21.55
N GLY A 117 -44.85 6.25 22.82
CA GLY A 117 -45.83 5.96 23.85
C GLY A 117 -45.49 4.85 24.82
N TRP A 118 -44.24 4.39 24.80
CA TRP A 118 -43.84 3.28 25.66
C TRP A 118 -43.16 3.79 26.93
N LYS A 119 -43.52 3.20 28.07
CA LYS A 119 -42.99 3.58 29.37
C LYS A 119 -42.42 2.34 30.04
N PHE A 120 -41.26 2.50 30.66
CA PHE A 120 -40.60 1.39 31.35
C PHE A 120 -39.64 1.93 32.43
N ASP A 121 -39.28 1.07 33.38
CA ASP A 121 -38.36 1.46 34.45
C ASP A 121 -37.11 0.60 34.47
N ASN A 122 -35.98 1.21 34.80
CA ASN A 122 -34.74 0.49 35.06
C ASN A 122 -34.27 -0.35 33.88
N LEU A 123 -34.04 0.33 32.76
CA LEU A 123 -33.48 -0.33 31.60
C LEU A 123 -32.00 -0.59 31.82
N LYS A 124 -31.61 -1.85 31.86
CA LYS A 124 -30.19 -2.21 31.91
C LYS A 124 -29.91 -3.36 30.97
N HIS A 125 -28.69 -3.43 30.42
CA HIS A 125 -28.33 -4.55 29.57
C HIS A 125 -27.35 -5.52 30.25
N ASP A 126 -27.62 -6.81 30.09
CA ASP A 126 -26.80 -7.88 30.65
C ASP A 126 -25.94 -8.51 29.56
N TRP A 127 -24.63 -8.25 29.59
CA TRP A 127 -23.74 -8.74 28.53
C TRP A 127 -23.62 -10.24 28.51
N LYS A 128 -23.62 -10.87 29.69
CA LYS A 128 -23.47 -12.31 29.78
C LYS A 128 -24.60 -13.00 29.05
N LYS A 129 -25.82 -12.52 29.25
CA LYS A 129 -26.96 -13.14 28.60
C LYS A 129 -26.88 -13.02 27.07
N LEU A 130 -26.47 -11.85 26.59
CA LEU A 130 -26.35 -11.64 25.15
C LEU A 130 -25.40 -12.67 24.59
N VAL A 131 -24.21 -12.75 25.17
CA VAL A 131 -23.18 -13.70 24.74
C VAL A 131 -23.70 -15.15 24.73
N THR A 132 -24.45 -15.54 25.74
CA THR A 132 -24.93 -16.91 25.74
C THR A 132 -26.00 -17.14 24.67
N THR A 133 -26.85 -16.14 24.42
CA THR A 133 -27.85 -16.27 23.35
C THR A 133 -27.16 -16.35 21.98
N VAL A 134 -26.09 -15.59 21.81
CA VAL A 134 -25.33 -15.61 20.57
C VAL A 134 -24.54 -16.92 20.40
N GLN A 135 -23.96 -17.45 21.48
CA GLN A 135 -23.15 -18.65 21.31
C GLN A 135 -24.03 -19.90 21.10
N SER A 136 -25.16 -19.96 21.81
CA SER A 136 -26.13 -21.06 21.63
C SER A 136 -26.45 -21.20 20.17
N HIS A 137 -26.73 -20.06 19.53
CA HIS A 137 -27.08 -20.03 18.11
C HIS A 137 -25.90 -20.46 17.23
N ILE A 138 -24.71 -19.93 17.49
CA ILE A 138 -23.54 -20.32 16.71
C ILE A 138 -23.36 -21.82 16.84
N ARG A 139 -23.56 -22.35 18.03
CA ARG A 139 -23.36 -23.78 18.26
C ARG A 139 -24.37 -24.64 17.50
N SER A 140 -25.58 -24.11 17.30
CA SER A 140 -26.55 -24.82 16.49
C SER A 140 -26.19 -24.78 15.00
N LEU A 141 -25.62 -23.67 14.53
CA LEU A 141 -25.18 -23.61 13.15
C LEU A 141 -23.97 -24.49 12.95
N ASN A 142 -23.17 -24.66 14.00
CA ASN A 142 -22.02 -25.56 13.91
C ASN A 142 -22.48 -26.94 13.56
N PHE A 143 -23.47 -27.42 14.32
CA PHE A 143 -24.02 -28.75 14.13
C PHE A 143 -24.56 -28.93 12.73
N SER A 144 -25.41 -27.98 12.32
CA SER A 144 -26.08 -28.06 11.04
C SER A 144 -25.11 -28.02 9.86
N TYR A 145 -24.02 -27.25 9.96
CA TYR A 145 -23.03 -27.19 8.87
C TYR A 145 -22.29 -28.52 8.78
N MET A 146 -22.23 -29.20 9.91
CA MET A 146 -21.54 -30.47 9.97
C MET A 146 -22.39 -31.58 9.37
N THR A 147 -23.67 -31.64 9.75
CA THR A 147 -24.56 -32.64 9.16
C THR A 147 -24.82 -32.39 7.67
N GLY A 148 -24.66 -31.15 7.23
CA GLY A 148 -24.78 -30.85 5.82
C GLY A 148 -23.66 -31.43 4.99
N LEU A 149 -22.44 -31.37 5.53
CA LEU A 149 -21.30 -31.95 4.87
C LEU A 149 -21.56 -33.44 4.76
N ARG A 150 -22.02 -34.04 5.85
CA ARG A 150 -22.26 -35.47 5.86
C ARG A 150 -23.32 -35.88 4.84
N SER A 151 -24.37 -35.09 4.70
CA SER A 151 -25.43 -35.40 3.73
C SER A 151 -24.87 -35.37 2.32
N SER A 152 -24.00 -34.40 2.04
CA SER A 152 -23.44 -34.24 0.70
C SER A 152 -22.31 -35.22 0.46
N LYS A 153 -22.10 -36.13 1.41
CA LYS A 153 -21.11 -37.19 1.27
C LYS A 153 -19.66 -36.70 1.31
N VAL A 154 -19.43 -35.60 2.01
CA VAL A 154 -18.09 -35.06 2.18
C VAL A 154 -17.51 -35.53 3.50
N LYS A 155 -16.32 -36.13 3.46
CA LYS A 155 -15.70 -36.57 4.69
C LYS A 155 -14.98 -35.39 5.33
N TYR A 156 -15.34 -35.12 6.58
CA TYR A 156 -14.74 -34.03 7.31
C TYR A 156 -13.87 -34.56 8.40
N ILE A 157 -12.67 -34.01 8.49
CA ILE A 157 -11.71 -34.35 9.52
C ILE A 157 -11.29 -33.09 10.26
N ASN A 158 -11.58 -33.06 11.56
CA ASN A 158 -11.13 -31.96 12.38
C ASN A 158 -9.64 -32.06 12.62
N GLY A 159 -8.84 -31.63 11.65
CA GLY A 159 -7.40 -31.76 11.78
C GLY A 159 -6.62 -30.66 11.10
N LEU A 160 -5.51 -30.28 11.73
CA LEU A 160 -4.62 -29.25 11.24
C LEU A 160 -3.97 -29.78 9.99
N ALA A 161 -3.95 -29.01 8.91
CA ALA A 161 -3.40 -29.52 7.65
C ALA A 161 -2.38 -28.60 6.94
N LYS A 162 -1.47 -29.23 6.20
CA LYS A 162 -0.48 -28.50 5.40
C LYS A 162 -0.23 -29.42 4.23
N LEU A 163 0.49 -28.95 3.22
CA LEU A 163 0.79 -29.85 2.11
C LEU A 163 2.25 -30.30 2.06
N LYS A 164 2.43 -31.61 1.94
CA LYS A 164 3.74 -32.23 1.80
C LYS A 164 4.20 -32.21 0.35
N ASP A 165 3.28 -31.96 -0.57
CA ASP A 165 3.52 -32.26 -1.98
C ASP A 165 2.41 -31.65 -2.88
N LYS A 166 2.70 -31.48 -4.15
CA LYS A 166 1.73 -30.93 -5.09
C LYS A 166 0.48 -31.79 -5.28
N ASN A 167 0.46 -33.00 -4.72
CA ASN A 167 -0.75 -33.82 -4.66
C ASN A 167 -0.91 -34.52 -3.32
N THR A 168 -0.28 -33.99 -2.28
CA THR A 168 -0.29 -34.66 -0.97
C THR A 168 -0.45 -33.67 0.14
N VAL A 169 -1.22 -34.06 1.16
CA VAL A 169 -1.53 -33.21 2.30
C VAL A 169 -1.26 -33.98 3.58
N SER A 170 -0.51 -33.35 4.48
CA SER A 170 -0.20 -33.98 5.76
C SER A 170 -1.13 -33.39 6.79
N TYR A 171 -1.59 -34.21 7.74
CA TYR A 171 -2.46 -33.67 8.78
C TYR A 171 -2.27 -34.28 10.16
N TYR A 172 -2.93 -33.69 11.15
CA TYR A 172 -2.73 -34.01 12.55
C TYR A 172 -4.07 -33.99 13.29
N LEU A 173 -4.63 -35.17 13.57
CA LEU A 173 -5.92 -35.26 14.26
C LEU A 173 -6.03 -34.42 15.51
N LYS A 174 -7.05 -33.56 15.54
CA LYS A 174 -7.39 -32.78 16.73
C LYS A 174 -6.22 -31.89 17.21
N GLY A 175 -5.43 -31.38 16.26
CA GLY A 175 -4.30 -30.51 16.56
C GLY A 175 -3.02 -31.22 17.00
N ASP A 176 -3.18 -32.40 17.60
CA ASP A 176 -2.09 -33.20 18.18
C ASP A 176 -0.99 -33.58 17.18
N LEU A 177 0.19 -32.97 17.33
CA LEU A 177 1.29 -33.15 16.36
C LEU A 177 2.10 -34.45 16.59
N SER A 178 1.61 -35.34 17.45
CA SER A 178 2.26 -36.64 17.66
C SER A 178 2.25 -37.49 16.37
N LYS A 179 1.06 -37.77 15.81
CA LYS A 179 0.98 -38.49 14.54
C LYS A 179 0.56 -37.63 13.33
N GLU A 180 1.51 -37.40 12.43
CA GLU A 180 1.25 -36.88 11.10
C GLU A 180 0.76 -38.04 10.23
N GLU A 181 -0.47 -37.92 9.74
CA GLU A 181 -0.96 -38.85 8.72
C GLU A 181 -1.01 -38.12 7.37
N THR A 182 -1.07 -38.86 6.26
CA THR A 182 -1.07 -38.24 4.94
C THR A 182 -2.15 -38.79 4.01
N VAL A 183 -2.53 -37.98 3.03
CA VAL A 183 -3.56 -38.33 2.06
C VAL A 183 -3.26 -37.62 0.74
N THR A 184 -3.67 -38.21 -0.38
CA THR A 184 -3.44 -37.64 -1.71
C THR A 184 -4.74 -37.20 -2.38
N GLY A 185 -4.63 -36.23 -3.29
CA GLY A 185 -5.78 -35.69 -4.00
C GLY A 185 -5.39 -35.25 -5.38
N LYS A 186 -6.31 -35.42 -6.33
CA LYS A 186 -6.11 -34.99 -7.72
C LYS A 186 -6.00 -33.47 -7.78
N TYR A 187 -6.85 -32.82 -6.99
CA TYR A 187 -6.83 -31.36 -6.89
C TYR A 187 -6.96 -30.93 -5.44
N ILE A 188 -6.17 -29.94 -5.05
CA ILE A 188 -6.24 -29.43 -3.69
C ILE A 188 -6.78 -28.01 -3.72
N LEU A 189 -7.69 -27.70 -2.82
CA LEU A 189 -8.21 -26.35 -2.69
C LEU A 189 -7.78 -25.79 -1.35
N ILE A 190 -7.11 -24.63 -1.37
CA ILE A 190 -6.77 -23.96 -0.15
C ILE A 190 -7.76 -22.85 0.10
N ALA A 191 -8.37 -22.89 1.28
CA ALA A 191 -9.46 -21.98 1.63
C ALA A 191 -9.42 -21.76 3.12
N THR A 192 -8.29 -21.25 3.59
CA THR A 192 -8.03 -21.14 5.01
C THR A 192 -8.42 -19.79 5.53
N GLY A 193 -8.71 -18.87 4.62
CA GLY A 193 -9.22 -17.58 5.02
C GLY A 193 -8.19 -16.68 5.70
N CYS A 194 -8.64 -15.89 6.68
CA CYS A 194 -7.82 -14.87 7.29
C CYS A 194 -8.02 -14.84 8.81
N ARG A 195 -7.08 -14.23 9.52
CA ARG A 195 -7.24 -13.91 10.94
C ARG A 195 -6.87 -12.45 11.18
N PRO A 196 -7.34 -11.87 12.30
CA PRO A 196 -7.02 -10.46 12.55
C PRO A 196 -5.54 -10.24 12.84
N HIS A 197 -5.03 -9.11 12.39
CA HIS A 197 -3.63 -8.77 12.60
C HIS A 197 -3.45 -7.76 13.74
N ILE A 198 -2.59 -8.11 14.69
CA ILE A 198 -2.18 -7.18 15.74
C ILE A 198 -0.74 -6.79 15.43
N PRO A 199 -0.46 -5.49 15.35
CA PRO A 199 0.84 -5.03 14.86
C PRO A 199 2.01 -5.40 15.79
N ASP A 200 3.19 -5.51 15.19
CA ASP A 200 4.41 -5.92 15.89
C ASP A 200 5.03 -4.75 16.65
N ASP A 201 4.92 -3.57 16.07
CA ASP A 201 5.58 -2.36 16.56
C ASP A 201 4.85 -1.65 17.71
N VAL A 202 3.99 -2.36 18.43
CA VAL A 202 3.24 -1.75 19.51
C VAL A 202 3.34 -2.61 20.74
N GLU A 203 4.09 -2.12 21.71
CA GLU A 203 4.43 -2.91 22.88
C GLU A 203 3.24 -3.26 23.77
N GLY A 204 2.97 -4.55 23.90
CA GLY A 204 1.89 -5.01 24.76
C GLY A 204 0.62 -5.24 23.99
N ALA A 205 0.67 -4.92 22.69
CA ALA A 205 -0.49 -5.06 21.83
C ALA A 205 -0.92 -6.52 21.69
N LYS A 206 -0.05 -7.33 21.11
CA LYS A 206 -0.36 -8.74 20.88
C LYS A 206 -0.71 -9.45 22.17
N GLU A 207 -0.27 -8.90 23.30
CA GLU A 207 -0.33 -9.61 24.56
C GLU A 207 -1.58 -9.28 25.35
N LEU A 208 -2.09 -8.07 25.14
CA LEU A 208 -3.11 -7.55 26.04
C LEU A 208 -4.44 -7.26 25.35
N SER A 209 -4.39 -6.97 24.06
CA SER A 209 -5.58 -6.60 23.29
C SER A 209 -6.36 -7.80 22.72
N ILE A 210 -7.69 -7.66 22.62
CA ILE A 210 -8.52 -8.67 21.98
C ILE A 210 -8.77 -8.28 20.52
N THR A 211 -9.37 -9.20 19.76
CA THR A 211 -9.80 -8.96 18.38
C THR A 211 -11.24 -9.43 18.12
N SER A 212 -11.66 -9.39 16.86
CA SER A 212 -12.97 -9.90 16.49
C SER A 212 -13.13 -11.39 16.82
N ASP A 213 -12.03 -12.13 16.93
CA ASP A 213 -12.12 -13.53 17.34
C ASP A 213 -12.60 -13.65 18.78
N ASP A 214 -12.45 -12.58 19.56
CA ASP A 214 -12.69 -12.64 21.00
C ASP A 214 -13.96 -11.92 21.45
N ILE A 215 -14.28 -10.82 20.76
CA ILE A 215 -15.41 -9.97 21.15
C ILE A 215 -16.74 -10.70 21.33
N PHE A 216 -17.08 -11.62 20.43
CA PHE A 216 -18.41 -12.27 20.47
C PHE A 216 -18.59 -13.37 21.51
N SER A 217 -17.53 -13.68 22.24
CA SER A 217 -17.63 -14.71 23.28
C SER A 217 -17.05 -14.27 24.63
N LEU A 218 -16.49 -13.06 24.66
CA LEU A 218 -15.93 -12.45 25.87
C LEU A 218 -16.67 -12.78 27.15
N LYS A 219 -15.91 -13.11 28.20
CA LYS A 219 -16.51 -13.53 29.47
C LYS A 219 -16.73 -12.38 30.43
N LYS A 220 -15.93 -11.33 30.29
CA LYS A 220 -16.12 -10.12 31.09
C LYS A 220 -16.91 -9.09 30.29
N ASP A 221 -17.68 -8.25 30.97
CA ASP A 221 -18.31 -7.09 30.31
C ASP A 221 -17.21 -6.28 29.64
N PRO A 222 -17.44 -5.86 28.39
CA PRO A 222 -16.40 -5.12 27.66
C PRO A 222 -15.98 -3.82 28.35
N GLY A 223 -16.89 -3.20 29.10
CA GLY A 223 -16.58 -1.95 29.77
C GLY A 223 -15.97 -0.89 28.87
N LYS A 224 -15.26 0.07 29.46
CA LYS A 224 -14.65 1.15 28.70
C LYS A 224 -13.70 0.58 27.65
N THR A 225 -14.05 0.78 26.38
CA THR A 225 -13.38 0.08 25.28
C THR A 225 -12.69 0.99 24.29
N LEU A 226 -11.44 0.69 23.97
CA LEU A 226 -10.77 1.38 22.89
C LEU A 226 -10.72 0.45 21.70
N VAL A 227 -11.25 0.91 20.57
CA VAL A 227 -11.19 0.15 19.34
C VAL A 227 -10.18 0.81 18.43
N VAL A 228 -9.25 0.04 17.92
CA VAL A 228 -8.20 0.63 17.11
C VAL A 228 -8.39 0.19 15.68
N GLY A 229 -8.52 1.14 14.77
CA GLY A 229 -8.77 0.84 13.38
C GLY A 229 -10.02 1.57 12.93
N ALA A 230 -10.29 1.56 11.63
CA ALA A 230 -11.45 2.28 11.13
C ALA A 230 -12.10 1.57 9.96
N SER A 231 -11.86 0.27 9.88
CA SER A 231 -12.45 -0.58 8.83
C SER A 231 -13.87 -0.84 9.23
N TYR A 232 -14.61 -1.51 8.36
CA TYR A 232 -15.99 -1.79 8.67
C TYR A 232 -16.13 -2.62 9.96
N VAL A 233 -15.16 -3.48 10.23
CA VAL A 233 -15.19 -4.28 11.47
C VAL A 233 -15.04 -3.44 12.75
N ALA A 234 -14.11 -2.49 12.72
CA ALA A 234 -13.92 -1.56 13.84
C ALA A 234 -15.21 -0.77 14.10
N LEU A 235 -15.70 -0.10 13.06
CA LEU A 235 -16.90 0.71 13.20
C LEU A 235 -18.13 -0.07 13.65
N GLU A 236 -18.27 -1.31 13.19
CA GLU A 236 -19.43 -2.11 13.57
C GLU A 236 -19.38 -2.52 15.04
N CYS A 237 -18.19 -2.86 15.54
CA CYS A 237 -18.08 -3.24 16.93
C CYS A 237 -18.19 -2.04 17.87
N SER A 238 -17.62 -0.91 17.46
CA SER A 238 -17.76 0.32 18.26
C SER A 238 -19.23 0.65 18.41
N GLY A 239 -19.93 0.59 17.28
CA GLY A 239 -21.36 0.89 17.19
C GLY A 239 -22.25 0.12 18.13
N PHE A 240 -22.23 -1.21 18.08
CA PHE A 240 -23.13 -1.96 18.93
C PHE A 240 -22.73 -1.86 20.39
N LEU A 241 -21.42 -1.85 20.65
CA LEU A 241 -20.89 -1.71 22.02
C LEU A 241 -21.38 -0.40 22.64
N ASN A 242 -21.25 0.70 21.91
CA ASN A 242 -21.84 1.98 22.32
C ASN A 242 -23.36 1.91 22.57
N SER A 243 -24.11 1.39 21.60
CA SER A 243 -25.56 1.28 21.74
C SER A 243 -25.90 0.41 22.95
N LEU A 244 -25.07 -0.59 23.21
CA LEU A 244 -25.28 -1.49 24.34
C LEU A 244 -25.08 -0.77 25.67
N GLY A 245 -24.35 0.34 25.65
CA GLY A 245 -24.21 1.20 26.81
C GLY A 245 -22.80 1.44 27.31
N TYR A 246 -21.81 0.98 26.56
CA TYR A 246 -20.42 1.11 26.97
C TYR A 246 -19.76 2.39 26.44
N ASP A 247 -18.84 2.93 27.23
CA ASP A 247 -18.06 4.08 26.81
C ASP A 247 -17.06 3.56 25.77
N VAL A 248 -17.13 4.13 24.57
CA VAL A 248 -16.39 3.56 23.45
C VAL A 248 -15.54 4.61 22.75
N THR A 249 -14.28 4.30 22.52
CA THR A 249 -13.41 5.23 21.82
C THR A 249 -12.78 4.53 20.63
N VAL A 250 -12.67 5.25 19.52
CA VAL A 250 -12.16 4.69 18.26
C VAL A 250 -10.93 5.50 17.83
N ALA A 251 -9.78 4.85 17.68
CA ALA A 251 -8.59 5.53 17.22
C ALA A 251 -8.48 5.43 15.70
N VAL A 252 -8.36 6.55 15.01
CA VAL A 252 -8.21 6.49 13.56
C VAL A 252 -7.06 7.35 13.00
N ARG A 253 -6.02 6.69 12.53
CA ARG A 253 -5.00 7.34 11.70
C ARG A 253 -5.66 7.73 10.36
N SER A 254 -5.69 9.02 10.04
CA SER A 254 -6.33 9.52 8.82
C SER A 254 -7.84 9.26 8.75
N ILE A 255 -8.29 8.63 7.66
CA ILE A 255 -9.73 8.49 7.32
C ILE A 255 -10.46 7.23 7.88
N VAL A 256 -11.80 7.29 7.95
CA VAL A 256 -12.64 6.16 8.41
C VAL A 256 -13.27 5.41 7.24
N LEU A 257 -13.48 4.11 7.41
CA LEU A 257 -13.98 3.27 6.33
C LEU A 257 -13.15 3.47 5.05
N ARG A 258 -11.83 3.38 5.21
CA ARG A 258 -10.88 3.47 4.11
C ARG A 258 -11.36 2.61 2.94
N GLY A 259 -11.25 3.12 1.73
CA GLY A 259 -11.64 2.32 0.58
C GLY A 259 -13.08 2.43 0.12
N PHE A 260 -13.94 3.07 0.90
CA PHE A 260 -15.35 3.27 0.56
C PHE A 260 -15.66 4.75 0.20
N ASP A 261 -16.80 5.00 -0.45
CA ASP A 261 -17.24 6.36 -0.79
C ASP A 261 -17.22 7.26 0.45
N GLN A 262 -16.46 8.36 0.39
CA GLN A 262 -16.19 9.09 1.61
C GLN A 262 -17.33 10.00 2.08
N GLN A 263 -18.17 10.46 1.17
CA GLN A 263 -19.36 11.19 1.63
C GLN A 263 -20.19 10.32 2.56
N CYS A 264 -20.37 9.06 2.19
CA CYS A 264 -21.10 8.10 3.02
C CYS A 264 -20.34 7.77 4.28
N ALA A 265 -19.03 7.60 4.14
CA ALA A 265 -18.19 7.40 5.32
C ALA A 265 -18.37 8.47 6.39
N VAL A 266 -18.25 9.73 6.00
CA VAL A 266 -18.46 10.80 6.97
C VAL A 266 -19.86 10.76 7.55
N LYS A 267 -20.86 10.49 6.71
CA LYS A 267 -22.24 10.37 7.19
C LYS A 267 -22.34 9.31 8.30
N VAL A 268 -21.73 8.16 8.07
CA VAL A 268 -21.78 7.12 9.10
C VAL A 268 -21.07 7.60 10.35
N LYS A 269 -19.86 8.12 10.16
CA LYS A 269 -19.05 8.60 11.28
C LYS A 269 -19.82 9.61 12.11
N LEU A 270 -20.40 10.59 11.44
CA LEU A 270 -21.13 11.65 12.12
C LEU A 270 -22.25 11.09 12.95
N TYR A 271 -22.97 10.13 12.37
CA TYR A 271 -24.09 9.49 13.08
C TYR A 271 -23.64 8.80 14.35
N MET A 272 -22.53 8.06 14.28
CA MET A 272 -22.01 7.40 15.47
C MET A 272 -21.59 8.41 16.53
N GLU A 273 -20.85 9.43 16.10
CA GLU A 273 -20.46 10.53 16.98
C GLU A 273 -21.67 11.12 17.71
N GLU A 274 -22.72 11.42 16.98
CA GLU A 274 -23.91 12.00 17.59
C GLU A 274 -24.67 11.05 18.49
N GLN A 275 -24.18 9.81 18.62
CA GLN A 275 -24.80 8.87 19.55
C GLN A 275 -23.89 8.53 20.71
N GLY A 276 -22.66 9.01 20.66
CA GLY A 276 -21.80 8.88 21.83
C GLY A 276 -20.37 8.42 21.59
N VAL A 277 -20.11 7.73 20.50
CA VAL A 277 -18.76 7.22 20.30
C VAL A 277 -17.75 8.34 19.96
N MET A 278 -16.56 8.26 20.55
CA MET A 278 -15.55 9.31 20.41
C MET A 278 -14.48 8.86 19.44
N PHE A 279 -14.10 9.74 18.52
CA PHE A 279 -13.09 9.41 17.53
C PHE A 279 -11.75 10.14 17.71
N LYS A 280 -10.76 9.48 18.34
CA LYS A 280 -9.41 10.04 18.44
C LYS A 280 -8.78 10.08 17.05
N ASN A 281 -8.99 11.18 16.34
CA ASN A 281 -8.48 11.30 14.97
C ASN A 281 -6.97 11.46 14.90
N GLY A 282 -6.33 10.69 14.02
CA GLY A 282 -4.90 10.78 13.82
C GLY A 282 -4.04 10.38 15.00
N ILE A 283 -4.64 9.74 16.01
CA ILE A 283 -3.94 9.37 17.23
C ILE A 283 -4.00 7.87 17.57
N LEU A 284 -2.97 7.11 17.18
CA LEU A 284 -2.96 5.67 17.43
C LEU A 284 -2.20 5.34 18.70
N PRO A 285 -2.48 4.17 19.31
CA PRO A 285 -1.69 3.75 20.48
C PRO A 285 -0.24 3.45 20.10
N LYS A 286 0.70 3.76 20.99
CA LYS A 286 2.10 3.43 20.77
C LYS A 286 2.60 2.34 21.76
N LYS A 287 1.91 2.19 22.88
CA LYS A 287 2.30 1.21 23.91
C LYS A 287 1.11 0.84 24.80
N LEU A 288 1.05 -0.44 25.17
CA LEU A 288 0.01 -0.96 26.09
C LEU A 288 0.66 -1.67 27.26
N THR A 289 0.18 -1.39 28.46
CA THR A 289 0.77 -1.96 29.66
C THR A 289 -0.30 -2.60 30.53
N LYS A 290 -0.11 -3.88 30.85
CA LYS A 290 -1.07 -4.58 31.70
C LYS A 290 -1.02 -3.95 33.07
N MET A 291 -2.17 -3.73 33.67
CA MET A 291 -2.24 -2.97 34.91
C MET A 291 -3.45 -3.36 35.71
N ASP A 292 -3.38 -4.53 36.35
CA ASP A 292 -4.53 -5.11 37.04
C ASP A 292 -5.59 -5.44 36.00
N ASP A 293 -6.86 -5.24 36.36
CA ASP A 293 -7.96 -5.51 35.45
C ASP A 293 -8.19 -4.40 34.44
N LYS A 294 -7.17 -3.63 34.13
CA LYS A 294 -7.32 -2.51 33.20
C LYS A 294 -6.07 -2.43 32.33
N ILE A 295 -6.09 -1.54 31.34
CA ILE A 295 -4.98 -1.39 30.42
C ILE A 295 -4.70 0.09 30.18
N LEU A 296 -3.44 0.49 30.30
CA LEU A 296 -3.10 1.86 30.02
C LEU A 296 -2.53 1.96 28.63
N VAL A 297 -2.94 3.00 27.91
CA VAL A 297 -2.57 3.17 26.52
C VAL A 297 -1.86 4.49 26.31
N GLU A 298 -0.60 4.43 25.89
CA GLU A 298 0.13 5.64 25.58
C GLU A 298 -0.05 5.93 24.09
N PHE A 299 -0.47 7.15 23.78
CA PHE A 299 -0.83 7.51 22.42
C PHE A 299 0.26 8.32 21.75
N SER A 300 0.29 8.33 20.41
CA SER A 300 1.38 8.98 19.67
C SER A 300 1.43 10.52 19.80
N ASP A 301 0.46 11.08 20.51
CA ASP A 301 0.46 12.50 20.84
C ASP A 301 0.97 12.67 22.28
N LYS A 302 1.44 11.56 22.83
CA LYS A 302 1.99 11.48 24.20
C LYS A 302 0.96 11.53 25.33
N THR A 303 -0.33 11.64 24.99
CA THR A 303 -1.34 11.50 26.04
C THR A 303 -1.42 10.04 26.50
N SER A 304 -2.27 9.78 27.50
CA SER A 304 -2.46 8.43 27.99
C SER A 304 -3.81 8.29 28.67
N GLU A 305 -4.39 7.09 28.63
CA GLU A 305 -5.71 6.86 29.21
C GLU A 305 -5.91 5.40 29.58
N LEU A 306 -6.83 5.16 30.51
CA LEU A 306 -7.07 3.85 31.07
C LEU A 306 -8.33 3.26 30.45
N TYR A 307 -8.25 1.99 30.03
CA TYR A 307 -9.39 1.28 29.46
C TYR A 307 -9.57 -0.12 30.05
N ASP A 308 -10.80 -0.65 29.95
CA ASP A 308 -11.09 -2.02 30.34
C ASP A 308 -10.72 -3.03 29.25
N THR A 309 -10.84 -2.60 27.99
CA THR A 309 -10.62 -3.47 26.86
C THR A 309 -9.96 -2.71 25.73
N VAL A 310 -8.95 -3.30 25.12
CA VAL A 310 -8.43 -2.75 23.86
C VAL A 310 -8.73 -3.76 22.77
N LEU A 311 -9.34 -3.31 21.69
CA LEU A 311 -9.81 -4.17 20.62
C LEU A 311 -9.14 -3.77 19.31
N TYR A 312 -8.21 -4.60 18.85
CA TYR A 312 -7.50 -4.30 17.62
C TYR A 312 -8.26 -4.84 16.43
N ALA A 313 -8.44 -3.99 15.43
CA ALA A 313 -9.25 -4.32 14.27
C ALA A 313 -8.76 -3.51 13.11
N ILE A 314 -7.49 -3.67 12.79
CA ILE A 314 -6.88 -2.83 11.77
C ILE A 314 -6.87 -3.52 10.43
N GLY A 315 -7.04 -4.84 10.44
CA GLY A 315 -6.99 -5.57 9.19
C GLY A 315 -6.85 -7.04 9.46
N ARG A 316 -6.75 -7.83 8.39
CA ARG A 316 -6.63 -9.27 8.51
C ARG A 316 -5.61 -9.80 7.51
N LYS A 317 -4.80 -10.78 7.93
CA LYS A 317 -3.78 -11.39 7.06
C LYS A 317 -4.15 -12.82 6.71
N GLY A 318 -3.76 -13.25 5.51
CA GLY A 318 -4.10 -14.58 5.05
C GLY A 318 -3.45 -15.57 5.97
N ASP A 319 -4.21 -16.59 6.39
CA ASP A 319 -3.69 -17.63 7.27
C ASP A 319 -3.03 -18.68 6.41
N ILE A 320 -1.71 -18.55 6.27
CA ILE A 320 -0.96 -19.22 5.22
C ILE A 320 0.35 -19.79 5.76
N ASP A 321 0.77 -19.26 6.92
CA ASP A 321 2.09 -19.53 7.47
C ASP A 321 2.40 -21.01 7.69
N GLY A 322 1.51 -21.72 8.39
CA GLY A 322 1.74 -23.12 8.70
C GLY A 322 1.34 -24.09 7.60
N LEU A 323 1.34 -23.61 6.35
CA LEU A 323 0.86 -24.45 5.24
C LEU A 323 1.97 -25.09 4.40
N ASN A 324 3.22 -24.67 4.62
CA ASN A 324 4.39 -25.23 3.93
C ASN A 324 4.39 -24.90 2.43
N LEU A 325 3.72 -23.82 2.07
CA LEU A 325 3.67 -23.38 0.68
C LEU A 325 5.05 -22.99 0.13
N GLU A 326 5.98 -22.69 1.03
CA GLU A 326 7.36 -22.37 0.64
C GLU A 326 7.92 -23.53 -0.17
N SER A 327 7.70 -24.74 0.33
CA SER A 327 8.26 -25.96 -0.25
C SER A 327 7.54 -26.45 -1.50
N LEU A 328 6.91 -25.52 -2.22
CA LEU A 328 6.32 -25.79 -3.52
C LEU A 328 6.57 -24.60 -4.40
N ASN A 329 7.13 -23.55 -3.79
CA ASN A 329 7.41 -22.30 -4.48
C ASN A 329 6.13 -21.64 -4.98
N MET A 330 5.07 -21.71 -4.18
CA MET A 330 3.81 -21.09 -4.56
C MET A 330 3.92 -19.60 -4.28
N ASN A 331 3.69 -18.77 -5.29
CA ASN A 331 3.79 -17.32 -5.05
C ASN A 331 2.63 -16.74 -4.25
N VAL A 332 2.99 -16.03 -3.18
CA VAL A 332 2.05 -15.38 -2.29
C VAL A 332 2.46 -13.90 -2.15
N ASN A 333 1.48 -13.01 -1.95
CA ASN A 333 1.79 -11.63 -1.65
C ASN A 333 2.11 -11.54 -0.18
N LYS A 334 3.37 -11.22 0.14
CA LYS A 334 3.83 -11.38 1.51
C LYS A 334 3.39 -10.27 2.47
N SER A 335 2.96 -9.12 1.93
CA SER A 335 2.37 -8.09 2.79
C SER A 335 1.01 -8.53 3.34
N ASN A 336 0.15 -9.01 2.42
CA ASN A 336 -1.19 -9.56 2.70
C ASN A 336 -1.14 -10.85 3.47
N ASN A 337 -0.13 -11.64 3.13
CA ASN A 337 -0.05 -13.06 3.44
C ASN A 337 -1.15 -13.87 2.70
N LYS A 338 -1.42 -13.47 1.48
CA LYS A 338 -2.48 -14.08 0.69
C LYS A 338 -1.90 -14.78 -0.54
N ILE A 339 -2.57 -15.84 -0.96
CA ILE A 339 -2.11 -16.59 -2.13
C ILE A 339 -2.45 -15.87 -3.43
N ILE A 340 -1.49 -15.79 -4.33
CA ILE A 340 -1.76 -15.18 -5.63
C ILE A 340 -2.43 -16.21 -6.52
N ALA A 341 -3.74 -16.04 -6.72
CA ALA A 341 -4.53 -16.93 -7.57
C ALA A 341 -5.10 -16.14 -8.75
N ASP A 342 -5.26 -16.78 -9.90
CA ASP A 342 -5.72 -16.04 -11.06
C ASP A 342 -7.24 -16.07 -11.14
N HIS A 343 -7.77 -15.77 -12.34
CA HIS A 343 -9.22 -15.62 -12.51
C HIS A 343 -9.97 -16.95 -12.56
N LEU A 344 -9.24 -18.05 -12.38
CA LEU A 344 -9.85 -19.38 -12.36
C LEU A 344 -9.63 -20.05 -11.02
N SER A 345 -9.10 -19.28 -10.07
CA SER A 345 -8.72 -19.75 -8.73
C SER A 345 -7.47 -20.65 -8.72
N CYS A 346 -6.69 -20.60 -9.81
CA CYS A 346 -5.45 -21.36 -9.92
C CYS A 346 -4.28 -20.61 -9.29
N THR A 347 -3.46 -21.32 -8.53
CA THR A 347 -2.18 -20.80 -8.09
C THR A 347 -1.18 -20.97 -9.24
N ASN A 348 0.12 -20.96 -8.95
CA ASN A 348 1.13 -21.25 -9.97
C ASN A 348 1.47 -22.72 -9.98
N ILE A 349 1.02 -23.42 -8.96
CA ILE A 349 1.03 -24.88 -8.95
C ILE A 349 -0.29 -25.40 -9.52
N PRO A 350 -0.23 -26.08 -10.69
CA PRO A 350 -1.39 -26.45 -11.51
C PRO A 350 -2.44 -27.35 -10.85
N SER A 351 -2.16 -27.90 -9.67
CA SER A 351 -3.09 -28.81 -9.02
C SER A 351 -3.63 -28.27 -7.70
N ILE A 352 -3.20 -27.06 -7.35
CA ILE A 352 -3.67 -26.42 -6.12
C ILE A 352 -4.41 -25.09 -6.43
N PHE A 353 -5.46 -24.82 -5.66
CA PHE A 353 -6.33 -23.69 -5.91
C PHE A 353 -6.61 -22.92 -4.64
N ALA A 354 -7.02 -21.68 -4.80
CA ALA A 354 -7.37 -20.87 -3.65
C ALA A 354 -8.57 -20.00 -3.97
N VAL A 355 -9.48 -19.90 -3.00
CA VAL A 355 -10.65 -19.06 -3.10
C VAL A 355 -10.94 -18.43 -1.73
N GLY A 356 -11.76 -17.38 -1.72
CA GLY A 356 -12.18 -16.79 -0.45
C GLY A 356 -11.17 -15.80 0.07
N ASP A 357 -11.23 -15.48 1.36
CA ASP A 357 -10.36 -14.49 2.00
C ASP A 357 -8.85 -14.64 1.76
N VAL A 358 -8.38 -15.86 1.54
CA VAL A 358 -6.96 -16.13 1.47
C VAL A 358 -6.42 -15.86 0.08
N ALA A 359 -7.30 -15.68 -0.90
CA ALA A 359 -6.79 -15.35 -2.22
C ALA A 359 -6.73 -13.82 -2.35
N GLU A 360 -5.64 -13.32 -2.92
CA GLU A 360 -5.42 -11.89 -2.98
C GLU A 360 -6.48 -11.30 -3.90
N ASN A 361 -6.82 -10.04 -3.71
CA ASN A 361 -7.73 -9.32 -4.61
C ASN A 361 -9.18 -9.80 -4.62
N VAL A 362 -9.57 -10.69 -3.71
CA VAL A 362 -10.97 -11.10 -3.68
C VAL A 362 -11.66 -10.59 -2.40
N PRO A 363 -12.84 -9.99 -2.57
CA PRO A 363 -13.54 -9.32 -1.48
C PRO A 363 -13.82 -10.30 -0.37
N GLU A 364 -13.61 -9.87 0.87
CA GLU A 364 -13.82 -10.72 2.02
C GLU A 364 -15.28 -10.75 2.40
N LEU A 365 -16.11 -11.31 1.52
CA LEU A 365 -17.53 -11.51 1.79
C LEU A 365 -17.91 -12.98 1.60
N ALA A 366 -18.59 -13.57 2.58
CA ALA A 366 -19.00 -14.97 2.51
C ALA A 366 -19.66 -15.41 1.19
N PRO A 367 -20.66 -14.65 0.70
CA PRO A 367 -21.31 -15.13 -0.53
C PRO A 367 -20.35 -15.15 -1.69
N VAL A 368 -19.36 -14.26 -1.66
CA VAL A 368 -18.36 -14.23 -2.72
C VAL A 368 -17.53 -15.50 -2.69
N ALA A 369 -17.11 -15.94 -1.49
CA ALA A 369 -16.27 -17.14 -1.34
C ALA A 369 -17.06 -18.39 -1.73
N ILE A 370 -18.37 -18.33 -1.49
CA ILE A 370 -19.27 -19.45 -1.85
C ILE A 370 -19.36 -19.58 -3.38
N LYS A 371 -19.61 -18.48 -4.07
CA LYS A 371 -19.76 -18.50 -5.54
C LYS A 371 -18.48 -18.97 -6.22
N ALA A 372 -17.34 -18.52 -5.73
CA ALA A 372 -16.04 -18.92 -6.32
C ALA A 372 -15.75 -20.39 -6.01
N GLY A 373 -16.06 -20.82 -4.79
CA GLY A 373 -15.92 -22.21 -4.42
C GLY A 373 -16.75 -23.11 -5.30
N GLU A 374 -18.02 -22.73 -5.49
CA GLU A 374 -18.94 -23.49 -6.31
C GLU A 374 -18.55 -23.47 -7.78
N ILE A 375 -18.22 -22.31 -8.32
CA ILE A 375 -17.82 -22.23 -9.73
C ILE A 375 -16.56 -23.06 -9.97
N LEU A 376 -15.61 -23.00 -9.03
CA LEU A 376 -14.40 -23.80 -9.17
C LEU A 376 -14.74 -25.29 -9.31
N ALA A 377 -15.47 -25.81 -8.32
CA ALA A 377 -15.90 -27.23 -8.30
C ALA A 377 -16.52 -27.67 -9.63
N ARG A 378 -17.34 -26.81 -10.22
CA ARG A 378 -18.00 -27.14 -11.48
C ARG A 378 -16.97 -27.15 -12.61
N ARG A 379 -16.00 -26.25 -12.56
CA ARG A 379 -14.94 -26.24 -13.57
C ARG A 379 -14.07 -27.50 -13.48
N LEU A 380 -13.80 -27.94 -12.26
CA LEU A 380 -12.93 -29.10 -12.06
C LEU A 380 -13.65 -30.41 -12.37
N PHE A 381 -14.93 -30.50 -12.00
CA PHE A 381 -15.62 -31.79 -12.06
C PHE A 381 -16.89 -31.82 -12.92
N LYS A 382 -17.18 -30.75 -13.67
CA LYS A 382 -18.38 -30.74 -14.48
C LYS A 382 -18.08 -30.12 -15.84
N ASP A 383 -16.81 -29.99 -16.16
CA ASP A 383 -16.37 -29.40 -17.44
C ASP A 383 -17.08 -28.05 -17.77
N SER A 384 -17.48 -27.32 -16.73
CA SER A 384 -18.07 -26.01 -16.90
C SER A 384 -17.04 -25.01 -17.37
N ASP A 385 -17.49 -23.94 -18.01
CA ASP A 385 -16.54 -22.92 -18.43
C ASP A 385 -16.97 -21.55 -17.96
N GLU A 386 -17.73 -21.53 -16.88
CA GLU A 386 -18.10 -20.28 -16.24
C GLU A 386 -16.92 -19.80 -15.43
N ILE A 387 -16.64 -18.51 -15.50
CA ILE A 387 -15.55 -17.92 -14.74
C ILE A 387 -16.15 -16.92 -13.75
N MET A 388 -15.52 -16.75 -12.58
CA MET A 388 -16.12 -15.96 -11.51
C MET A 388 -16.01 -14.48 -11.79
N ASP A 389 -17.14 -13.78 -11.70
CA ASP A 389 -17.28 -12.34 -11.96
C ASP A 389 -17.19 -11.53 -10.66
N TYR A 390 -16.10 -10.77 -10.49
CA TYR A 390 -15.91 -9.96 -9.28
C TYR A 390 -16.36 -8.51 -9.40
N SER A 391 -17.11 -8.17 -10.44
CA SER A 391 -17.56 -6.80 -10.64
C SER A 391 -18.95 -6.55 -10.05
N TYR A 392 -19.17 -5.33 -9.57
CA TYR A 392 -20.46 -4.93 -9.01
C TYR A 392 -20.88 -5.82 -7.87
N ILE A 393 -19.96 -6.13 -6.97
CA ILE A 393 -20.33 -6.95 -5.84
C ILE A 393 -20.94 -6.07 -4.76
N PRO A 394 -22.19 -6.37 -4.36
CA PRO A 394 -22.83 -5.57 -3.33
C PRO A 394 -22.22 -5.78 -1.97
N THR A 395 -22.17 -4.72 -1.17
CA THR A 395 -21.68 -4.83 0.18
C THR A 395 -22.56 -4.05 1.09
N SER A 396 -22.54 -4.38 2.38
CA SER A 396 -23.37 -3.68 3.35
C SER A 396 -22.78 -3.71 4.73
N ILE A 397 -22.56 -2.52 5.31
CA ILE A 397 -21.90 -2.38 6.60
C ILE A 397 -22.91 -2.11 7.72
N TYR A 398 -22.80 -2.81 8.84
CA TYR A 398 -23.84 -2.74 9.88
C TYR A 398 -23.48 -1.88 11.08
N THR A 399 -23.26 -0.60 10.81
CA THR A 399 -22.96 0.39 11.81
C THR A 399 -24.31 0.84 12.34
N PRO A 400 -24.37 1.57 13.48
CA PRO A 400 -25.69 1.93 14.03
C PRO A 400 -26.63 2.62 13.02
N ILE A 401 -26.07 3.29 12.01
CA ILE A 401 -26.80 3.62 10.80
C ILE A 401 -26.06 2.94 9.66
N GLU A 402 -26.80 2.18 8.84
CA GLU A 402 -26.13 1.22 7.97
C GLU A 402 -25.73 1.88 6.67
N TYR A 403 -24.82 1.25 5.93
CA TYR A 403 -24.38 1.79 4.65
C TYR A 403 -24.25 0.62 3.72
N GLY A 404 -24.96 0.70 2.60
CA GLY A 404 -24.84 -0.31 1.59
C GLY A 404 -24.39 0.36 0.31
N ALA A 405 -23.68 -0.37 -0.52
CA ALA A 405 -23.15 0.22 -1.72
C ALA A 405 -22.98 -0.88 -2.72
N CYS A 406 -22.82 -0.49 -3.99
CA CYS A 406 -22.48 -1.42 -5.05
C CYS A 406 -21.97 -0.60 -6.21
N GLY A 407 -20.75 -0.90 -6.65
CA GLY A 407 -20.17 -0.20 -7.79
C GLY A 407 -19.18 0.85 -7.33
N TYR A 408 -18.95 1.86 -8.17
CA TYR A 408 -17.95 2.88 -7.86
C TYR A 408 -18.40 3.95 -6.87
N SER A 409 -17.46 4.36 -6.01
CA SER A 409 -17.62 5.57 -5.20
C SER A 409 -17.69 6.75 -6.14
N GLU A 410 -18.08 7.90 -5.61
CA GLU A 410 -18.07 9.09 -6.43
C GLU A 410 -16.62 9.44 -6.83
N GLU A 411 -15.73 9.52 -5.82
CA GLU A 411 -14.30 9.84 -6.06
C GLU A 411 -13.61 8.97 -7.13
N LYS A 412 -13.87 7.65 -7.08
CA LYS A 412 -13.22 6.72 -7.99
C LYS A 412 -13.78 6.77 -9.39
N ALA A 413 -15.08 7.02 -9.51
CA ALA A 413 -15.70 7.14 -10.81
C ALA A 413 -15.18 8.40 -11.53
N TYR A 414 -14.87 9.44 -10.76
CA TYR A 414 -14.22 10.62 -11.32
C TYR A 414 -12.85 10.25 -11.88
N GLU A 415 -11.97 9.72 -11.03
CA GLU A 415 -10.62 9.32 -11.47
C GLU A 415 -10.66 8.44 -12.71
N LEU A 416 -11.45 7.39 -12.65
CA LEU A 416 -11.51 6.41 -13.72
C LEU A 416 -12.10 6.96 -15.01
N TYR A 417 -13.05 7.90 -14.91
CA TYR A 417 -13.86 8.31 -16.07
C TYR A 417 -13.78 9.79 -16.41
N GLY A 418 -13.44 10.60 -15.42
CA GLY A 418 -13.35 12.04 -15.65
C GLY A 418 -14.54 12.77 -15.08
N LYS A 419 -14.28 13.67 -14.15
CA LYS A 419 -15.31 14.36 -13.37
C LYS A 419 -16.42 14.97 -14.25
N SER A 420 -16.05 15.39 -15.45
CA SER A 420 -16.97 16.06 -16.33
C SER A 420 -17.82 15.05 -17.08
N ASN A 421 -17.48 13.78 -16.93
CA ASN A 421 -18.16 12.69 -17.65
C ASN A 421 -19.10 11.83 -16.80
N VAL A 422 -19.16 12.09 -15.49
CA VAL A 422 -20.07 11.36 -14.60
C VAL A 422 -21.01 12.29 -13.85
N GLU A 423 -22.29 11.91 -13.83
CA GLU A 423 -23.33 12.60 -13.06
C GLU A 423 -23.56 11.88 -11.74
N VAL A 424 -23.64 12.67 -10.67
CA VAL A 424 -23.99 12.16 -9.37
C VAL A 424 -25.35 12.77 -9.00
N PHE A 425 -26.39 11.94 -8.92
CA PHE A 425 -27.67 12.41 -8.42
C PHE A 425 -27.71 11.98 -6.97
N LEU A 426 -28.18 12.84 -6.08
CA LEU A 426 -28.15 12.48 -4.67
C LEU A 426 -29.18 13.27 -3.89
N GLN A 427 -29.39 12.89 -2.63
CA GLN A 427 -30.39 13.51 -1.78
C GLN A 427 -30.23 13.03 -0.38
N GLU A 428 -30.05 13.96 0.56
CA GLU A 428 -30.13 13.66 1.98
C GLU A 428 -31.59 13.75 2.37
N PHE A 429 -32.01 12.99 3.38
CA PHE A 429 -33.40 13.01 3.82
C PHE A 429 -33.48 12.31 5.15
N ASN A 430 -34.60 12.45 5.82
CA ASN A 430 -34.80 11.80 7.12
C ASN A 430 -35.72 10.60 7.04
N ASN A 431 -35.36 9.53 7.73
CA ASN A 431 -36.26 8.42 7.83
C ASN A 431 -37.55 8.91 8.47
N LEU A 432 -38.71 8.49 7.93
CA LEU A 432 -40.00 8.87 8.50
C LEU A 432 -40.11 8.56 9.99
N GLU A 433 -39.87 7.31 10.36
CA GLU A 433 -40.15 6.91 11.73
C GLU A 433 -39.27 7.65 12.74
N ILE A 434 -37.99 7.84 12.40
CA ILE A 434 -37.07 8.53 13.28
C ILE A 434 -37.38 10.01 13.29
N SER A 435 -37.70 10.55 12.10
CA SER A 435 -38.06 11.95 11.95
C SER A 435 -39.03 12.46 13.00
N ALA A 436 -40.04 11.65 13.32
CA ALA A 436 -41.13 12.09 14.17
C ALA A 436 -40.76 12.08 15.62
N VAL A 437 -39.52 11.68 15.93
CA VAL A 437 -39.08 11.60 17.31
C VAL A 437 -38.40 12.90 17.74
N HIS A 438 -37.76 13.56 16.79
CA HIS A 438 -36.88 14.69 17.06
C HIS A 438 -35.80 14.33 18.06
N ARG A 439 -34.96 13.38 17.68
CA ARG A 439 -33.84 12.96 18.50
C ARG A 439 -32.90 14.12 18.71
N GLN A 440 -32.13 14.07 19.79
CA GLN A 440 -31.16 15.10 20.07
C GLN A 440 -29.75 14.56 20.11
N LYS A 441 -28.78 15.38 19.70
CA LYS A 441 -27.38 14.98 19.73
C LYS A 441 -26.98 14.58 21.14
N HIS A 442 -26.18 13.53 21.24
CA HIS A 442 -25.49 13.20 22.48
C HIS A 442 -24.63 14.40 22.87
N ILE A 443 -24.38 14.59 24.16
CA ILE A 443 -23.65 15.80 24.60
C ILE A 443 -22.33 15.98 23.89
N ARG A 444 -21.59 14.89 23.72
CA ARG A 444 -20.23 14.96 23.21
C ARG A 444 -20.15 15.54 21.79
N ALA A 445 -21.27 15.52 21.09
CA ALA A 445 -21.30 16.06 19.73
C ALA A 445 -21.94 17.45 19.71
N GLN A 446 -22.32 17.93 20.89
CA GLN A 446 -22.95 19.25 21.01
C GLN A 446 -21.91 20.37 21.00
N LYS A 447 -21.90 21.13 19.91
CA LYS A 447 -21.05 22.30 19.82
C LYS A 447 -21.44 23.27 20.94
N ASP A 448 -22.56 23.95 20.77
CA ASP A 448 -23.12 24.77 21.85
C ASP A 448 -24.43 24.18 22.41
N GLU A 449 -24.92 24.75 23.51
CA GLU A 449 -26.13 24.24 24.17
C GLU A 449 -27.36 24.31 23.29
N TYR A 450 -27.23 24.90 22.10
CA TYR A 450 -28.33 25.04 21.13
C TYR A 450 -28.25 24.00 20.01
N ASP A 451 -27.08 23.39 19.89
CA ASP A 451 -26.84 22.36 18.88
C ASP A 451 -27.45 21.05 19.37
N LEU A 452 -28.75 20.89 19.18
CA LEU A 452 -29.45 19.77 19.79
C LEU A 452 -29.94 18.76 18.76
N ASP A 453 -30.64 19.23 17.74
CA ASP A 453 -31.20 18.35 16.72
C ASP A 453 -30.10 17.58 16.01
N VAL A 454 -30.35 16.30 15.74
CA VAL A 454 -29.37 15.45 15.07
C VAL A 454 -29.30 15.81 13.60
N SER A 455 -28.22 15.45 12.91
CA SER A 455 -28.15 15.67 11.47
C SER A 455 -29.12 14.73 10.76
N SER A 456 -29.29 14.93 9.45
CA SER A 456 -30.23 14.12 8.67
C SER A 456 -29.71 12.70 8.67
N THR A 457 -30.63 11.73 8.75
CA THR A 457 -30.24 10.35 9.00
C THR A 457 -29.79 9.56 7.75
N CYS A 458 -30.34 9.90 6.59
CA CYS A 458 -30.10 9.11 5.37
C CYS A 458 -29.48 9.83 4.17
N LEU A 459 -28.95 9.05 3.24
CA LEU A 459 -28.38 9.59 2.01
C LEU A 459 -28.61 8.58 0.90
N ALA A 460 -29.05 9.06 -0.24
CA ALA A 460 -29.20 8.22 -1.41
C ALA A 460 -28.39 8.90 -2.48
N LYS A 461 -27.61 8.14 -3.22
CA LYS A 461 -26.68 8.71 -4.16
C LYS A 461 -26.51 7.71 -5.29
N LEU A 462 -26.61 8.16 -6.54
CA LEU A 462 -26.37 7.31 -7.70
C LEU A 462 -25.25 7.92 -8.54
N VAL A 463 -24.28 7.11 -8.94
CA VAL A 463 -23.18 7.57 -9.79
C VAL A 463 -23.37 7.06 -11.22
N CYS A 464 -23.45 7.96 -12.19
CA CYS A 464 -23.91 7.62 -13.55
C CYS A 464 -22.97 8.06 -14.67
N LEU A 465 -22.97 7.31 -15.77
CA LEU A 465 -22.07 7.64 -16.88
C LEU A 465 -22.76 8.45 -17.96
N LYS A 466 -22.55 9.77 -17.96
CA LYS A 466 -23.19 10.68 -18.92
C LYS A 466 -23.17 10.18 -20.36
N ASN A 467 -22.03 9.65 -20.77
CA ASN A 467 -21.80 9.29 -22.17
C ASN A 467 -22.38 7.92 -22.50
N GLU A 468 -23.02 7.29 -21.53
CA GLU A 468 -23.71 6.03 -21.79
C GLU A 468 -25.17 6.08 -21.33
N ASP A 469 -25.85 7.16 -21.70
CA ASP A 469 -27.27 7.35 -21.36
C ASP A 469 -27.51 7.25 -19.85
N ASN A 470 -26.53 7.69 -19.07
CA ASN A 470 -26.60 7.67 -17.61
C ASN A 470 -26.72 6.29 -16.98
N ARG A 471 -26.04 5.32 -17.58
CA ARG A 471 -25.86 4.01 -16.96
C ARG A 471 -25.34 4.22 -15.56
N VAL A 472 -26.01 3.64 -14.57
CA VAL A 472 -25.61 3.75 -13.18
C VAL A 472 -24.44 2.81 -12.93
N ILE A 473 -23.29 3.35 -12.55
CA ILE A 473 -22.14 2.50 -12.27
C ILE A 473 -21.77 2.56 -10.82
N GLY A 474 -22.62 3.19 -10.01
CA GLY A 474 -22.39 3.27 -8.58
C GLY A 474 -23.66 3.53 -7.78
N PHE A 475 -23.89 2.73 -6.75
CA PHE A 475 -25.09 2.85 -5.92
C PHE A 475 -24.64 2.99 -4.48
N HIS A 476 -25.18 3.97 -3.77
CA HIS A 476 -24.82 4.17 -2.38
C HIS A 476 -26.04 4.56 -1.59
N TYR A 477 -26.20 3.96 -0.42
CA TYR A 477 -27.34 4.26 0.44
C TYR A 477 -26.92 4.16 1.90
N VAL A 478 -27.03 5.28 2.62
CA VAL A 478 -26.80 5.33 4.08
C VAL A 478 -28.13 5.52 4.75
N GLY A 479 -28.44 4.71 5.75
CA GLY A 479 -29.73 4.78 6.42
C GLY A 479 -30.06 3.41 7.01
N PRO A 480 -31.31 3.20 7.45
CA PRO A 480 -31.65 1.94 8.10
C PRO A 480 -31.80 0.80 7.10
N ASN A 481 -31.55 -0.45 7.50
CA ASN A 481 -31.80 -1.62 6.65
C ASN A 481 -31.12 -1.59 5.28
N ALA A 482 -29.84 -1.26 5.26
CA ALA A 482 -29.16 -0.98 3.99
C ALA A 482 -28.93 -2.24 3.20
N GLY A 483 -28.79 -3.36 3.91
CA GLY A 483 -28.61 -4.63 3.25
C GLY A 483 -29.86 -4.95 2.46
N GLU A 484 -31.01 -4.77 3.10
CA GLU A 484 -32.28 -5.07 2.44
C GLU A 484 -32.56 -4.17 1.27
N VAL A 485 -32.20 -2.90 1.37
CA VAL A 485 -32.41 -2.00 0.27
C VAL A 485 -31.49 -2.33 -0.89
N THR A 486 -30.23 -2.65 -0.62
CA THR A 486 -29.22 -2.67 -1.66
C THR A 486 -29.29 -3.89 -2.57
N GLN A 487 -29.75 -5.02 -2.04
CA GLN A 487 -29.78 -6.27 -2.79
C GLN A 487 -30.41 -6.13 -4.15
N GLY A 488 -31.68 -5.75 -4.17
CA GLY A 488 -32.40 -5.56 -5.42
C GLY A 488 -31.73 -4.55 -6.33
N MET A 489 -31.11 -3.53 -5.73
CA MET A 489 -30.45 -2.49 -6.52
C MET A 489 -29.14 -2.95 -7.14
N ALA A 490 -28.42 -3.81 -6.42
CA ALA A 490 -27.26 -4.48 -6.98
C ALA A 490 -27.66 -5.30 -8.21
N LEU A 491 -28.81 -5.98 -8.13
CA LEU A 491 -29.32 -6.74 -9.26
C LEU A 491 -29.61 -5.82 -10.43
N ALA A 492 -30.22 -4.68 -10.15
CA ALA A 492 -30.49 -3.74 -11.23
C ALA A 492 -29.19 -3.25 -11.88
N LEU A 493 -28.16 -2.96 -11.08
CA LEU A 493 -26.87 -2.50 -11.64
C LEU A 493 -26.29 -3.57 -12.56
N ARG A 494 -26.41 -4.82 -12.14
CA ARG A 494 -26.00 -5.96 -12.94
C ARG A 494 -26.75 -6.03 -14.29
N LEU A 495 -28.00 -5.59 -14.30
CA LEU A 495 -28.76 -5.54 -15.55
C LEU A 495 -28.47 -4.29 -16.39
N LYS A 496 -27.48 -3.50 -15.98
CA LYS A 496 -27.08 -2.27 -16.68
C LYS A 496 -28.15 -1.17 -16.69
N VAL A 497 -28.72 -0.92 -15.52
CA VAL A 497 -29.84 0.01 -15.35
C VAL A 497 -29.36 1.41 -15.63
N LYS A 498 -30.19 2.20 -16.31
CA LYS A 498 -29.86 3.61 -16.53
C LYS A 498 -30.69 4.44 -15.58
N LYS A 499 -30.26 5.67 -15.34
CA LYS A 499 -30.93 6.53 -14.41
C LYS A 499 -32.42 6.64 -14.76
N LYS A 500 -32.74 6.60 -16.06
CA LYS A 500 -34.10 6.83 -16.52
C LYS A 500 -34.98 5.69 -16.07
N ASP A 501 -34.36 4.54 -15.81
CA ASP A 501 -35.13 3.37 -15.41
C ASP A 501 -35.56 3.52 -13.96
N PHE A 502 -34.70 4.14 -13.16
CA PHE A 502 -35.05 4.49 -11.80
C PHE A 502 -36.23 5.45 -11.81
N ASP A 503 -36.15 6.48 -12.64
CA ASP A 503 -37.21 7.50 -12.73
C ASP A 503 -38.58 6.94 -13.18
N ASN A 504 -38.56 5.92 -14.03
CA ASN A 504 -39.80 5.30 -14.54
C ASN A 504 -40.37 4.20 -13.65
N CYS A 505 -39.64 3.82 -12.61
CA CYS A 505 -40.13 2.82 -11.66
C CYS A 505 -40.97 3.51 -10.59
N ILE A 506 -42.10 2.92 -10.22
CA ILE A 506 -42.91 3.55 -9.19
C ILE A 506 -42.32 3.22 -7.84
N GLY A 507 -42.17 4.21 -6.98
CA GLY A 507 -41.64 3.96 -5.67
C GLY A 507 -42.63 3.36 -4.71
N ILE A 508 -42.14 2.74 -3.64
CA ILE A 508 -42.99 2.18 -2.61
C ILE A 508 -43.04 3.14 -1.43
N HIS A 509 -44.23 3.54 -1.01
CA HIS A 509 -44.36 4.60 -0.02
C HIS A 509 -45.04 4.07 1.24
N PRO A 510 -44.59 4.49 2.43
CA PRO A 510 -43.45 5.30 2.77
C PRO A 510 -42.27 4.40 3.16
N THR A 511 -41.15 4.60 2.50
CA THR A 511 -40.05 3.68 2.55
C THR A 511 -38.75 4.49 2.42
N ASP A 512 -37.61 3.97 2.85
CA ASP A 512 -36.38 4.69 2.63
C ASP A 512 -35.90 4.52 1.19
N ALA A 513 -36.09 3.34 0.64
CA ALA A 513 -35.62 3.02 -0.71
C ALA A 513 -36.21 3.83 -1.83
N GLU A 514 -37.43 4.34 -1.65
CA GLU A 514 -38.13 5.01 -2.75
C GLU A 514 -37.46 6.33 -3.10
N SER A 515 -36.64 6.83 -2.20
CA SER A 515 -35.90 8.06 -2.46
C SER A 515 -35.07 7.93 -3.71
N PHE A 516 -34.73 6.71 -4.11
CA PHE A 516 -33.98 6.54 -5.35
C PHE A 516 -34.81 6.75 -6.61
N MET A 517 -36.12 6.67 -6.47
CA MET A 517 -36.98 6.70 -7.63
C MET A 517 -37.51 8.09 -7.95
N ASN A 518 -37.02 9.11 -7.23
CA ASN A 518 -37.30 10.50 -7.57
C ASN A 518 -36.11 11.35 -7.17
N LEU A 519 -34.98 11.03 -7.79
CA LEU A 519 -33.70 11.57 -7.40
C LEU A 519 -33.23 12.47 -8.54
N PHE A 520 -33.39 13.77 -8.39
CA PHE A 520 -33.16 14.66 -9.52
C PHE A 520 -32.12 15.73 -9.28
N VAL A 521 -31.73 15.93 -8.03
CA VAL A 521 -30.71 16.90 -7.70
C VAL A 521 -29.33 16.32 -7.98
N THR A 522 -28.59 16.98 -8.87
CA THR A 522 -27.23 16.56 -9.21
C THR A 522 -26.18 17.43 -8.57
N ILE A 523 -24.99 16.85 -8.39
CA ILE A 523 -23.82 17.55 -7.91
C ILE A 523 -23.50 18.76 -8.80
N SER A 524 -23.45 18.54 -10.11
CA SER A 524 -23.06 19.60 -11.04
C SER A 524 -24.00 20.79 -11.02
N SER A 525 -25.30 20.53 -10.88
CA SER A 525 -26.31 21.61 -10.85
C SER A 525 -26.08 22.63 -9.71
N GLY A 526 -25.38 22.21 -8.67
CA GLY A 526 -25.13 23.07 -7.53
C GLY A 526 -26.27 23.27 -6.56
N LEU A 527 -27.48 22.80 -6.90
CA LEU A 527 -28.63 22.99 -5.99
C LEU A 527 -28.48 22.20 -4.69
N SER A 528 -29.21 22.62 -3.66
CA SER A 528 -29.14 22.02 -2.35
C SER A 528 -29.64 20.58 -2.38
N TYR A 529 -28.87 19.67 -1.81
CA TYR A 529 -29.35 18.29 -1.68
C TYR A 529 -29.62 17.95 -0.22
N ALA A 530 -29.77 18.98 0.61
CA ALA A 530 -29.92 18.76 2.05
C ALA A 530 -31.34 18.33 2.35
N ALA A 531 -31.51 17.73 3.53
CA ALA A 531 -32.81 17.26 3.97
C ALA A 531 -33.82 18.40 3.88
N LYS A 532 -34.87 18.20 3.11
CA LYS A 532 -35.97 19.14 3.00
C LYS A 532 -36.95 18.95 4.15
N GLY A 533 -37.01 19.92 5.06
CA GLY A 533 -38.00 19.89 6.13
C GLY A 533 -37.40 19.32 7.40
N GLY A 534 -38.28 18.86 8.30
CA GLY A 534 -37.84 18.32 9.57
C GLY A 534 -37.49 19.44 10.52
N SER A 535 -37.20 19.10 11.77
CA SER A 535 -36.93 20.12 12.80
C SER A 535 -35.45 20.33 13.07
N GLY A 536 -34.59 19.95 12.13
CA GLY A 536 -33.17 20.15 12.26
C GLY A 536 -32.82 21.63 12.15
N GLY A 537 -31.60 21.98 12.54
CA GLY A 537 -31.17 23.36 12.46
C GLY A 537 -32.06 24.27 13.29
N GLY A 538 -32.55 23.73 14.42
CA GLY A 538 -33.31 24.48 15.40
C GLY A 538 -34.52 25.24 14.87
N LYS A 539 -35.03 24.80 13.73
CA LYS A 539 -36.26 25.34 13.15
C LYS A 539 -36.92 24.33 12.22
N CYS A 540 -38.21 24.11 12.44
CA CYS A 540 -38.99 23.19 11.61
C CYS A 540 -39.60 23.94 10.42
N GLY A 541 -39.61 23.28 9.27
CA GLY A 541 -40.12 23.88 8.05
C GLY A 541 -39.38 23.41 6.82
N HIS B 38 -61.38 31.07 -27.01
CA HIS B 38 -61.94 31.20 -25.67
C HIS B 38 -60.92 31.61 -24.60
N THR B 39 -61.45 32.10 -23.47
CA THR B 39 -60.63 32.60 -22.36
C THR B 39 -61.11 32.00 -21.03
N TYR B 40 -60.17 31.74 -20.12
CA TYR B 40 -60.50 31.16 -18.82
C TYR B 40 -59.70 31.84 -17.72
N ASP B 41 -60.17 31.75 -16.48
CA ASP B 41 -59.47 32.37 -15.37
C ASP B 41 -58.14 31.65 -15.06
N TYR B 42 -58.12 30.35 -15.32
CA TYR B 42 -56.94 29.53 -15.08
C TYR B 42 -56.79 28.49 -16.18
N ASP B 43 -55.55 28.07 -16.40
CA ASP B 43 -55.27 27.03 -17.38
C ASP B 43 -55.59 25.67 -16.82
N TYR B 44 -55.58 25.58 -15.49
CA TYR B 44 -55.74 24.29 -14.80
C TYR B 44 -56.39 24.55 -13.46
N VAL B 45 -57.60 24.03 -13.28
CA VAL B 45 -58.22 24.01 -11.95
C VAL B 45 -58.28 22.55 -11.54
N VAL B 46 -57.79 22.25 -10.34
CA VAL B 46 -57.83 20.87 -9.85
C VAL B 46 -58.60 20.77 -8.54
N ILE B 47 -59.45 19.74 -8.48
CA ILE B 47 -60.29 19.49 -7.31
C ILE B 47 -59.71 18.35 -6.48
N GLY B 48 -59.08 18.69 -5.37
CA GLY B 48 -58.47 17.71 -4.48
C GLY B 48 -57.02 17.99 -4.16
N GLY B 49 -56.69 18.12 -2.88
CA GLY B 49 -55.31 18.34 -2.48
C GLY B 49 -54.61 17.12 -1.88
N GLY B 50 -54.71 15.99 -2.58
CA GLY B 50 -54.00 14.78 -2.17
C GLY B 50 -52.78 14.58 -3.06
N PRO B 51 -52.10 13.42 -2.92
CA PRO B 51 -50.91 13.12 -3.75
C PRO B 51 -51.09 13.43 -5.23
N GLY B 52 -52.19 13.04 -5.84
CA GLY B 52 -52.33 13.20 -7.27
C GLY B 52 -52.63 14.64 -7.65
N GLY B 53 -53.61 15.23 -6.98
CA GLY B 53 -53.98 16.61 -7.26
C GLY B 53 -52.82 17.55 -7.07
N MET B 54 -52.12 17.44 -5.94
CA MET B 54 -50.99 18.33 -5.65
C MET B 54 -49.86 18.13 -6.64
N ALA B 55 -49.58 16.89 -6.98
CA ALA B 55 -48.50 16.60 -7.90
C ALA B 55 -48.79 17.17 -9.29
N SER B 56 -49.99 16.95 -9.78
CA SER B 56 -50.36 17.43 -11.11
C SER B 56 -50.32 18.96 -11.16
N ALA B 57 -50.77 19.60 -10.09
CA ALA B 57 -50.82 21.06 -10.02
C ALA B 57 -49.43 21.63 -10.10
N LYS B 58 -48.53 21.13 -9.27
CA LYS B 58 -47.16 21.61 -9.22
C LYS B 58 -46.37 21.38 -10.50
N GLU B 59 -46.58 20.24 -11.16
CA GLU B 59 -45.97 20.05 -12.49
C GLU B 59 -46.52 21.04 -13.50
N ALA B 60 -47.85 21.15 -13.57
CA ALA B 60 -48.51 22.07 -14.49
C ALA B 60 -48.00 23.50 -14.35
N ALA B 61 -47.96 24.00 -13.11
CA ALA B 61 -47.37 25.30 -12.79
C ALA B 61 -45.94 25.47 -13.30
N ALA B 62 -45.09 24.46 -13.10
CA ALA B 62 -43.69 24.55 -13.50
C ALA B 62 -43.52 24.56 -15.01
N HIS B 63 -44.61 24.39 -15.76
CA HIS B 63 -44.55 24.47 -17.22
C HIS B 63 -45.31 25.67 -17.77
N GLY B 64 -45.64 26.62 -16.90
CA GLY B 64 -46.24 27.87 -17.33
C GLY B 64 -47.71 28.05 -17.04
N ALA B 65 -48.40 26.96 -16.71
CA ALA B 65 -49.84 27.01 -16.48
C ALA B 65 -50.18 27.84 -15.26
N ARG B 66 -51.26 28.60 -15.36
CA ARG B 66 -51.84 29.28 -14.23
C ARG B 66 -52.72 28.23 -13.57
N VAL B 67 -52.49 27.99 -12.28
CA VAL B 67 -53.11 26.84 -11.63
C VAL B 67 -53.87 27.22 -10.37
N LEU B 68 -55.07 26.67 -10.22
CA LEU B 68 -55.84 26.82 -9.00
C LEU B 68 -56.15 25.44 -8.45
N LEU B 69 -56.01 25.25 -7.14
CA LEU B 69 -56.30 23.95 -6.57
C LEU B 69 -57.24 24.10 -5.39
N PHE B 70 -58.23 23.22 -5.34
CA PHE B 70 -59.16 23.21 -4.22
C PHE B 70 -58.94 21.99 -3.36
N ASP B 71 -58.95 22.17 -2.04
CA ASP B 71 -59.03 21.03 -1.16
C ASP B 71 -59.92 21.33 0.04
N TYR B 72 -60.80 20.38 0.36
CA TYR B 72 -61.68 20.51 1.52
C TYR B 72 -61.99 19.14 2.13
N VAL B 73 -61.94 19.06 3.45
CA VAL B 73 -62.11 17.78 4.10
C VAL B 73 -63.49 17.67 4.72
N LYS B 74 -64.40 16.98 4.05
CA LYS B 74 -65.70 16.71 4.65
C LYS B 74 -65.46 15.71 5.78
N PRO B 75 -65.93 16.04 6.99
CA PRO B 75 -65.78 15.19 8.18
C PRO B 75 -66.20 13.73 7.97
N SER B 76 -65.73 12.85 8.83
CA SER B 76 -65.97 11.42 8.66
C SER B 76 -67.25 11.07 9.37
N SER B 77 -67.71 9.83 9.21
CA SER B 77 -68.85 9.27 9.94
C SER B 77 -68.90 9.75 11.40
N GLN B 78 -67.74 9.88 12.02
CA GLN B 78 -67.66 10.26 13.42
C GLN B 78 -67.24 11.72 13.62
N GLY B 79 -67.12 12.46 12.52
CA GLY B 79 -66.84 13.88 12.62
C GLY B 79 -65.38 14.26 12.67
N THR B 80 -64.51 13.32 12.32
CA THR B 80 -63.07 13.58 12.30
C THR B 80 -62.67 14.41 11.07
N LYS B 81 -61.82 15.42 11.24
CA LYS B 81 -61.30 16.17 10.10
C LYS B 81 -59.81 16.45 10.22
N TRP B 82 -59.21 17.01 9.17
CA TRP B 82 -57.77 17.17 9.12
C TRP B 82 -57.32 18.14 8.02
N GLY B 83 -56.02 18.32 7.91
CA GLY B 83 -55.46 19.32 7.02
C GLY B 83 -55.30 18.86 5.58
N ILE B 84 -54.46 19.59 4.85
CA ILE B 84 -54.28 19.38 3.42
C ILE B 84 -53.29 18.24 3.17
N GLY B 85 -53.39 17.59 2.02
CA GLY B 85 -52.52 16.48 1.73
C GLY B 85 -53.27 15.21 1.38
N GLY B 86 -54.58 15.20 1.64
CA GLY B 86 -55.40 14.05 1.33
C GLY B 86 -55.23 12.85 2.28
N THR B 87 -55.68 11.69 1.81
CA THR B 87 -55.73 10.49 2.61
C THR B 87 -54.35 10.09 3.10
N CYS B 88 -53.40 10.05 2.18
CA CYS B 88 -52.04 9.59 2.47
C CYS B 88 -51.35 10.20 3.70
N VAL B 89 -51.32 11.51 3.78
CA VAL B 89 -50.60 12.19 4.85
C VAL B 89 -51.35 12.16 6.18
N ASN B 90 -52.67 12.32 6.13
CA ASN B 90 -53.47 12.49 7.35
C ASN B 90 -54.11 11.24 7.93
N VAL B 91 -54.61 10.35 7.07
CA VAL B 91 -55.38 9.21 7.53
C VAL B 91 -55.09 7.94 6.71
N GLY B 92 -53.82 7.79 6.33
CA GLY B 92 -53.38 6.67 5.50
C GLY B 92 -51.91 6.40 5.72
N CYS B 93 -51.13 6.37 4.63
CA CYS B 93 -49.76 5.85 4.66
C CYS B 93 -48.89 6.39 5.78
N VAL B 94 -48.88 7.71 5.96
CA VAL B 94 -47.98 8.27 6.94
C VAL B 94 -48.33 7.90 8.39
N PRO B 95 -49.56 8.17 8.85
CA PRO B 95 -49.77 7.80 10.26
C PRO B 95 -49.81 6.29 10.47
N LYS B 96 -50.17 5.55 9.43
CA LYS B 96 -50.22 4.11 9.53
C LYS B 96 -48.82 3.56 9.73
N LYS B 97 -47.84 4.08 9.00
CA LYS B 97 -46.45 3.65 9.14
C LYS B 97 -45.92 4.00 10.52
N LEU B 98 -46.36 5.15 11.03
CA LEU B 98 -45.88 5.61 12.33
C LEU B 98 -46.30 4.69 13.48
N MET B 99 -47.56 4.25 13.46
CA MET B 99 -48.09 3.37 14.49
C MET B 99 -47.65 1.94 14.32
N HIS B 100 -47.36 1.58 13.08
CA HIS B 100 -46.78 0.29 12.81
C HIS B 100 -45.44 0.21 13.53
N TYR B 101 -44.67 1.30 13.44
CA TYR B 101 -43.41 1.40 14.15
C TYR B 101 -43.63 1.22 15.65
N ALA B 102 -44.65 1.91 16.16
CA ALA B 102 -45.01 1.81 17.59
C ALA B 102 -45.23 0.36 17.99
N GLY B 103 -45.99 -0.35 17.16
CA GLY B 103 -46.36 -1.70 17.45
C GLY B 103 -45.18 -2.63 17.30
N HIS B 104 -44.48 -2.51 16.18
CA HIS B 104 -43.32 -3.36 15.92
C HIS B 104 -42.35 -3.27 17.07
N MET B 105 -42.10 -2.04 17.51
CA MET B 105 -41.28 -1.74 18.67
C MET B 105 -41.73 -2.57 19.87
N GLY B 106 -43.03 -2.57 20.11
CA GLY B 106 -43.56 -3.29 21.26
C GLY B 106 -43.30 -4.77 21.16
N SER B 107 -43.50 -5.34 19.98
CA SER B 107 -43.21 -6.74 19.76
C SER B 107 -41.76 -7.04 20.07
N ILE B 108 -40.84 -6.16 19.69
CA ILE B 108 -39.44 -6.35 20.02
C ILE B 108 -39.22 -6.41 21.54
N PHE B 109 -39.87 -5.50 22.27
CA PHE B 109 -39.74 -5.45 23.73
C PHE B 109 -40.18 -6.78 24.33
N LYS B 110 -41.35 -7.25 23.91
CA LYS B 110 -42.03 -8.35 24.59
C LYS B 110 -41.52 -9.73 24.16
N LEU B 111 -41.03 -9.84 22.93
CA LEU B 111 -40.71 -11.14 22.35
C LEU B 111 -39.22 -11.37 22.28
N ASP B 112 -38.47 -10.32 22.00
CA ASP B 112 -37.05 -10.48 21.69
C ASP B 112 -36.05 -9.90 22.69
N SER B 113 -36.44 -8.83 23.38
CA SER B 113 -35.48 -8.05 24.17
C SER B 113 -34.78 -8.87 25.27
N LYS B 114 -35.54 -9.70 25.96
CA LYS B 114 -34.97 -10.48 27.05
C LYS B 114 -33.85 -11.39 26.51
N ALA B 115 -34.11 -12.02 25.39
CA ALA B 115 -33.12 -12.89 24.76
C ALA B 115 -31.83 -12.16 24.40
N TYR B 116 -31.92 -10.88 24.09
CA TYR B 116 -30.73 -10.17 23.65
C TYR B 116 -30.01 -9.46 24.79
N GLY B 117 -30.55 -9.61 26.00
CA GLY B 117 -29.86 -9.15 27.19
C GLY B 117 -30.42 -7.90 27.86
N TRP B 118 -31.62 -7.47 27.44
CA TRP B 118 -32.22 -6.26 27.97
C TRP B 118 -33.21 -6.60 29.08
N LYS B 119 -33.16 -5.83 30.17
CA LYS B 119 -34.03 -6.01 31.32
C LYS B 119 -34.71 -4.68 31.61
N PHE B 120 -36.00 -4.75 31.93
CA PHE B 120 -36.79 -3.58 32.25
C PHE B 120 -37.99 -3.98 33.11
N ASP B 121 -38.59 -2.99 33.78
CA ASP B 121 -39.77 -3.24 34.61
C ASP B 121 -40.97 -2.39 34.18
N ASN B 122 -42.17 -2.96 34.31
CA ASN B 122 -43.44 -2.25 34.10
C ASN B 122 -43.56 -1.62 32.72
N LEU B 123 -43.54 -2.47 31.71
CA LEU B 123 -43.71 -2.01 30.35
C LEU B 123 -45.19 -1.77 30.14
N LYS B 124 -45.55 -0.52 29.84
CA LYS B 124 -46.92 -0.18 29.48
C LYS B 124 -46.90 0.82 28.34
N HIS B 125 -47.95 0.80 27.52
CA HIS B 125 -48.04 1.75 26.42
C HIS B 125 -49.14 2.77 26.63
N ASP B 126 -48.81 4.03 26.37
CA ASP B 126 -49.75 5.14 26.49
C ASP B 126 -50.29 5.52 25.12
N TRP B 127 -51.55 5.25 24.85
CA TRP B 127 -52.12 5.57 23.56
C TRP B 127 -52.18 7.07 23.27
N LYS B 128 -52.54 7.84 24.29
CA LYS B 128 -52.68 9.28 24.10
C LYS B 128 -51.38 9.86 23.57
N LYS B 129 -50.26 9.43 24.14
CA LYS B 129 -48.97 10.00 23.76
C LYS B 129 -48.61 9.62 22.33
N LEU B 130 -48.95 8.41 21.93
CA LEU B 130 -48.69 7.96 20.55
C LEU B 130 -49.44 8.85 19.59
N VAL B 131 -50.73 9.03 19.86
CA VAL B 131 -51.58 9.84 19.01
C VAL B 131 -51.05 11.27 18.90
N THR B 132 -50.62 11.86 20.01
CA THR B 132 -50.13 13.24 19.90
C THR B 132 -48.80 13.33 19.15
N THR B 133 -47.94 12.31 19.28
CA THR B 133 -46.69 12.29 18.50
C THR B 133 -46.97 12.14 17.00
N VAL B 134 -47.99 11.34 16.67
CA VAL B 134 -48.40 11.16 15.27
C VAL B 134 -49.09 12.41 14.71
N GLN B 135 -49.94 13.06 15.50
CA GLN B 135 -50.64 14.23 14.96
C GLN B 135 -49.73 15.45 14.81
N SER B 136 -48.84 15.65 15.77
CA SER B 136 -47.82 16.70 15.65
C SER B 136 -47.10 16.61 14.33
N HIS B 137 -46.73 15.39 13.95
CA HIS B 137 -46.00 15.18 12.71
C HIS B 137 -46.89 15.42 11.49
N ILE B 138 -48.12 14.92 11.53
CA ILE B 138 -49.05 15.16 10.44
C ILE B 138 -49.23 16.65 10.24
N ARG B 139 -49.35 17.37 11.34
CA ARG B 139 -49.60 18.81 11.25
C ARG B 139 -48.38 19.54 10.67
N SER B 140 -47.19 18.98 10.86
CA SER B 140 -46.01 19.59 10.28
C SER B 140 -45.95 19.33 8.77
N LEU B 141 -46.41 18.16 8.36
CA LEU B 141 -46.47 17.88 6.93
C LEU B 141 -47.58 18.69 6.28
N ASN B 142 -48.64 18.99 7.02
CA ASN B 142 -49.71 19.83 6.49
C ASN B 142 -49.16 21.18 6.09
N PHE B 143 -48.41 21.79 6.99
CA PHE B 143 -47.78 23.08 6.73
C PHE B 143 -46.87 23.04 5.52
N SER B 144 -45.95 22.08 5.52
CA SER B 144 -44.99 21.96 4.46
C SER B 144 -45.62 21.72 3.07
N TYR B 145 -46.68 20.92 3.01
CA TYR B 145 -47.35 20.69 1.72
C TYR B 145 -48.01 21.97 1.24
N MET B 146 -48.36 22.83 2.20
CA MET B 146 -49.02 24.05 1.87
C MET B 146 -48.03 25.06 1.31
N THR B 147 -46.91 25.22 2.00
CA THR B 147 -45.89 26.15 1.52
C THR B 147 -45.27 25.70 0.21
N GLY B 148 -45.30 24.40 -0.04
CA GLY B 148 -44.81 23.88 -1.31
C GLY B 148 -45.70 24.29 -2.48
N LEU B 149 -47.01 24.30 -2.25
CA LEU B 149 -47.94 24.74 -3.28
C LEU B 149 -47.63 26.19 -3.57
N ARG B 150 -47.46 26.97 -2.51
CA ARG B 150 -47.17 28.39 -2.66
C ARG B 150 -45.87 28.65 -3.41
N SER B 151 -44.84 27.85 -3.16
CA SER B 151 -43.58 28.02 -3.86
C SER B 151 -43.70 27.74 -5.34
N SER B 152 -44.49 26.73 -5.68
CA SER B 152 -44.70 26.36 -7.09
C SER B 152 -45.76 27.25 -7.75
N LYS B 153 -46.17 28.30 -7.05
CA LYS B 153 -47.06 29.32 -7.60
C LYS B 153 -48.48 28.80 -7.88
N VAL B 154 -48.92 27.83 -7.09
CA VAL B 154 -50.26 27.30 -7.22
C VAL B 154 -51.17 27.97 -6.19
N LYS B 155 -52.29 28.52 -6.64
CA LYS B 155 -53.20 29.13 -5.68
C LYS B 155 -54.10 28.07 -5.06
N TYR B 156 -54.09 28.03 -3.74
CA TYR B 156 -54.85 27.04 -3.03
C TYR B 156 -55.97 27.70 -2.30
N ILE B 157 -57.14 27.12 -2.46
CA ILE B 157 -58.32 27.58 -1.76
C ILE B 157 -58.93 26.44 -0.96
N ASN B 158 -59.03 26.62 0.35
CA ASN B 158 -59.69 25.66 1.20
C ASN B 158 -61.18 25.78 1.03
N GLY B 159 -61.71 25.18 -0.03
CA GLY B 159 -63.13 25.27 -0.30
C GLY B 159 -63.73 24.04 -0.95
N LEU B 160 -64.95 23.73 -0.55
CA LEU B 160 -65.72 22.63 -1.12
C LEU B 160 -66.01 22.92 -2.58
N ALA B 161 -65.75 21.97 -3.48
CA ALA B 161 -65.95 22.28 -4.91
C ALA B 161 -66.75 21.25 -5.70
N LYS B 162 -67.43 21.73 -6.74
CA LYS B 162 -68.20 20.89 -7.66
C LYS B 162 -68.12 21.59 -8.99
N LEU B 163 -68.52 20.94 -10.07
CA LEU B 163 -68.52 21.68 -11.33
C LEU B 163 -69.91 22.07 -11.83
N LYS B 164 -70.03 23.34 -12.22
CA LYS B 164 -71.26 23.89 -12.78
C LYS B 164 -71.34 23.64 -14.28
N ASP B 165 -70.20 23.30 -14.88
CA ASP B 165 -70.08 23.35 -16.33
C ASP B 165 -68.78 22.68 -16.81
N LYS B 166 -68.75 22.25 -18.07
CA LYS B 166 -67.57 21.60 -18.63
C LYS B 166 -66.28 22.45 -18.63
N ASN B 167 -66.39 23.72 -18.26
CA ASN B 167 -65.22 24.55 -18.02
C ASN B 167 -65.39 25.46 -16.80
N THR B 168 -66.29 25.08 -15.90
CA THR B 168 -66.62 25.95 -14.77
C THR B 168 -66.81 25.15 -13.49
N VAL B 169 -66.29 25.72 -12.40
CA VAL B 169 -66.30 25.09 -11.09
C VAL B 169 -66.89 26.03 -10.05
N SER B 170 -67.88 25.54 -9.30
CA SER B 170 -68.50 26.35 -8.25
C SER B 170 -67.88 25.96 -6.92
N TYR B 171 -67.68 26.91 -6.03
CA TYR B 171 -67.11 26.58 -4.74
C TYR B 171 -67.64 27.40 -3.58
N TYR B 172 -67.25 26.99 -2.37
CA TYR B 172 -67.81 27.53 -1.14
C TYR B 172 -66.70 27.65 -0.09
N LEU B 173 -66.21 28.87 0.13
CA LEU B 173 -65.13 29.09 1.10
C LEU B 173 -65.38 28.46 2.47
N LYS B 174 -64.40 27.68 2.93
CA LYS B 174 -64.40 27.07 4.27
C LYS B 174 -65.67 26.23 4.58
N GLY B 175 -66.22 25.56 3.55
CA GLY B 175 -67.41 24.73 3.71
C GLY B 175 -68.75 25.46 3.67
N ASP B 176 -68.73 26.73 4.09
CA ASP B 176 -69.92 27.59 4.20
C ASP B 176 -70.72 27.79 2.90
N LEU B 177 -71.91 27.19 2.84
CA LEU B 177 -72.68 27.18 1.59
C LEU B 177 -73.50 28.46 1.38
N SER B 178 -73.22 29.50 2.17
CA SER B 178 -73.89 30.79 2.01
C SER B 178 -73.55 31.42 0.65
N LYS B 179 -72.26 31.63 0.38
CA LYS B 179 -71.86 32.17 -0.93
C LYS B 179 -71.17 31.15 -1.83
N GLU B 180 -71.86 30.77 -2.91
CA GLU B 180 -71.26 30.04 -4.01
C GLU B 180 -70.51 31.04 -4.91
N GLU B 181 -69.19 30.86 -5.05
CA GLU B 181 -68.43 31.65 -6.02
C GLU B 181 -68.06 30.73 -7.17
N THR B 182 -67.68 31.28 -8.31
CA THR B 182 -67.36 30.45 -9.47
C THR B 182 -66.05 30.87 -10.17
N VAL B 183 -65.45 29.92 -10.89
CA VAL B 183 -64.20 30.15 -11.60
C VAL B 183 -64.17 29.24 -12.82
N THR B 184 -63.46 29.66 -13.88
CA THR B 184 -63.34 28.86 -15.09
C THR B 184 -61.92 28.36 -15.32
N GLY B 185 -61.80 27.27 -16.06
CA GLY B 185 -60.49 26.71 -16.39
C GLY B 185 -60.52 26.01 -17.74
N LYS B 186 -59.38 26.04 -18.43
CA LYS B 186 -59.25 25.40 -19.74
C LYS B 186 -59.40 23.89 -19.56
N TYR B 187 -58.75 23.37 -18.51
CA TYR B 187 -58.79 21.96 -18.16
C TYR B 187 -59.11 21.77 -16.68
N ILE B 188 -60.04 20.86 -16.39
CA ILE B 188 -60.29 20.51 -15.01
C ILE B 188 -59.76 19.11 -14.68
N LEU B 189 -59.09 18.98 -13.53
CA LEU B 189 -58.66 17.68 -13.04
C LEU B 189 -59.45 17.32 -11.78
N ILE B 190 -60.11 16.16 -11.81
CA ILE B 190 -60.75 15.66 -10.60
C ILE B 190 -59.84 14.66 -9.93
N ALA B 191 -59.54 14.92 -8.67
CA ALA B 191 -58.63 14.10 -7.89
C ALA B 191 -59.08 14.11 -6.44
N THR B 192 -60.30 13.65 -6.21
CA THR B 192 -60.93 13.76 -4.90
C THR B 192 -60.71 12.50 -4.08
N GLY B 193 -60.17 11.48 -4.73
CA GLY B 193 -59.85 10.26 -4.01
C GLY B 193 -61.04 9.49 -3.49
N CYS B 194 -60.87 8.85 -2.33
CA CYS B 194 -61.84 7.90 -1.79
C CYS B 194 -62.06 8.10 -0.29
N ARG B 195 -63.16 7.57 0.22
CA ARG B 195 -63.39 7.52 1.67
C ARG B 195 -63.85 6.12 2.05
N PRO B 196 -63.71 5.75 3.32
CA PRO B 196 -64.11 4.38 3.69
C PRO B 196 -65.61 4.19 3.62
N HIS B 197 -66.00 2.99 3.23
CA HIS B 197 -67.41 2.62 3.14
C HIS B 197 -67.88 1.81 4.34
N ILE B 198 -68.94 2.30 4.99
CA ILE B 198 -69.63 1.52 6.01
C ILE B 198 -70.96 1.06 5.40
N PRO B 199 -71.24 -0.25 5.48
CA PRO B 199 -72.37 -0.81 4.72
C PRO B 199 -73.72 -0.34 5.23
N ASP B 200 -74.70 -0.34 4.34
CA ASP B 200 -76.05 0.12 4.62
C ASP B 200 -76.86 -0.92 5.38
N ASP B 201 -76.62 -2.19 5.02
CA ASP B 201 -77.42 -3.30 5.52
C ASP B 201 -77.03 -3.80 6.91
N VAL B 202 -76.37 -2.97 7.70
CA VAL B 202 -75.94 -3.38 9.03
C VAL B 202 -76.35 -2.34 10.04
N GLU B 203 -77.33 -2.70 10.87
CA GLU B 203 -77.98 -1.74 11.75
C GLU B 203 -77.06 -1.23 12.85
N GLY B 204 -76.80 0.08 12.84
CA GLY B 204 -75.97 0.70 13.87
C GLY B 204 -74.54 0.84 13.43
N ALA B 205 -74.23 0.32 12.24
CA ALA B 205 -72.87 0.35 11.72
C ALA B 205 -72.41 1.77 11.44
N LYS B 206 -73.12 2.47 10.57
CA LYS B 206 -72.73 3.83 10.18
C LYS B 206 -72.70 4.73 11.39
N GLU B 207 -73.46 4.36 12.41
CA GLU B 207 -73.70 5.26 13.54
C GLU B 207 -72.70 5.07 14.67
N LEU B 208 -72.17 3.87 14.80
CA LEU B 208 -71.42 3.53 16.00
C LEU B 208 -69.95 3.17 15.73
N SER B 209 -69.66 2.72 14.51
CA SER B 209 -68.32 2.24 14.18
C SER B 209 -67.42 3.34 13.64
N ILE B 210 -66.11 3.21 13.88
CA ILE B 210 -65.12 4.11 13.33
C ILE B 210 -64.48 3.49 12.10
N THR B 211 -63.69 4.29 11.38
CA THR B 211 -62.93 3.83 10.21
C THR B 211 -61.48 4.31 10.28
N SER B 212 -60.74 4.08 9.19
CA SER B 212 -59.38 4.56 9.10
C SER B 212 -59.30 6.08 9.22
N ASP B 213 -60.37 6.80 8.89
CA ASP B 213 -60.39 8.25 9.10
C ASP B 213 -60.27 8.61 10.60
N ASP B 214 -60.62 7.68 11.48
CA ASP B 214 -60.74 7.99 12.91
C ASP B 214 -59.63 7.38 13.75
N ILE B 215 -59.15 6.22 13.34
CA ILE B 215 -58.25 5.45 14.17
C ILE B 215 -56.99 6.23 14.57
N PHE B 216 -56.42 7.01 13.65
CA PHE B 216 -55.15 7.67 13.92
C PHE B 216 -55.23 8.90 14.82
N SER B 217 -56.43 9.31 15.20
CA SER B 217 -56.57 10.51 16.03
C SER B 217 -57.48 10.29 17.22
N LEU B 218 -58.03 9.07 17.33
CA LEU B 218 -58.95 8.65 18.39
C LEU B 218 -58.57 9.18 19.76
N LYS B 219 -59.57 9.64 20.51
CA LYS B 219 -59.31 10.28 21.80
C LYS B 219 -59.37 9.28 22.96
N LYS B 220 -60.10 8.20 22.77
CA LYS B 220 -60.15 7.15 23.77
C LYS B 220 -59.20 6.03 23.37
N ASP B 221 -58.64 5.34 24.36
CA ASP B 221 -57.88 4.12 24.09
C ASP B 221 -58.80 3.18 23.29
N PRO B 222 -58.26 2.55 22.23
CA PRO B 222 -59.08 1.68 21.38
C PRO B 222 -59.68 0.51 22.15
N GLY B 223 -59.01 0.05 23.19
CA GLY B 223 -59.50 -1.09 23.95
C GLY B 223 -59.83 -2.32 23.11
N LYS B 224 -60.69 -3.18 23.63
CA LYS B 224 -61.12 -4.38 22.90
C LYS B 224 -61.76 -3.99 21.58
N THR B 225 -61.11 -4.36 20.48
CA THR B 225 -61.46 -3.87 19.16
C THR B 225 -61.86 -4.96 18.19
N LEU B 226 -63.01 -4.79 17.55
CA LEU B 226 -63.37 -5.64 16.43
C LEU B 226 -63.07 -4.89 15.13
N VAL B 227 -62.26 -5.50 14.27
CA VAL B 227 -62.01 -4.95 12.95
C VAL B 227 -62.79 -5.79 11.96
N VAL B 228 -63.53 -5.14 11.08
CA VAL B 228 -64.35 -5.86 10.12
C VAL B 228 -63.77 -5.65 8.74
N GLY B 229 -63.39 -6.73 8.07
CA GLY B 229 -62.78 -6.63 6.76
C GLY B 229 -61.46 -7.39 6.76
N ALA B 230 -60.86 -7.57 5.59
CA ALA B 230 -59.62 -8.31 5.55
C ALA B 230 -58.70 -7.79 4.47
N SER B 231 -58.88 -6.52 4.13
CA SER B 231 -58.05 -5.84 3.14
C SER B 231 -56.76 -5.50 3.84
N TYR B 232 -55.79 -4.97 3.13
CA TYR B 232 -54.52 -4.60 3.75
C TYR B 232 -54.72 -3.56 4.88
N VAL B 233 -55.73 -2.71 4.76
CA VAL B 233 -55.98 -1.71 5.80
C VAL B 233 -56.49 -2.33 7.10
N ALA B 234 -57.39 -3.29 6.99
CA ALA B 234 -57.88 -4.03 8.16
C ALA B 234 -56.73 -4.73 8.86
N LEU B 235 -55.99 -5.55 8.12
CA LEU B 235 -54.90 -6.32 8.69
C LEU B 235 -53.81 -5.43 9.28
N GLU B 236 -53.54 -4.28 8.67
CA GLU B 236 -52.50 -3.40 9.23
C GLU B 236 -52.92 -2.75 10.54
N CYS B 237 -54.17 -2.34 10.65
CA CYS B 237 -54.66 -1.78 11.91
C CYS B 237 -54.79 -2.85 13.03
N SER B 238 -55.24 -4.05 12.68
CA SER B 238 -55.34 -5.15 13.64
C SER B 238 -53.98 -5.41 14.22
N GLY B 239 -53.02 -5.51 13.31
CA GLY B 239 -51.65 -5.78 13.63
C GLY B 239 -51.03 -4.85 14.64
N PHE B 240 -51.05 -3.54 14.38
CA PHE B 240 -50.38 -2.63 15.31
C PHE B 240 -51.17 -2.48 16.62
N LEU B 241 -52.48 -2.52 16.54
CA LEU B 241 -53.32 -2.47 17.73
C LEU B 241 -53.01 -3.64 18.64
N ASN B 242 -52.91 -4.83 18.07
CA ASN B 242 -52.52 -6.02 18.84
C ASN B 242 -51.13 -5.88 19.46
N SER B 243 -50.15 -5.48 18.66
CA SER B 243 -48.79 -5.33 19.16
C SER B 243 -48.74 -4.29 20.25
N LEU B 244 -49.61 -3.28 20.15
CA LEU B 244 -49.67 -2.20 21.13
C LEU B 244 -50.21 -2.71 22.47
N GLY B 245 -50.94 -3.83 22.42
CA GLY B 245 -51.41 -4.51 23.61
C GLY B 245 -52.90 -4.71 23.74
N TYR B 246 -53.64 -4.42 22.68
CA TYR B 246 -55.10 -4.49 22.77
C TYR B 246 -55.63 -5.84 22.35
N ASP B 247 -56.74 -6.26 22.93
CA ASP B 247 -57.42 -7.47 22.48
C ASP B 247 -58.08 -7.16 21.12
N VAL B 248 -57.70 -7.89 20.09
CA VAL B 248 -58.10 -7.53 18.74
C VAL B 248 -58.74 -8.71 18.04
N THR B 249 -59.92 -8.50 17.46
CA THR B 249 -60.62 -9.54 16.70
C THR B 249 -60.91 -9.04 15.28
N VAL B 250 -60.71 -9.95 14.32
CA VAL B 250 -60.91 -9.66 12.89
C VAL B 250 -62.06 -10.50 12.29
N ALA B 251 -63.06 -9.84 11.72
CA ALA B 251 -64.18 -10.56 11.09
C ALA B 251 -64.00 -10.66 9.59
N VAL B 252 -63.82 -11.87 9.10
CA VAL B 252 -63.44 -12.10 7.71
C VAL B 252 -64.49 -12.92 6.98
N ARG B 253 -65.34 -12.30 6.17
CA ARG B 253 -66.13 -13.08 5.24
C ARG B 253 -65.10 -13.67 4.33
N SER B 254 -65.11 -14.99 4.11
CA SER B 254 -64.22 -15.60 3.11
C SER B 254 -62.72 -15.58 3.44
N ILE B 255 -61.92 -14.98 2.55
CA ILE B 255 -60.46 -14.97 2.66
C ILE B 255 -59.81 -13.62 3.04
N VAL B 256 -58.51 -13.65 3.33
CA VAL B 256 -57.81 -12.44 3.73
C VAL B 256 -57.01 -11.92 2.55
N LEU B 257 -56.76 -10.62 2.50
CA LEU B 257 -56.07 -10.02 1.35
C LEU B 257 -56.53 -10.56 -0.01
N ARG B 258 -57.82 -10.39 -0.32
CA ARG B 258 -58.35 -10.78 -1.63
C ARG B 258 -57.54 -10.01 -2.66
N GLY B 259 -57.33 -10.60 -3.82
CA GLY B 259 -56.52 -9.96 -4.84
C GLY B 259 -55.04 -10.29 -4.74
N PHE B 260 -54.55 -10.65 -3.55
CA PHE B 260 -53.12 -10.89 -3.40
C PHE B 260 -52.78 -12.37 -3.44
N ASP B 261 -51.54 -12.71 -3.76
CA ASP B 261 -51.06 -14.12 -3.74
C ASP B 261 -51.43 -14.77 -2.42
N GLN B 262 -52.17 -15.88 -2.47
CA GLN B 262 -52.73 -16.41 -1.23
C GLN B 262 -51.76 -17.20 -0.35
N GLN B 263 -50.71 -17.79 -0.92
CA GLN B 263 -49.74 -18.44 -0.04
C GLN B 263 -49.21 -17.38 0.91
N CYS B 264 -48.91 -16.20 0.39
CA CYS B 264 -48.36 -15.13 1.22
C CYS B 264 -49.37 -14.61 2.19
N ALA B 265 -50.62 -14.54 1.73
CA ALA B 265 -51.72 -14.10 2.57
C ALA B 265 -51.84 -14.99 3.80
N VAL B 266 -51.86 -16.29 3.59
CA VAL B 266 -51.94 -17.19 4.73
C VAL B 266 -50.72 -17.01 5.64
N LYS B 267 -49.54 -16.87 5.04
CA LYS B 267 -48.33 -16.66 5.84
C LYS B 267 -48.49 -15.45 6.76
N VAL B 268 -49.06 -14.37 6.24
CA VAL B 268 -49.24 -13.17 7.04
C VAL B 268 -50.26 -13.47 8.12
N LYS B 269 -51.39 -14.03 7.72
CA LYS B 269 -52.48 -14.35 8.63
C LYS B 269 -51.98 -15.22 9.78
N LEU B 270 -51.28 -16.29 9.45
CA LEU B 270 -50.75 -17.19 10.48
C LEU B 270 -49.85 -16.46 11.47
N TYR B 271 -48.99 -15.58 10.97
CA TYR B 271 -48.08 -14.85 11.84
C TYR B 271 -48.85 -13.99 12.82
N MET B 272 -49.86 -13.28 12.34
CA MET B 272 -50.68 -12.46 13.23
C MET B 272 -51.37 -13.30 14.29
N GLU B 273 -51.97 -14.41 13.87
CA GLU B 273 -52.63 -15.34 14.78
C GLU B 273 -51.67 -15.77 15.88
N GLU B 274 -50.46 -16.12 15.50
CA GLU B 274 -49.49 -16.61 16.48
C GLU B 274 -48.94 -15.51 17.36
N GLN B 275 -49.45 -14.28 17.21
CA GLN B 275 -49.07 -13.21 18.11
C GLN B 275 -50.24 -12.72 18.93
N GLY B 276 -51.43 -13.24 18.66
CA GLY B 276 -52.58 -12.88 19.49
C GLY B 276 -53.89 -12.56 18.81
N VAL B 277 -53.86 -12.09 17.55
CA VAL B 277 -55.09 -11.62 16.93
C VAL B 277 -55.97 -12.80 16.56
N MET B 278 -57.27 -12.66 16.78
CA MET B 278 -58.23 -13.74 16.54
C MET B 278 -59.01 -13.46 15.29
N PHE B 279 -59.16 -14.47 14.45
CA PHE B 279 -59.87 -14.31 13.19
C PHE B 279 -61.23 -15.03 13.14
N LYS B 280 -62.33 -14.31 13.37
CA LYS B 280 -63.66 -14.86 13.16
C LYS B 280 -63.88 -15.14 11.68
N ASN B 281 -63.51 -16.33 11.23
CA ASN B 281 -63.68 -16.70 9.82
C ASN B 281 -65.12 -16.92 9.38
N GLY B 282 -65.52 -16.28 8.29
CA GLY B 282 -66.84 -16.44 7.72
C GLY B 282 -67.97 -15.86 8.55
N ILE B 283 -67.63 -15.09 9.56
CA ILE B 283 -68.64 -14.55 10.48
C ILE B 283 -68.62 -13.02 10.57
N LEU B 284 -69.50 -12.35 9.83
CA LEU B 284 -69.56 -10.89 9.83
C LEU B 284 -70.61 -10.38 10.81
N PRO B 285 -70.47 -9.13 11.27
CA PRO B 285 -71.53 -8.56 12.11
C PRO B 285 -72.84 -8.31 11.33
N LYS B 286 -73.98 -8.53 11.97
CA LYS B 286 -75.27 -8.28 11.34
C LYS B 286 -75.97 -7.06 11.97
N LYS B 287 -75.59 -6.70 13.21
CA LYS B 287 -76.22 -5.59 13.93
C LYS B 287 -75.28 -5.05 15.00
N LEU B 288 -75.32 -3.72 15.19
CA LEU B 288 -74.55 -3.06 16.26
C LEU B 288 -75.47 -2.20 17.12
N THR B 289 -75.31 -2.30 18.44
CA THR B 289 -76.19 -1.55 19.35
C THR B 289 -75.38 -0.75 20.35
N LYS B 290 -75.60 0.57 20.38
CA LYS B 290 -74.90 1.42 21.34
C LYS B 290 -75.34 1.01 22.72
N MET B 291 -74.37 0.91 23.63
CA MET B 291 -74.65 0.36 24.94
C MET B 291 -73.71 0.92 25.98
N ASP B 292 -73.93 2.16 26.39
CA ASP B 292 -72.98 2.88 27.23
C ASP B 292 -71.67 3.08 26.47
N ASP B 293 -70.54 2.96 27.17
CA ASP B 293 -69.22 3.09 26.56
C ASP B 293 -68.75 1.83 25.83
N LYS B 294 -69.68 0.99 25.41
CA LYS B 294 -69.32 -0.24 24.72
C LYS B 294 -70.29 -0.49 23.56
N ILE B 295 -70.02 -1.51 22.76
CA ILE B 295 -70.86 -1.84 21.62
C ILE B 295 -71.08 -3.34 21.57
N LEU B 296 -72.33 -3.75 21.42
CA LEU B 296 -72.62 -5.16 21.30
C LEU B 296 -72.80 -5.49 19.83
N VAL B 297 -72.20 -6.60 19.40
CA VAL B 297 -72.24 -6.98 18.01
C VAL B 297 -72.90 -8.35 17.84
N GLU B 298 -74.02 -8.39 17.12
CA GLU B 298 -74.66 -9.65 16.79
C GLU B 298 -74.10 -10.17 15.48
N PHE B 299 -73.63 -11.41 15.49
CA PHE B 299 -72.95 -11.97 14.33
C PHE B 299 -73.87 -12.90 13.53
N SER B 300 -73.53 -13.10 12.25
CA SER B 300 -74.39 -13.90 11.38
C SER B 300 -74.47 -15.38 11.76
N ASP B 301 -73.75 -15.79 12.79
CA ASP B 301 -73.87 -17.15 13.30
C ASP B 301 -74.73 -17.13 14.55
N LYS B 302 -75.33 -15.96 14.78
CA LYS B 302 -76.21 -15.70 15.92
C LYS B 302 -75.51 -15.55 17.28
N THR B 303 -74.19 -15.67 17.32
CA THR B 303 -73.47 -15.34 18.54
C THR B 303 -73.48 -13.82 18.79
N SER B 304 -72.89 -13.39 19.90
CA SER B 304 -72.82 -11.97 20.20
C SER B 304 -71.70 -11.70 21.19
N GLU B 305 -71.12 -10.51 21.11
CA GLU B 305 -69.99 -10.15 21.97
C GLU B 305 -69.86 -8.64 22.15
N LEU B 306 -69.20 -8.25 23.23
CA LEU B 306 -69.10 -6.85 23.61
C LEU B 306 -67.72 -6.33 23.25
N TYR B 307 -67.68 -5.14 22.65
CA TYR B 307 -66.41 -4.51 22.28
C TYR B 307 -66.36 -3.03 22.65
N ASP B 308 -65.14 -2.50 22.77
CA ASP B 308 -64.95 -1.08 23.03
C ASP B 308 -65.02 -0.27 21.75
N THR B 309 -64.54 -0.87 20.66
CA THR B 309 -64.45 -0.18 19.38
C THR B 309 -64.81 -1.13 18.24
N VAL B 310 -65.65 -0.69 17.31
CA VAL B 310 -65.81 -1.46 16.09
C VAL B 310 -65.23 -0.65 14.94
N LEU B 311 -64.33 -1.25 14.18
CA LEU B 311 -63.61 -0.54 13.14
C LEU B 311 -63.94 -1.15 11.78
N TYR B 312 -64.69 -0.43 10.97
CA TYR B 312 -65.05 -0.92 9.65
C TYR B 312 -63.97 -0.57 8.64
N ALA B 313 -63.55 -1.55 7.86
CA ALA B 313 -62.49 -1.34 6.91
C ALA B 313 -62.65 -2.35 5.78
N ILE B 314 -63.80 -2.29 5.13
CA ILE B 314 -64.14 -3.29 4.14
C ILE B 314 -63.79 -2.81 2.75
N GLY B 315 -63.59 -1.51 2.62
CA GLY B 315 -63.32 -0.98 1.30
C GLY B 315 -63.52 0.52 1.26
N ARG B 316 -63.31 1.10 0.08
CA ARG B 316 -63.43 2.55 -0.07
C ARG B 316 -64.14 2.87 -1.38
N LYS B 317 -64.99 3.90 -1.35
CA LYS B 317 -65.73 4.33 -2.55
C LYS B 317 -65.24 5.69 -3.00
N GLY B 318 -65.22 5.91 -4.30
CA GLY B 318 -64.82 7.18 -4.84
C GLY B 318 -65.68 8.30 -4.30
N ASP B 319 -65.05 9.39 -3.89
CA ASP B 319 -65.77 10.54 -3.33
C ASP B 319 -66.17 11.47 -4.46
N ILE B 320 -67.41 11.30 -4.92
CA ILE B 320 -67.84 11.76 -6.23
C ILE B 320 -69.26 12.34 -6.15
N ASP B 321 -69.97 11.98 -5.07
CA ASP B 321 -71.40 12.29 -4.95
C ASP B 321 -71.73 13.79 -5.04
N GLY B 322 -71.05 14.60 -4.26
CA GLY B 322 -71.32 16.03 -4.24
C GLY B 322 -70.62 16.81 -5.34
N LEU B 323 -70.30 16.15 -6.45
CA LEU B 323 -69.53 16.82 -7.51
C LEU B 323 -70.37 17.32 -8.70
N ASN B 324 -71.63 16.90 -8.76
CA ASN B 324 -72.55 17.31 -9.83
C ASN B 324 -72.16 16.76 -11.21
N LEU B 325 -71.44 15.65 -11.21
CA LEU B 325 -71.06 14.99 -12.45
C LEU B 325 -72.25 14.48 -13.26
N GLU B 326 -73.39 14.29 -12.59
CA GLU B 326 -74.63 13.89 -13.26
C GLU B 326 -74.94 14.91 -14.35
N SER B 327 -74.83 16.19 -14.01
CA SER B 327 -75.20 17.28 -14.92
C SER B 327 -74.15 17.59 -15.99
N LEU B 328 -73.38 16.57 -16.37
CA LEU B 328 -72.45 16.65 -17.49
C LEU B 328 -72.50 15.31 -18.21
N ASN B 329 -73.25 14.39 -17.63
CA ASN B 329 -73.36 13.03 -18.14
C ASN B 329 -72.01 12.33 -18.18
N MET B 330 -71.18 12.57 -17.15
CA MET B 330 -69.87 11.91 -17.10
C MET B 330 -70.07 10.48 -16.61
N ASN B 331 -69.59 9.50 -17.37
CA ASN B 331 -69.78 8.11 -16.94
C ASN B 331 -68.88 7.68 -15.79
N VAL B 332 -69.51 7.12 -14.77
CA VAL B 332 -68.84 6.66 -13.57
C VAL B 332 -69.29 5.23 -13.32
N ASN B 333 -68.42 4.41 -12.72
CA ASN B 333 -68.83 3.07 -12.31
C ASN B 333 -69.54 3.19 -10.98
N LYS B 334 -70.84 2.90 -10.96
CA LYS B 334 -71.65 3.27 -9.80
C LYS B 334 -71.46 2.36 -8.58
N SER B 335 -70.93 1.15 -8.78
CA SER B 335 -70.61 0.27 -7.65
C SER B 335 -69.40 0.79 -6.84
N ASN B 336 -68.33 1.15 -7.56
CA ASN B 336 -67.11 1.78 -7.04
C ASN B 336 -67.34 3.19 -6.55
N ASN B 337 -68.26 3.88 -7.23
CA ASN B 337 -68.39 5.33 -7.19
C ASN B 337 -67.15 6.03 -7.75
N LYS B 338 -66.55 5.42 -8.76
CA LYS B 338 -65.32 5.93 -9.35
C LYS B 338 -65.55 6.45 -10.76
N ILE B 339 -64.80 7.47 -11.17
CA ILE B 339 -64.86 8.00 -12.52
C ILE B 339 -64.21 7.07 -13.55
N ILE B 340 -64.88 6.84 -14.67
CA ILE B 340 -64.30 6.01 -15.72
C ILE B 340 -63.43 6.90 -16.55
N ALA B 341 -62.11 6.76 -16.39
CA ALA B 341 -61.15 7.54 -17.15
C ALA B 341 -60.33 6.59 -18.01
N ASP B 342 -59.82 7.06 -19.13
CA ASP B 342 -59.06 6.15 -20.01
C ASP B 342 -57.56 6.17 -19.71
N HIS B 343 -56.75 5.70 -20.66
CA HIS B 343 -55.32 5.57 -20.43
C HIS B 343 -54.57 6.90 -20.49
N LEU B 344 -55.30 8.00 -20.68
CA LEU B 344 -54.68 9.32 -20.71
C LEU B 344 -55.23 10.18 -19.60
N SER B 345 -56.02 9.57 -18.73
CA SER B 345 -56.71 10.23 -17.61
C SER B 345 -57.88 11.09 -18.07
N CYS B 346 -58.37 10.83 -19.29
CA CYS B 346 -59.54 11.52 -19.84
C CYS B 346 -60.87 10.87 -19.47
N THR B 347 -61.83 11.68 -19.03
CA THR B 347 -63.19 11.20 -18.85
C THR B 347 -63.85 11.14 -20.24
N ASN B 348 -65.17 11.15 -20.27
CA ASN B 348 -65.88 11.27 -21.57
C ASN B 348 -66.20 12.72 -21.91
N ILE B 349 -65.98 13.60 -20.93
CA ILE B 349 -65.98 15.04 -21.16
C ILE B 349 -64.56 15.47 -21.45
N PRO B 350 -64.30 15.94 -22.67
CA PRO B 350 -62.95 16.22 -23.19
C PRO B 350 -62.11 17.27 -22.45
N SER B 351 -62.69 17.97 -21.47
CA SER B 351 -61.93 19.01 -20.77
C SER B 351 -61.77 18.69 -19.28
N ILE B 352 -62.25 17.51 -18.88
CA ILE B 352 -62.16 17.08 -17.50
C ILE B 352 -61.39 15.74 -17.36
N PHE B 353 -60.55 15.67 -16.34
CA PHE B 353 -59.67 14.53 -16.16
C PHE B 353 -59.71 14.01 -14.75
N ALA B 354 -59.34 12.74 -14.59
CA ALA B 354 -59.30 12.12 -13.29
C ALA B 354 -58.06 11.24 -13.13
N VAL B 355 -57.43 11.34 -11.96
CA VAL B 355 -56.29 10.52 -11.60
C VAL B 355 -56.40 10.08 -10.15
N GLY B 356 -55.61 9.08 -9.77
CA GLY B 356 -55.58 8.67 -8.37
C GLY B 356 -56.77 7.81 -7.99
N ASP B 357 -57.05 7.72 -6.68
CA ASP B 357 -58.03 6.79 -6.12
C ASP B 357 -59.44 6.87 -6.74
N VAL B 358 -59.77 8.02 -7.30
CA VAL B 358 -61.12 8.24 -7.77
C VAL B 358 -61.31 7.74 -9.21
N ALA B 359 -60.21 7.48 -9.91
CA ALA B 359 -60.34 6.89 -11.23
C ALA B 359 -60.41 5.37 -11.12
N GLU B 360 -61.36 4.74 -11.83
CA GLU B 360 -61.56 3.31 -11.73
C GLU B 360 -60.30 2.60 -12.25
N ASN B 361 -60.03 1.39 -11.76
CA ASN B 361 -58.92 0.55 -12.26
C ASN B 361 -57.52 1.06 -11.98
N VAL B 362 -57.37 2.10 -11.17
CA VAL B 362 -56.01 2.56 -10.84
C VAL B 362 -55.67 2.25 -9.36
N PRO B 363 -54.49 1.67 -9.12
CA PRO B 363 -54.09 1.22 -7.79
C PRO B 363 -54.10 2.36 -6.79
N GLU B 364 -54.67 2.11 -5.61
CA GLU B 364 -54.76 3.14 -4.59
C GLU B 364 -53.45 3.27 -3.84
N LEU B 365 -52.41 3.71 -4.56
CA LEU B 365 -51.09 3.96 -3.95
C LEU B 365 -50.61 5.37 -4.27
N ALA B 366 -50.22 6.12 -3.25
CA ALA B 366 -49.79 7.50 -3.45
C ALA B 366 -48.78 7.73 -4.59
N PRO B 367 -47.74 6.91 -4.71
CA PRO B 367 -46.80 7.26 -5.77
C PRO B 367 -47.41 7.07 -7.13
N VAL B 368 -48.41 6.21 -7.21
CA VAL B 368 -49.07 5.98 -8.49
C VAL B 368 -49.88 7.22 -8.88
N ALA B 369 -50.60 7.81 -7.91
CA ALA B 369 -51.42 9.02 -8.17
C ALA B 369 -50.52 10.19 -8.52
N ILE B 370 -49.33 10.23 -7.93
CA ILE B 370 -48.36 11.28 -8.25
C ILE B 370 -47.86 11.16 -9.69
N LYS B 371 -47.42 9.97 -10.11
CA LYS B 371 -46.93 9.76 -11.48
C LYS B 371 -47.99 10.10 -12.52
N ALA B 372 -49.23 9.74 -12.24
CA ALA B 372 -50.28 9.96 -13.21
C ALA B 372 -50.61 11.43 -13.26
N GLY B 373 -50.61 12.09 -12.10
CA GLY B 373 -50.85 13.52 -12.03
C GLY B 373 -49.78 14.30 -12.77
N GLU B 374 -48.54 13.88 -12.58
CA GLU B 374 -47.41 14.54 -13.23
C GLU B 374 -47.44 14.29 -14.74
N ILE B 375 -47.55 13.03 -15.16
CA ILE B 375 -47.60 12.73 -16.59
C ILE B 375 -48.74 13.50 -17.27
N LEU B 376 -49.91 13.56 -16.63
CA LEU B 376 -51.03 14.32 -17.18
C LEU B 376 -50.62 15.77 -17.42
N ALA B 377 -50.14 16.44 -16.39
CA ALA B 377 -49.72 17.84 -16.49
C ALA B 377 -48.77 18.06 -17.65
N ARG B 378 -47.84 17.15 -17.85
CA ARG B 378 -46.91 17.30 -18.96
C ARG B 378 -47.63 17.13 -20.30
N ARG B 379 -48.59 16.23 -20.38
CA ARG B 379 -49.30 16.02 -21.62
C ARG B 379 -50.16 17.23 -21.97
N LEU B 380 -50.76 17.85 -20.95
CA LEU B 380 -51.62 19.02 -21.16
C LEU B 380 -50.82 20.29 -21.47
N PHE B 381 -49.68 20.48 -20.81
CA PHE B 381 -48.95 21.76 -20.85
C PHE B 381 -47.49 21.68 -21.32
N LYS B 382 -47.06 20.51 -21.81
CA LYS B 382 -45.68 20.39 -22.30
C LYS B 382 -45.62 19.56 -23.59
N ASP B 383 -46.78 19.32 -24.19
CA ASP B 383 -46.88 18.53 -25.43
C ASP B 383 -46.14 17.20 -25.33
N SER B 384 -46.05 16.66 -24.12
CA SER B 384 -45.43 15.37 -23.93
C SER B 384 -46.33 14.29 -24.48
N ASP B 385 -45.76 13.14 -24.81
CA ASP B 385 -46.58 12.04 -25.30
C ASP B 385 -46.33 10.75 -24.52
N GLU B 386 -45.86 10.91 -23.29
CA GLU B 386 -45.67 9.78 -22.41
C GLU B 386 -47.02 9.43 -21.85
N ILE B 387 -47.34 8.14 -21.83
CA ILE B 387 -48.60 7.65 -21.26
C ILE B 387 -48.31 6.81 -20.01
N MET B 388 -49.23 6.82 -19.04
CA MET B 388 -48.94 6.24 -17.74
C MET B 388 -48.97 4.71 -17.78
N ASP B 389 -47.91 4.09 -17.27
CA ASP B 389 -47.74 2.62 -17.28
C ASP B 389 -48.20 2.02 -15.95
N TYR B 390 -49.32 1.28 -15.94
CA TYR B 390 -49.81 0.67 -14.69
C TYR B 390 -49.37 -0.79 -14.46
N SER B 391 -48.35 -1.26 -15.18
CA SER B 391 -47.89 -2.64 -15.05
C SER B 391 -46.72 -2.76 -14.12
N TYR B 392 -46.65 -3.87 -13.38
CA TYR B 392 -45.56 -4.15 -12.45
C TYR B 392 -45.43 -3.07 -11.41
N ILE B 393 -46.55 -2.64 -10.86
CA ILE B 393 -46.48 -1.65 -9.80
C ILE B 393 -46.20 -2.33 -8.47
N PRO B 394 -45.11 -1.94 -7.81
CA PRO B 394 -44.76 -2.60 -6.55
C PRO B 394 -45.67 -2.17 -5.43
N THR B 395 -45.93 -3.09 -4.51
CA THR B 395 -46.78 -2.81 -3.38
C THR B 395 -46.17 -3.43 -2.13
N SER B 396 -46.51 -2.88 -0.96
CA SER B 396 -45.96 -3.37 0.29
C SER B 396 -46.91 -3.14 1.46
N ILE B 397 -47.32 -4.22 2.12
CA ILE B 397 -48.31 -4.17 3.20
C ILE B 397 -47.64 -4.26 4.56
N TYR B 398 -48.03 -3.40 5.50
CA TYR B 398 -47.30 -3.26 6.78
C TYR B 398 -48.00 -3.90 7.97
N THR B 399 -48.19 -5.21 7.84
CA THR B 399 -48.71 -6.07 8.88
C THR B 399 -47.54 -6.40 9.81
N PRO B 400 -47.80 -6.95 11.01
CA PRO B 400 -46.67 -7.19 11.93
C PRO B 400 -45.54 -8.00 11.32
N ILE B 401 -45.83 -8.85 10.34
CA ILE B 401 -44.81 -9.35 9.40
C ILE B 401 -45.22 -8.84 8.02
N GLU B 402 -44.29 -8.21 7.33
CA GLU B 402 -44.66 -7.41 6.16
C GLU B 402 -44.72 -8.27 4.93
N TYR B 403 -45.39 -7.75 3.90
CA TYR B 403 -45.52 -8.49 2.64
C TYR B 403 -45.34 -7.49 1.53
N GLY B 404 -44.36 -7.72 0.68
CA GLY B 404 -44.17 -6.91 -0.49
C GLY B 404 -44.30 -7.78 -1.71
N ALA B 405 -44.80 -7.21 -2.80
CA ALA B 405 -45.00 -7.98 -4.01
C ALA B 405 -44.83 -7.08 -5.19
N CYS B 406 -44.65 -7.69 -6.35
CA CYS B 406 -44.66 -6.97 -7.62
C CYS B 406 -44.92 -7.98 -8.74
N GLY B 407 -45.96 -7.74 -9.54
CA GLY B 407 -46.30 -8.60 -10.65
C GLY B 407 -47.40 -9.58 -10.30
N TYR B 408 -47.44 -10.72 -10.99
CA TYR B 408 -48.48 -11.73 -10.75
C TYR B 408 -48.30 -12.63 -9.53
N SER B 409 -49.41 -12.90 -8.86
CA SER B 409 -49.46 -13.96 -7.88
C SER B 409 -49.17 -15.27 -8.57
N GLU B 410 -48.93 -16.33 -7.80
CA GLU B 410 -48.79 -17.65 -8.41
C GLU B 410 -50.10 -18.05 -9.11
N GLU B 411 -51.22 -18.01 -8.38
CA GLU B 411 -52.54 -18.40 -8.93
C GLU B 411 -52.89 -17.73 -10.23
N LYS B 412 -52.65 -16.43 -10.32
CA LYS B 412 -53.01 -15.68 -11.53
C LYS B 412 -52.08 -15.94 -12.71
N ALA B 413 -50.82 -16.19 -12.44
CA ALA B 413 -49.89 -16.49 -13.51
C ALA B 413 -50.26 -17.84 -14.13
N TYR B 414 -50.75 -18.76 -13.30
CA TYR B 414 -51.27 -20.02 -13.81
C TYR B 414 -52.46 -19.80 -14.76
N GLU B 415 -53.53 -19.18 -14.26
CA GLU B 415 -54.68 -18.86 -15.09
C GLU B 415 -54.30 -18.18 -16.42
N LEU B 416 -53.51 -17.11 -16.32
CA LEU B 416 -53.16 -16.31 -17.48
C LEU B 416 -52.26 -17.04 -18.47
N TYR B 417 -51.39 -17.93 -17.98
CA TYR B 417 -50.33 -18.49 -18.82
C TYR B 417 -50.35 -19.99 -18.91
N GLY B 418 -50.96 -20.65 -17.95
CA GLY B 418 -50.99 -22.10 -17.93
C GLY B 418 -49.99 -22.67 -16.96
N LYS B 419 -50.51 -23.49 -16.03
CA LYS B 419 -49.73 -24.02 -14.91
C LYS B 419 -48.45 -24.75 -15.34
N SER B 420 -48.51 -25.37 -16.50
CA SER B 420 -47.39 -26.13 -17.00
C SER B 420 -46.37 -25.20 -17.67
N ASN B 421 -46.74 -23.92 -17.82
CA ASN B 421 -45.86 -22.96 -18.50
C ASN B 421 -45.20 -21.93 -17.58
N VAL B 422 -45.47 -22.01 -16.27
CA VAL B 422 -44.79 -21.15 -15.30
C VAL B 422 -44.04 -21.94 -14.20
N GLU B 423 -42.81 -21.50 -13.90
CA GLU B 423 -42.02 -22.04 -12.80
C GLU B 423 -42.11 -21.13 -11.57
N VAL B 424 -42.36 -21.75 -10.43
CA VAL B 424 -42.38 -21.04 -9.19
C VAL B 424 -41.18 -21.54 -8.38
N PHE B 425 -40.18 -20.68 -8.19
CA PHE B 425 -39.08 -20.95 -7.26
C PHE B 425 -39.43 -20.32 -5.93
N LEU B 426 -39.26 -21.05 -4.83
CA LEU B 426 -39.61 -20.48 -3.55
C LEU B 426 -38.86 -21.16 -2.42
N GLN B 427 -38.97 -20.55 -1.23
CA GLN B 427 -38.24 -20.96 -0.05
C GLN B 427 -38.76 -20.25 1.19
N GLU B 428 -39.27 -21.03 2.16
CA GLU B 428 -39.49 -20.53 3.51
C GLU B 428 -38.15 -20.54 4.27
N PHE B 429 -38.00 -19.65 5.23
CA PHE B 429 -36.76 -19.54 5.99
C PHE B 429 -37.01 -18.64 7.17
N ASN B 430 -36.09 -18.65 8.13
CA ASN B 430 -36.22 -17.81 9.31
C ASN B 430 -35.30 -16.62 9.29
N ASN B 431 -35.82 -15.47 9.69
CA ASN B 431 -34.96 -14.32 9.84
C ASN B 431 -33.86 -14.67 10.85
N LEU B 432 -32.62 -14.26 10.59
CA LEU B 432 -31.51 -14.53 11.52
C LEU B 432 -31.76 -14.00 12.92
N GLU B 433 -32.07 -12.72 13.03
CA GLU B 433 -32.22 -12.09 14.34
C GLU B 433 -33.33 -12.68 15.17
N ILE B 434 -34.48 -12.96 14.55
CA ILE B 434 -35.61 -13.54 15.25
C ILE B 434 -35.34 -15.01 15.53
N SER B 435 -34.70 -15.69 14.58
CA SER B 435 -34.38 -17.09 14.74
C SER B 435 -33.73 -17.40 16.08
N ALA B 436 -32.82 -16.53 16.51
CA ALA B 436 -32.00 -16.80 17.68
C ALA B 436 -32.73 -16.58 19.00
N VAL B 437 -33.99 -16.14 18.91
CA VAL B 437 -34.77 -15.88 20.12
C VAL B 437 -35.55 -17.11 20.54
N HIS B 438 -35.94 -17.92 19.57
CA HIS B 438 -36.87 -19.05 19.76
C HIS B 438 -38.20 -18.59 20.36
N ARG B 439 -38.87 -17.69 19.63
CA ARG B 439 -40.16 -17.17 20.05
C ARG B 439 -41.13 -18.33 20.22
N GLN B 440 -42.19 -18.11 20.99
CA GLN B 440 -43.21 -19.12 21.17
C GLN B 440 -44.56 -18.59 20.75
N LYS B 441 -45.42 -19.50 20.30
CA LYS B 441 -46.76 -19.14 19.87
C LYS B 441 -47.52 -18.56 21.06
N HIS B 442 -48.33 -17.55 20.77
CA HIS B 442 -49.31 -17.01 21.71
C HIS B 442 -50.23 -18.14 22.03
N ILE B 443 -50.84 -18.13 23.22
CA ILE B 443 -51.64 -19.26 23.66
C ILE B 443 -52.71 -19.58 22.66
N ARG B 444 -53.33 -18.54 22.11
CA ARG B 444 -54.54 -18.73 21.31
C ARG B 444 -54.28 -19.53 20.05
N ALA B 445 -53.02 -19.58 19.65
CA ALA B 445 -52.64 -20.34 18.46
C ALA B 445 -52.04 -21.70 18.82
N GLN B 446 -51.99 -21.99 20.12
CA GLN B 446 -51.44 -23.26 20.59
C GLN B 446 -52.46 -24.38 20.48
N LYS B 447 -52.20 -25.33 19.58
CA LYS B 447 -53.05 -26.51 19.47
C LYS B 447 -52.98 -27.30 20.78
N ASP B 448 -51.86 -27.95 21.03
CA ASP B 448 -51.60 -28.58 22.33
C ASP B 448 -50.48 -27.88 23.11
N GLU B 449 -50.29 -28.29 24.35
CA GLU B 449 -49.30 -27.66 25.22
C GLU B 449 -47.87 -27.84 24.72
N TYR B 450 -47.72 -28.58 23.63
CA TYR B 450 -46.41 -28.84 23.03
C TYR B 450 -46.16 -28.00 21.77
N ASP B 451 -47.24 -27.43 21.25
CA ASP B 451 -47.18 -26.57 20.07
C ASP B 451 -46.70 -25.20 20.49
N LEU B 452 -45.39 -25.04 20.65
CA LEU B 452 -44.85 -23.83 21.22
C LEU B 452 -44.09 -22.97 20.21
N ASP B 453 -43.15 -23.58 19.50
CA ASP B 453 -42.34 -22.85 18.52
C ASP B 453 -43.21 -22.22 17.42
N VAL B 454 -42.89 -20.99 17.05
CA VAL B 454 -43.64 -20.28 16.02
C VAL B 454 -43.31 -20.88 14.67
N SER B 455 -44.16 -20.63 13.67
CA SER B 455 -43.85 -21.08 12.32
C SER B 455 -42.71 -20.25 11.72
N SER B 456 -42.18 -20.67 10.58
CA SER B 456 -41.10 -19.95 9.94
C SER B 456 -41.58 -18.55 9.58
N THR B 457 -40.70 -17.57 9.74
CA THR B 457 -41.14 -16.19 9.65
C THR B 457 -41.23 -15.61 8.22
N CYS B 458 -40.42 -16.13 7.30
CA CYS B 458 -40.31 -15.53 5.97
C CYS B 458 -40.57 -16.45 4.78
N LEU B 459 -40.88 -15.83 3.65
CA LEU B 459 -41.08 -16.56 2.42
C LEU B 459 -40.53 -15.74 1.27
N ALA B 460 -39.84 -16.38 0.36
CA ALA B 460 -39.35 -15.71 -0.82
C ALA B 460 -39.84 -16.58 -1.97
N LYS B 461 -40.43 -15.96 -2.98
CA LYS B 461 -41.08 -16.69 -4.05
C LYS B 461 -40.92 -15.86 -5.31
N LEU B 462 -40.49 -16.51 -6.41
CA LEU B 462 -40.41 -15.86 -7.72
C LEU B 462 -41.29 -16.66 -8.70
N VAL B 463 -42.16 -15.95 -9.44
CA VAL B 463 -43.02 -16.55 -10.48
C VAL B 463 -42.47 -16.25 -11.90
N CYS B 464 -42.16 -17.30 -12.67
CA CYS B 464 -41.34 -17.20 -13.89
C CYS B 464 -41.96 -17.81 -15.14
N LEU B 465 -41.66 -17.25 -16.30
CA LEU B 465 -42.21 -17.78 -17.55
C LEU B 465 -41.25 -18.72 -18.25
N LYS B 466 -41.45 -20.02 -18.09
CA LYS B 466 -40.59 -21.06 -18.70
C LYS B 466 -40.21 -20.78 -20.15
N ASN B 467 -41.21 -20.38 -20.94
CA ASN B 467 -41.06 -20.24 -22.39
C ASN B 467 -40.39 -18.92 -22.76
N GLU B 468 -40.03 -18.13 -21.77
CA GLU B 468 -39.29 -16.90 -22.04
C GLU B 468 -38.01 -16.86 -21.22
N ASP B 469 -37.29 -17.98 -21.21
CA ASP B 469 -36.01 -18.06 -20.50
C ASP B 469 -36.16 -17.72 -19.01
N ASN B 470 -37.31 -18.10 -18.44
CA ASN B 470 -37.62 -17.81 -17.04
C ASN B 470 -37.63 -16.33 -16.62
N ARG B 471 -38.14 -15.47 -17.52
CA ARG B 471 -38.42 -14.09 -17.19
C ARG B 471 -39.27 -14.11 -15.93
N VAL B 472 -38.87 -13.34 -14.93
CA VAL B 472 -39.64 -13.26 -13.70
C VAL B 472 -40.82 -12.33 -13.91
N ILE B 473 -42.04 -12.86 -13.78
CA ILE B 473 -43.21 -12.01 -13.95
C ILE B 473 -43.95 -11.86 -12.66
N GLY B 474 -43.35 -12.34 -11.57
CA GLY B 474 -43.93 -12.17 -10.25
C GLY B 474 -42.89 -12.22 -9.13
N PHE B 475 -42.94 -11.26 -8.22
CA PHE B 475 -42.04 -11.21 -7.05
C PHE B 475 -42.82 -11.16 -5.77
N HIS B 476 -42.54 -12.04 -4.84
CA HIS B 476 -43.25 -12.03 -3.57
C HIS B 476 -42.28 -12.27 -2.42
N TYR B 477 -42.41 -11.47 -1.37
CA TYR B 477 -41.57 -11.60 -0.19
C TYR B 477 -42.39 -11.28 1.04
N VAL B 478 -42.50 -12.25 1.96
CA VAL B 478 -43.06 -12.07 3.29
C VAL B 478 -41.95 -12.15 4.30
N GLY B 479 -41.86 -11.14 5.18
CA GLY B 479 -40.78 -11.06 6.15
C GLY B 479 -40.64 -9.64 6.63
N PRO B 480 -39.52 -9.32 7.30
CA PRO B 480 -39.39 -7.97 7.85
C PRO B 480 -38.93 -6.99 6.78
N ASN B 481 -39.23 -5.71 6.93
CA ASN B 481 -38.77 -4.71 5.95
C ASN B 481 -39.06 -5.00 4.49
N ALA B 482 -40.30 -5.37 4.18
CA ALA B 482 -40.64 -5.79 2.82
C ALA B 482 -40.62 -4.63 1.84
N GLY B 483 -40.94 -3.44 2.31
CA GLY B 483 -40.93 -2.27 1.45
C GLY B 483 -39.53 -2.06 0.94
N GLU B 484 -38.58 -2.03 1.87
CA GLU B 484 -37.18 -1.89 1.50
C GLU B 484 -36.68 -2.99 0.57
N VAL B 485 -37.05 -4.23 0.82
CA VAL B 485 -36.55 -5.32 -0.02
C VAL B 485 -37.07 -5.22 -1.43
N THR B 486 -38.35 -4.88 -1.56
CA THR B 486 -39.08 -5.00 -2.83
C THR B 486 -38.74 -3.94 -3.86
N GLN B 487 -38.45 -2.73 -3.38
CA GLN B 487 -38.19 -1.62 -4.29
C GLN B 487 -37.22 -1.97 -5.39
N GLY B 488 -36.01 -2.39 -5.01
CA GLY B 488 -35.01 -2.67 -6.01
C GLY B 488 -35.44 -3.80 -6.92
N MET B 489 -36.18 -4.75 -6.34
CA MET B 489 -36.60 -5.92 -7.10
C MET B 489 -37.66 -5.56 -8.12
N ALA B 490 -38.52 -4.62 -7.77
CA ALA B 490 -39.53 -4.11 -8.70
C ALA B 490 -38.82 -3.45 -9.87
N LEU B 491 -37.72 -2.74 -9.58
CA LEU B 491 -36.92 -2.17 -10.67
C LEU B 491 -36.34 -3.26 -11.56
N ALA B 492 -35.84 -4.33 -10.96
CA ALA B 492 -35.33 -5.43 -11.76
C ALA B 492 -36.42 -6.05 -12.65
N LEU B 493 -37.63 -6.22 -12.12
CA LEU B 493 -38.72 -6.80 -12.91
C LEU B 493 -39.02 -5.90 -14.10
N ARG B 494 -38.98 -4.60 -13.86
CA ARG B 494 -39.14 -3.60 -14.91
C ARG B 494 -38.09 -3.72 -16.01
N LEU B 495 -36.87 -4.14 -15.67
CA LEU B 495 -35.81 -4.36 -16.66
C LEU B 495 -35.88 -5.74 -17.31
N LYS B 496 -36.97 -6.47 -17.04
CA LYS B 496 -37.20 -7.81 -17.61
C LYS B 496 -36.15 -8.86 -17.16
N VAL B 497 -35.89 -8.89 -15.86
CA VAL B 497 -34.90 -9.76 -15.25
C VAL B 497 -35.32 -11.22 -15.41
N LYS B 498 -34.37 -12.09 -15.72
CA LYS B 498 -34.66 -13.52 -15.81
C LYS B 498 -34.16 -14.19 -14.54
N LYS B 499 -34.64 -15.40 -14.25
CA LYS B 499 -34.24 -16.10 -13.05
C LYS B 499 -32.70 -16.23 -12.98
N LYS B 500 -32.07 -16.43 -14.13
CA LYS B 500 -30.61 -16.61 -14.19
C LYS B 500 -29.88 -15.39 -13.72
N ASP B 501 -30.52 -14.24 -13.84
CA ASP B 501 -29.88 -13.00 -13.42
C ASP B 501 -29.84 -12.94 -11.89
N PHE B 502 -30.90 -13.44 -11.25
CA PHE B 502 -30.92 -13.55 -9.80
C PHE B 502 -29.80 -14.48 -9.36
N ASP B 503 -29.67 -15.62 -10.03
CA ASP B 503 -28.67 -16.60 -9.65
C ASP B 503 -27.24 -16.07 -9.81
N ASN B 504 -27.03 -15.19 -10.78
CA ASN B 504 -25.69 -14.66 -11.06
C ASN B 504 -25.31 -13.43 -10.22
N CYS B 505 -26.29 -12.89 -9.50
CA CYS B 505 -26.02 -11.74 -8.65
C CYS B 505 -25.51 -12.23 -7.30
N ILE B 506 -24.52 -11.56 -6.73
CA ILE B 506 -24.02 -11.98 -5.43
C ILE B 506 -24.96 -11.47 -4.36
N GLY B 507 -25.28 -12.29 -3.38
CA GLY B 507 -26.17 -11.86 -2.32
C GLY B 507 -25.44 -11.13 -1.23
N ILE B 508 -26.19 -10.36 -0.45
CA ILE B 508 -25.62 -9.60 0.66
C ILE B 508 -25.89 -10.34 1.97
N HIS B 509 -24.86 -10.69 2.71
CA HIS B 509 -25.03 -11.57 3.86
C HIS B 509 -24.69 -10.82 5.13
N PRO B 510 -25.43 -11.04 6.23
CA PRO B 510 -26.63 -11.83 6.36
C PRO B 510 -27.84 -10.89 6.29
N THR B 511 -28.79 -11.24 5.42
CA THR B 511 -29.85 -10.35 5.04
C THR B 511 -31.08 -11.22 4.70
N ASP B 512 -32.28 -10.66 4.77
CA ASP B 512 -33.45 -11.45 4.33
C ASP B 512 -33.51 -11.53 2.81
N ALA B 513 -33.16 -10.44 2.15
CA ALA B 513 -33.23 -10.33 0.68
C ALA B 513 -32.36 -11.29 -0.10
N GLU B 514 -31.24 -11.72 0.46
CA GLU B 514 -30.30 -12.56 -0.30
C GLU B 514 -30.88 -13.94 -0.59
N SER B 515 -31.88 -14.34 0.18
CA SER B 515 -32.61 -15.58 -0.11
C SER B 515 -33.06 -15.67 -1.55
N PHE B 516 -33.29 -14.54 -2.21
CA PHE B 516 -33.69 -14.57 -3.62
C PHE B 516 -32.55 -14.94 -4.55
N MET B 517 -31.33 -14.87 -4.06
CA MET B 517 -30.18 -15.03 -4.96
C MET B 517 -29.65 -16.45 -4.94
N ASN B 518 -30.29 -17.33 -4.19
CA ASN B 518 -29.97 -18.76 -4.26
C ASN B 518 -31.24 -19.58 -4.06
N LEU B 519 -32.18 -19.38 -4.96
CA LEU B 519 -33.53 -19.89 -4.80
C LEU B 519 -33.71 -20.94 -5.87
N PHE B 520 -33.65 -22.21 -5.50
CA PHE B 520 -33.55 -23.25 -6.52
C PHE B 520 -34.62 -24.30 -6.38
N VAL B 521 -35.31 -24.30 -5.24
CA VAL B 521 -36.41 -25.25 -5.06
C VAL B 521 -37.67 -24.77 -5.78
N THR B 522 -38.20 -25.59 -6.70
CA THR B 522 -39.38 -25.24 -7.46
C THR B 522 -40.56 -26.03 -6.98
N ILE B 523 -41.75 -25.46 -7.21
CA ILE B 523 -43.05 -26.11 -6.96
C ILE B 523 -43.17 -27.42 -7.74
N SER B 524 -42.88 -27.41 -9.03
CA SER B 524 -43.00 -28.62 -9.85
C SER B 524 -42.09 -29.77 -9.38
N SER B 525 -40.87 -29.46 -8.94
CA SER B 525 -39.92 -30.49 -8.47
C SER B 525 -40.43 -31.31 -7.28
N GLY B 526 -41.36 -30.75 -6.53
CA GLY B 526 -41.94 -31.46 -5.39
C GLY B 526 -41.09 -31.43 -4.14
N LEU B 527 -39.84 -30.97 -4.22
CA LEU B 527 -38.97 -31.01 -3.02
C LEU B 527 -39.44 -30.06 -1.94
N SER B 528 -39.03 -30.30 -0.71
CA SER B 528 -39.46 -29.50 0.42
C SER B 528 -38.91 -28.10 0.33
N TYR B 529 -39.78 -27.10 0.48
CA TYR B 529 -39.35 -25.71 0.52
C TYR B 529 -39.46 -25.13 1.93
N ALA B 530 -39.60 -25.99 2.92
CA ALA B 530 -39.78 -25.55 4.30
C ALA B 530 -38.47 -25.06 4.87
N ALA B 531 -38.60 -24.30 5.96
CA ALA B 531 -37.47 -23.71 6.62
C ALA B 531 -36.49 -24.81 6.99
N LYS B 532 -35.24 -24.67 6.55
CA LYS B 532 -34.17 -25.62 6.86
C LYS B 532 -33.53 -25.23 8.17
N GLY B 533 -33.70 -26.05 9.18
CA GLY B 533 -33.03 -25.82 10.44
C GLY B 533 -33.93 -25.09 11.42
N GLY B 534 -33.31 -24.48 12.42
CA GLY B 534 -34.05 -23.76 13.45
C GLY B 534 -34.69 -24.73 14.42
N SER B 535 -35.22 -24.21 15.53
CA SER B 535 -35.96 -25.04 16.47
C SER B 535 -37.43 -25.19 16.00
N GLY B 536 -37.64 -25.33 14.69
CA GLY B 536 -38.97 -25.42 14.11
C GLY B 536 -39.61 -26.80 14.24
N GLY B 537 -40.87 -26.79 14.69
CA GLY B 537 -41.64 -28.00 14.83
C GLY B 537 -41.29 -28.79 16.07
N GLY B 538 -40.75 -28.11 17.07
CA GLY B 538 -40.37 -28.79 18.29
C GLY B 538 -39.32 -29.84 18.03
N LYS B 539 -38.31 -29.45 17.28
CA LYS B 539 -37.10 -30.24 17.14
C LYS B 539 -36.08 -29.39 16.41
N CYS B 540 -34.83 -29.45 16.85
CA CYS B 540 -33.76 -28.65 16.26
C CYS B 540 -33.28 -29.24 14.94
N GLY B 541 -34.04 -28.95 13.88
CA GLY B 541 -33.80 -29.50 12.56
C GLY B 541 -34.98 -29.23 11.64
N HIS C 38 -14.54 20.16 7.40
CA HIS C 38 -14.37 20.32 5.95
C HIS C 38 -14.05 19.02 5.22
N THR C 39 -14.24 19.04 3.90
CA THR C 39 -14.06 17.88 3.04
C THR C 39 -13.23 18.25 1.80
N TYR C 40 -12.39 17.32 1.34
CA TYR C 40 -11.54 17.55 0.17
C TYR C 40 -11.52 16.31 -0.74
N ASP C 41 -11.15 16.49 -2.00
CA ASP C 41 -11.10 15.38 -2.93
C ASP C 41 -9.95 14.44 -2.59
N TYR C 42 -8.88 15.00 -2.03
CA TYR C 42 -7.71 14.22 -1.66
C TYR C 42 -7.09 14.74 -0.37
N ASP C 43 -6.41 13.85 0.34
CA ASP C 43 -5.75 14.22 1.59
C ASP C 43 -4.45 14.93 1.29
N TYR C 44 -3.92 14.66 0.10
CA TYR C 44 -2.60 15.14 -0.30
C TYR C 44 -2.57 15.32 -1.81
N VAL C 45 -2.39 16.57 -2.23
CA VAL C 45 -2.11 16.85 -3.64
C VAL C 45 -0.68 17.38 -3.69
N VAL C 46 0.13 16.81 -4.56
CA VAL C 46 1.49 17.29 -4.71
C VAL C 46 1.78 17.74 -6.13
N ILE C 47 2.46 18.88 -6.22
CA ILE C 47 2.83 19.46 -7.51
C ILE C 47 4.31 19.24 -7.78
N GLY C 48 4.59 18.28 -8.67
CA GLY C 48 5.94 17.92 -9.05
C GLY C 48 6.23 16.45 -8.95
N GLY C 49 6.67 15.83 -10.04
CA GLY C 49 7.06 14.43 -9.98
C GLY C 49 8.57 14.14 -10.00
N GLY C 50 9.31 14.84 -9.16
CA GLY C 50 10.74 14.57 -9.03
C GLY C 50 10.98 13.78 -7.77
N PRO C 51 12.24 13.61 -7.35
CA PRO C 51 12.60 12.87 -6.14
C PRO C 51 11.76 13.20 -4.91
N GLY C 52 11.57 14.48 -4.63
CA GLY C 52 10.87 14.88 -3.41
C GLY C 52 9.39 14.64 -3.49
N GLY C 53 8.78 15.13 -4.56
CA GLY C 53 7.35 14.99 -4.75
C GLY C 53 6.95 13.53 -4.76
N MET C 54 7.65 12.71 -5.55
CA MET C 54 7.31 11.30 -5.66
C MET C 54 7.49 10.58 -4.35
N ALA C 55 8.57 10.90 -3.65
CA ALA C 55 8.85 10.24 -2.39
C ALA C 55 7.77 10.58 -1.35
N SER C 56 7.42 11.85 -1.25
CA SER C 56 6.42 12.27 -0.27
C SER C 56 5.08 11.65 -0.57
N ALA C 57 4.73 11.58 -1.85
CA ALA C 57 3.44 11.03 -2.28
C ALA C 57 3.33 9.56 -1.88
N LYS C 58 4.35 8.77 -2.22
CA LYS C 58 4.35 7.34 -1.92
C LYS C 58 4.36 7.04 -0.42
N GLU C 59 5.07 7.83 0.38
CA GLU C 59 5.00 7.66 1.83
C GLU C 59 3.60 7.96 2.34
N ALA C 60 3.08 9.12 1.96
CA ALA C 60 1.73 9.54 2.35
C ALA C 60 0.66 8.48 2.05
N ALA C 61 0.66 7.98 0.82
CA ALA C 61 -0.19 6.87 0.41
C ALA C 61 -0.08 5.64 1.33
N ALA C 62 1.14 5.23 1.64
CA ALA C 62 1.35 4.02 2.43
C ALA C 62 0.89 4.20 3.87
N HIS C 63 0.45 5.40 4.23
CA HIS C 63 -0.10 5.64 5.57
C HIS C 63 -1.59 5.94 5.55
N GLY C 64 -2.23 5.67 4.41
CA GLY C 64 -3.68 5.80 4.29
C GLY C 64 -4.20 7.01 3.52
N ALA C 65 -3.33 7.98 3.26
CA ALA C 65 -3.75 9.19 2.57
C ALA C 65 -4.18 8.88 1.15
N ARG C 66 -5.25 9.56 0.71
CA ARG C 66 -5.61 9.59 -0.69
C ARG C 66 -4.74 10.65 -1.34
N VAL C 67 -4.01 10.27 -2.39
CA VAL C 67 -2.95 11.12 -2.91
C VAL C 67 -3.08 11.36 -4.41
N LEU C 68 -2.93 12.62 -4.80
CA LEU C 68 -2.86 12.97 -6.22
C LEU C 68 -1.54 13.70 -6.49
N LEU C 69 -0.88 13.32 -7.58
CA LEU C 69 0.39 13.96 -7.93
C LEU C 69 0.36 14.49 -9.35
N PHE C 70 0.81 15.74 -9.51
CA PHE C 70 0.92 16.33 -10.84
C PHE C 70 2.36 16.43 -11.27
N ASP C 71 2.64 16.06 -12.53
CA ASP C 71 3.95 16.37 -13.10
C ASP C 71 3.86 16.76 -14.57
N TYR C 72 4.49 17.87 -14.92
CA TYR C 72 4.50 18.36 -16.30
C TYR C 72 5.81 19.06 -16.61
N VAL C 73 6.40 18.74 -17.76
CA VAL C 73 7.70 19.28 -18.09
C VAL C 73 7.58 20.41 -19.09
N LYS C 74 7.71 21.65 -18.62
CA LYS C 74 7.73 22.78 -19.53
C LYS C 74 9.05 22.73 -20.26
N PRO C 75 9.02 22.76 -21.61
CA PRO C 75 10.24 22.67 -22.43
C PRO C 75 11.31 23.68 -22.05
N SER C 76 12.54 23.43 -22.49
CA SER C 76 13.68 24.24 -22.06
C SER C 76 13.86 25.33 -23.06
N SER C 77 14.78 26.25 -22.77
CA SER C 77 15.14 27.36 -23.67
C SER C 77 15.19 26.89 -25.11
N GLN C 78 15.63 25.65 -25.33
CA GLN C 78 15.82 25.14 -26.68
C GLN C 78 14.74 24.15 -27.07
N GLY C 79 13.72 24.01 -26.22
CA GLY C 79 12.58 23.16 -26.55
C GLY C 79 12.70 21.69 -26.17
N THR C 80 13.70 21.35 -25.36
CA THR C 80 13.91 19.97 -24.94
C THR C 80 12.87 19.58 -23.90
N LYS C 81 12.31 18.36 -24.01
CA LYS C 81 11.43 17.85 -22.97
C LYS C 81 11.68 16.39 -22.65
N TRP C 82 11.00 15.87 -21.62
CA TRP C 82 11.30 14.54 -21.10
C TRP C 82 10.20 14.01 -20.19
N GLY C 83 10.40 12.79 -19.71
CA GLY C 83 9.40 12.09 -18.95
C GLY C 83 9.35 12.46 -17.47
N ILE C 84 8.71 11.59 -16.70
CA ILE C 84 8.46 11.82 -15.29
C ILE C 84 9.71 11.48 -14.48
N GLY C 85 9.85 12.05 -13.30
CA GLY C 85 11.01 11.75 -12.49
C GLY C 85 11.75 13.00 -12.10
N GLY C 86 11.46 14.12 -12.77
CA GLY C 86 12.13 15.38 -12.48
C GLY C 86 13.55 15.50 -13.02
N THR C 87 14.28 16.45 -12.45
CA THR C 87 15.61 16.81 -12.92
C THR C 87 16.58 15.64 -12.83
N CYS C 88 16.62 15.02 -11.65
CA CYS C 88 17.54 13.92 -11.34
C CYS C 88 17.62 12.80 -12.40
N VAL C 89 16.48 12.24 -12.79
CA VAL C 89 16.48 11.08 -13.67
C VAL C 89 16.73 11.44 -15.12
N ASN C 90 16.15 12.55 -15.57
CA ASN C 90 16.18 12.94 -16.97
C ASN C 90 17.30 13.88 -17.42
N VAL C 91 17.61 14.87 -16.59
CA VAL C 91 18.53 15.92 -16.99
C VAL C 91 19.47 16.34 -15.84
N GLY C 92 19.89 15.36 -15.04
CA GLY C 92 20.72 15.58 -13.87
C GLY C 92 21.51 14.34 -13.53
N CYS C 93 21.41 13.90 -12.26
CA CYS C 93 22.31 12.88 -11.72
C CYS C 93 22.47 11.64 -12.57
N VAL C 94 21.37 11.06 -13.03
CA VAL C 94 21.48 9.82 -13.77
C VAL C 94 22.20 9.97 -15.13
N PRO C 95 21.73 10.88 -16.01
CA PRO C 95 22.47 10.89 -17.28
C PRO C 95 23.86 11.51 -17.13
N LYS C 96 24.03 12.33 -16.10
CA LYS C 96 25.33 12.92 -15.87
C LYS C 96 26.34 11.83 -15.47
N LYS C 97 25.92 10.92 -14.61
CA LYS C 97 26.81 9.83 -14.19
C LYS C 97 27.15 8.90 -15.35
N LEU C 98 26.18 8.73 -16.25
CA LEU C 98 26.35 7.83 -17.38
C LEU C 98 27.41 8.32 -18.36
N MET C 99 27.39 9.61 -18.66
CA MET C 99 28.37 10.22 -19.57
C MET C 99 29.71 10.44 -18.90
N HIS C 100 29.70 10.64 -17.59
CA HIS C 100 30.94 10.65 -16.84
C HIS C 100 31.66 9.32 -17.03
N TYR C 101 30.91 8.22 -16.94
CA TYR C 101 31.47 6.91 -17.21
C TYR C 101 32.06 6.88 -18.61
N ALA C 102 31.32 7.38 -19.59
CA ALA C 102 31.77 7.40 -20.98
C ALA C 102 33.11 8.09 -21.08
N GLY C 103 33.23 9.22 -20.37
CA GLY C 103 34.41 10.04 -20.44
C GLY C 103 35.56 9.38 -19.73
N HIS C 104 35.32 9.00 -18.48
CA HIS C 104 36.32 8.33 -17.66
C HIS C 104 36.95 7.15 -18.42
N MET C 105 36.08 6.36 -19.03
CA MET C 105 36.46 5.25 -19.87
C MET C 105 37.46 5.71 -20.92
N GLY C 106 37.15 6.80 -21.59
CA GLY C 106 38.01 7.32 -22.64
C GLY C 106 39.37 7.71 -22.13
N SER C 107 39.39 8.39 -20.98
CA SER C 107 40.65 8.74 -20.36
C SER C 107 41.47 7.48 -20.11
N ILE C 108 40.84 6.40 -19.64
CA ILE C 108 41.56 5.15 -19.42
C ILE C 108 42.21 4.63 -20.71
N PHE C 109 41.46 4.66 -21.81
CA PHE C 109 41.96 4.21 -23.12
C PHE C 109 43.20 5.03 -23.50
N LYS C 110 43.10 6.34 -23.37
CA LYS C 110 44.07 7.27 -23.96
C LYS C 110 45.32 7.47 -23.11
N LEU C 111 45.13 7.41 -21.80
CA LEU C 111 46.20 7.70 -20.84
C LEU C 111 46.87 6.46 -20.26
N ASP C 112 46.09 5.41 -20.00
CA ASP C 112 46.55 4.30 -19.20
C ASP C 112 46.72 2.98 -19.94
N SER C 113 45.89 2.75 -20.95
CA SER C 113 45.74 1.40 -21.52
C SER C 113 47.02 0.85 -22.12
N LYS C 114 47.80 1.72 -22.75
CA LYS C 114 49.02 1.27 -23.37
C LYS C 114 49.99 0.75 -22.31
N ALA C 115 50.09 1.48 -21.21
CA ALA C 115 50.96 1.09 -20.10
C ALA C 115 50.60 -0.28 -19.53
N TYR C 116 49.32 -0.63 -19.57
CA TYR C 116 48.90 -1.90 -18.96
C TYR C 116 48.85 -3.05 -19.95
N GLY C 117 49.27 -2.78 -21.19
CA GLY C 117 49.48 -3.83 -22.16
C GLY C 117 48.42 -3.97 -23.24
N TRP C 118 47.52 -3.00 -23.33
CA TRP C 118 46.46 -3.05 -24.33
C TRP C 118 46.82 -2.29 -25.61
N LYS C 119 46.56 -2.92 -26.75
CA LYS C 119 46.83 -2.33 -28.05
C LYS C 119 45.53 -2.28 -28.85
N PHE C 120 45.31 -1.16 -29.53
CA PHE C 120 44.14 -1.00 -30.36
C PHE C 120 44.41 0.03 -31.47
N ASP C 121 43.55 0.03 -32.50
CA ASP C 121 43.68 0.99 -33.61
C ASP C 121 42.43 1.83 -33.82
N ASN C 122 42.62 3.09 -34.19
CA ASN C 122 41.54 3.99 -34.60
C ASN C 122 40.47 4.17 -33.52
N LEU C 123 40.88 4.70 -32.39
CA LEU C 123 39.95 4.98 -31.31
C LEU C 123 39.19 6.24 -31.66
N LYS C 124 37.87 6.12 -31.80
CA LYS C 124 37.02 7.29 -31.99
C LYS C 124 35.77 7.14 -31.16
N HIS C 125 35.17 8.25 -30.76
CA HIS C 125 33.92 8.19 -30.03
C HIS C 125 32.74 8.74 -30.84
N ASP C 126 31.63 8.01 -30.77
CA ASP C 126 30.41 8.36 -31.48
C ASP C 126 29.41 8.98 -30.50
N TRP C 127 29.16 10.28 -30.63
CA TRP C 127 28.28 10.95 -29.68
C TRP C 127 26.83 10.49 -29.81
N LYS C 128 26.39 10.24 -31.04
CA LYS C 128 25.01 9.84 -31.27
C LYS C 128 24.69 8.56 -30.50
N LYS C 129 25.59 7.59 -30.56
CA LYS C 129 25.38 6.31 -29.89
C LYS C 129 25.32 6.49 -28.37
N LEU C 130 26.18 7.34 -27.82
CA LEU C 130 26.18 7.59 -26.37
C LEU C 130 24.82 8.11 -25.96
N VAL C 131 24.37 9.15 -26.65
CA VAL C 131 23.07 9.77 -26.35
C VAL C 131 21.92 8.74 -26.43
N THR C 132 21.92 7.89 -27.44
CA THR C 132 20.84 6.90 -27.50
C THR C 132 20.94 5.86 -26.38
N THR C 133 22.15 5.48 -25.98
CA THR C 133 22.28 4.54 -24.86
C THR C 133 21.80 5.20 -23.56
N VAL C 134 22.05 6.50 -23.43
CA VAL C 134 21.64 7.23 -22.23
C VAL C 134 20.13 7.47 -22.21
N GLN C 135 19.55 7.81 -23.37
CA GLN C 135 18.10 8.09 -23.40
C GLN C 135 17.24 6.81 -23.25
N SER C 136 17.67 5.71 -23.86
CA SER C 136 17.03 4.42 -23.68
C SER C 136 16.88 4.12 -22.22
N HIS C 137 17.94 4.37 -21.46
CA HIS C 137 17.94 4.07 -20.03
C HIS C 137 17.04 5.02 -19.26
N ILE C 138 17.13 6.31 -19.59
CA ILE C 138 16.25 7.27 -18.95
C ILE C 138 14.78 6.90 -19.21
N ARG C 139 14.49 6.46 -20.43
CA ARG C 139 13.11 6.13 -20.78
C ARG C 139 12.64 4.90 -19.99
N SER C 140 13.56 4.01 -19.63
CA SER C 140 13.20 2.84 -18.85
C SER C 140 12.94 3.22 -17.40
N LEU C 141 13.69 4.19 -16.89
CA LEU C 141 13.42 4.67 -15.54
C LEU C 141 12.14 5.50 -15.50
N ASN C 142 11.79 6.13 -16.63
CA ASN C 142 10.54 6.88 -16.69
C ASN C 142 9.37 5.94 -16.42
N PHE C 143 9.37 4.82 -17.15
CA PHE C 143 8.32 3.81 -17.03
C PHE C 143 8.24 3.27 -15.60
N SER C 144 9.37 2.85 -15.08
CA SER C 144 9.40 2.25 -13.75
C SER C 144 8.97 3.22 -12.65
N TYR C 145 9.32 4.51 -12.76
CA TYR C 145 8.87 5.48 -11.75
C TYR C 145 7.37 5.69 -11.82
N MET C 146 6.84 5.46 -13.01
CA MET C 146 5.41 5.63 -13.22
C MET C 146 4.64 4.47 -12.63
N THR C 147 5.06 3.24 -12.94
CA THR C 147 4.41 2.05 -12.37
C THR C 147 4.57 1.97 -10.86
N GLY C 148 5.60 2.60 -10.32
CA GLY C 148 5.80 2.61 -8.89
C GLY C 148 4.76 3.50 -8.22
N LEU C 149 4.43 4.61 -8.86
CA LEU C 149 3.41 5.49 -8.33
C LEU C 149 2.11 4.71 -8.30
N ARG C 150 1.84 4.00 -9.39
CA ARG C 150 0.61 3.23 -9.51
C ARG C 150 0.51 2.15 -8.43
N SER C 151 1.62 1.46 -8.15
CA SER C 151 1.64 0.42 -7.14
C SER C 151 1.37 0.97 -5.77
N SER C 152 1.90 2.16 -5.48
CA SER C 152 1.66 2.79 -4.18
C SER C 152 0.30 3.51 -4.12
N LYS C 153 -0.51 3.32 -5.15
CA LYS C 153 -1.89 3.85 -5.18
C LYS C 153 -1.96 5.38 -5.27
N VAL C 154 -0.96 5.98 -5.92
CA VAL C 154 -0.94 7.42 -6.13
C VAL C 154 -1.44 7.73 -7.52
N LYS C 155 -2.44 8.61 -7.62
CA LYS C 155 -2.95 8.98 -8.93
C LYS C 155 -2.07 10.05 -9.54
N TYR C 156 -1.60 9.78 -10.76
CA TYR C 156 -0.69 10.69 -11.41
C TYR C 156 -1.36 11.27 -12.62
N ILE C 157 -1.29 12.59 -12.71
CA ILE C 157 -1.84 13.31 -13.83
C ILE C 157 -0.75 14.12 -14.50
N ASN C 158 -0.48 13.82 -15.76
CA ASN C 158 0.47 14.60 -16.55
C ASN C 158 -0.15 15.94 -16.90
N GLY C 159 -0.20 16.85 -15.93
CA GLY C 159 -0.78 18.16 -16.18
C GLY C 159 -0.11 19.33 -15.52
N LEU C 160 -0.10 20.46 -16.21
CA LEU C 160 0.46 21.70 -15.69
C LEU C 160 -0.39 22.17 -14.53
N ALA C 161 0.22 22.50 -13.40
CA ALA C 161 -0.58 22.86 -12.22
C ALA C 161 -0.20 24.17 -11.52
N LYS C 162 -1.19 24.79 -10.86
CA LYS C 162 -0.99 26.02 -10.11
C LYS C 162 -2.06 25.97 -9.04
N LEU C 163 -2.00 26.85 -8.06
CA LEU C 163 -3.07 26.83 -7.08
C LEU C 163 -4.02 28.01 -7.18
N LYS C 164 -5.32 27.69 -7.17
CA LYS C 164 -6.37 28.69 -7.19
C LYS C 164 -6.67 29.18 -5.78
N ASP C 165 -6.24 28.42 -4.77
CA ASP C 165 -6.74 28.61 -3.41
C ASP C 165 -5.91 27.82 -2.40
N LYS C 166 -5.96 28.25 -1.14
CA LYS C 166 -5.19 27.60 -0.06
C LYS C 166 -5.54 26.12 0.14
N ASN C 167 -6.59 25.64 -0.52
CA ASN C 167 -6.88 24.20 -0.55
C ASN C 167 -7.29 23.73 -1.93
N THR C 168 -6.96 24.49 -2.95
CA THR C 168 -7.43 24.19 -4.31
C THR C 168 -6.34 24.37 -5.34
N VAL C 169 -6.31 23.47 -6.31
CA VAL C 169 -5.30 23.44 -7.36
C VAL C 169 -5.97 23.36 -8.72
N SER C 170 -5.60 24.27 -9.62
CA SER C 170 -6.14 24.27 -10.97
C SER C 170 -5.14 23.58 -11.88
N TYR C 171 -5.62 22.81 -12.86
CA TYR C 171 -4.69 22.16 -13.78
C TYR C 171 -5.19 22.07 -15.22
N TYR C 172 -4.30 21.63 -16.10
CA TYR C 172 -4.52 21.62 -17.53
C TYR C 172 -3.93 20.36 -18.18
N LEU C 173 -4.77 19.39 -18.51
CA LEU C 173 -4.30 18.11 -19.07
C LEU C 173 -3.37 18.28 -20.25
N LYS C 174 -2.20 17.65 -20.14
CA LYS C 174 -1.22 17.59 -21.23
C LYS C 174 -0.75 18.98 -21.73
N GLY C 175 -0.68 19.95 -20.82
CA GLY C 175 -0.26 21.31 -21.14
C GLY C 175 -1.34 22.23 -21.73
N ASP C 176 -2.30 21.62 -22.42
CA ASP C 176 -3.41 22.30 -23.12
C ASP C 176 -4.27 23.23 -22.23
N LEU C 177 -4.12 24.54 -22.41
CA LEU C 177 -4.80 25.50 -21.54
C LEU C 177 -6.26 25.78 -21.94
N SER C 178 -6.81 24.94 -22.82
CA SER C 178 -8.22 25.05 -23.19
C SER C 178 -9.14 24.79 -21.99
N LYS C 179 -9.01 23.62 -21.35
CA LYS C 179 -9.82 23.35 -20.15
C LYS C 179 -9.01 23.32 -18.86
N GLU C 180 -9.23 24.35 -18.03
CA GLU C 180 -8.82 24.33 -16.63
C GLU C 180 -9.78 23.47 -15.80
N GLU C 181 -9.28 22.40 -15.20
CA GLU C 181 -10.06 21.63 -14.24
C GLU C 181 -9.53 21.91 -12.86
N THR C 182 -10.29 21.60 -11.82
CA THR C 182 -9.85 21.89 -10.45
C THR C 182 -10.04 20.71 -9.48
N VAL C 183 -9.25 20.71 -8.41
CA VAL C 183 -9.29 19.66 -7.39
C VAL C 183 -8.88 20.25 -6.04
N THR C 184 -9.40 19.68 -4.96
CA THR C 184 -9.10 20.16 -3.62
C THR C 184 -8.30 19.14 -2.81
N GLY C 185 -7.56 19.63 -1.82
CA GLY C 185 -6.73 18.78 -0.98
C GLY C 185 -6.59 19.36 0.40
N LYS C 186 -6.47 18.48 1.40
CA LYS C 186 -6.33 18.91 2.79
C LYS C 186 -5.00 19.61 2.96
N TYR C 187 -3.98 19.00 2.34
CA TYR C 187 -2.61 19.51 2.32
C TYR C 187 -2.01 19.53 0.90
N ILE C 188 -1.39 20.65 0.54
CA ILE C 188 -0.71 20.74 -0.73
C ILE C 188 0.81 20.76 -0.53
N LEU C 189 1.52 19.97 -1.32
CA LEU C 189 2.98 19.99 -1.33
C LEU C 189 3.50 20.54 -2.64
N ILE C 190 4.28 21.60 -2.56
CA ILE C 190 4.93 22.12 -3.75
C ILE C 190 6.35 21.56 -3.82
N ALA C 191 6.63 20.89 -4.93
CA ALA C 191 7.92 20.25 -5.14
C ALA C 191 8.27 20.34 -6.62
N THR C 192 8.34 21.56 -7.13
CA THR C 192 8.52 21.80 -8.55
C THR C 192 9.98 21.92 -8.93
N GLY C 193 10.84 22.02 -7.94
CA GLY C 193 12.26 22.01 -8.21
C GLY C 193 12.77 23.26 -8.89
N CYS C 194 13.80 23.11 -9.73
CA CYS C 194 14.49 24.25 -10.31
C CYS C 194 14.77 24.03 -11.80
N ARG C 195 15.07 25.11 -12.51
CA ARG C 195 15.54 25.01 -13.90
C ARG C 195 16.78 25.90 -14.06
N PRO C 196 17.60 25.63 -15.07
CA PRO C 196 18.80 26.45 -15.22
C PRO C 196 18.49 27.88 -15.60
N HIS C 197 19.32 28.79 -15.11
CA HIS C 197 19.15 30.21 -15.39
C HIS C 197 20.13 30.69 -16.46
N ILE C 198 19.59 31.32 -17.50
CA ILE C 198 20.41 32.01 -18.48
C ILE C 198 20.21 33.51 -18.25
N PRO C 199 21.32 34.26 -18.10
CA PRO C 199 21.21 35.67 -17.67
C PRO C 199 20.54 36.58 -18.69
N ASP C 200 19.94 37.64 -18.18
CA ASP C 200 19.18 38.60 -19.01
C ASP C 200 20.12 39.55 -19.73
N ASP C 201 21.20 39.92 -19.03
CA ASP C 201 22.10 40.97 -19.48
C ASP C 201 23.13 40.53 -20.52
N VAL C 202 22.87 39.43 -21.22
CA VAL C 202 23.83 38.92 -22.19
C VAL C 202 23.14 38.62 -23.49
N GLU C 203 23.44 39.44 -24.49
CA GLU C 203 22.70 39.45 -25.74
C GLU C 203 22.91 38.19 -26.56
N GLY C 204 21.83 37.45 -26.78
CA GLY C 204 21.88 36.25 -27.58
C GLY C 204 22.03 35.01 -26.73
N ALA C 205 22.15 35.20 -25.41
CA ALA C 205 22.40 34.10 -24.50
C ALA C 205 21.20 33.17 -24.44
N LYS C 206 20.06 33.71 -24.02
CA LYS C 206 18.84 32.92 -23.87
C LYS C 206 18.45 32.26 -25.18
N GLU C 207 18.88 32.87 -26.28
CA GLU C 207 18.39 32.48 -27.59
C GLU C 207 19.26 31.42 -28.26
N LEU C 208 20.55 31.41 -27.92
CA LEU C 208 21.51 30.62 -28.68
C LEU C 208 22.21 29.52 -27.86
N SER C 209 22.26 29.71 -26.55
CA SER C 209 22.99 28.78 -25.69
C SER C 209 22.12 27.63 -25.17
N ILE C 210 22.73 26.47 -24.93
CA ILE C 210 22.04 25.36 -24.30
C ILE C 210 22.35 25.32 -22.81
N THR C 211 21.64 24.45 -22.09
CA THR C 211 21.87 24.19 -20.66
C THR C 211 21.88 22.71 -20.37
N SER C 212 21.92 22.37 -19.07
CA SER C 212 21.93 20.99 -18.64
C SER C 212 20.66 20.28 -19.10
N ASP C 213 19.59 21.03 -19.34
CA ASP C 213 18.39 20.40 -19.86
C ASP C 213 18.61 19.84 -21.27
N ASP C 214 19.65 20.33 -21.95
CA ASP C 214 19.81 20.03 -23.37
C ASP C 214 20.95 19.12 -23.65
N ILE C 215 22.00 19.21 -22.83
CA ILE C 215 23.24 18.49 -23.10
C ILE C 215 23.06 16.97 -23.26
N PHE C 216 22.27 16.35 -22.40
CA PHE C 216 22.19 14.89 -22.39
C PHE C 216 21.37 14.28 -23.53
N SER C 217 20.74 15.12 -24.35
CA SER C 217 19.94 14.60 -25.45
C SER C 217 20.28 15.25 -26.78
N LEU C 218 21.23 16.19 -26.77
CA LEU C 218 21.69 16.92 -27.96
C LEU C 218 21.77 16.08 -29.22
N LYS C 219 21.31 16.63 -30.33
CA LYS C 219 21.27 15.86 -31.57
C LYS C 219 22.54 16.03 -32.42
N LYS C 220 23.18 17.18 -32.27
CA LYS C 220 24.45 17.43 -32.95
C LYS C 220 25.60 17.12 -31.99
N ASP C 221 26.73 16.67 -32.54
CA ASP C 221 27.96 16.53 -31.74
C ASP C 221 28.24 17.88 -31.08
N PRO C 222 28.59 17.88 -29.79
CA PRO C 222 28.80 19.14 -29.08
C PRO C 222 29.91 19.99 -29.71
N GLY C 223 30.90 19.35 -30.32
CA GLY C 223 32.04 20.06 -30.90
C GLY C 223 32.72 21.04 -29.95
N LYS C 224 33.39 22.05 -30.51
CA LYS C 224 34.07 23.07 -29.71
C LYS C 224 33.07 23.77 -28.80
N THR C 225 33.22 23.55 -27.50
CA THR C 225 32.21 23.97 -26.54
C THR C 225 32.73 24.99 -25.54
N LEU C 226 31.99 26.08 -25.36
CA LEU C 226 32.26 26.98 -24.25
C LEU C 226 31.27 26.68 -23.15
N VAL C 227 31.76 26.40 -21.96
CA VAL C 227 30.91 26.26 -20.79
C VAL C 227 31.06 27.50 -19.93
N VAL C 228 29.96 28.10 -19.54
CA VAL C 228 30.03 29.32 -18.76
C VAL C 228 29.55 28.99 -17.37
N GLY C 229 30.38 29.24 -16.36
CA GLY C 229 29.99 28.96 -14.99
C GLY C 229 31.08 28.10 -14.39
N ALA C 230 31.06 27.91 -13.08
CA ALA C 230 32.09 27.10 -12.44
C ALA C 230 31.54 26.28 -11.28
N SER C 231 30.23 26.04 -11.30
CA SER C 231 29.57 25.23 -10.30
C SER C 231 29.91 23.81 -10.59
N TYR C 232 29.50 22.91 -9.71
CA TYR C 232 29.76 21.49 -9.98
C TYR C 232 29.18 21.02 -11.34
N VAL C 233 28.04 21.57 -11.74
CA VAL C 233 27.43 21.19 -13.02
C VAL C 233 28.26 21.63 -14.24
N ALA C 234 28.78 22.84 -14.22
CA ALA C 234 29.72 23.30 -15.26
C ALA C 234 30.95 22.41 -15.34
N LEU C 235 31.61 22.19 -14.21
CA LEU C 235 32.85 21.40 -14.21
C LEU C 235 32.61 19.96 -14.62
N GLU C 236 31.48 19.38 -14.23
CA GLU C 236 31.22 17.98 -14.60
C GLU C 236 30.95 17.81 -16.10
N CYS C 237 30.21 18.73 -16.71
CA CYS C 237 30.02 18.65 -18.16
C CYS C 237 31.31 18.98 -18.95
N SER C 238 32.11 19.94 -18.48
CA SER C 238 33.37 20.26 -19.15
C SER C 238 34.22 19.01 -19.16
N GLY C 239 34.31 18.40 -18.00
CA GLY C 239 35.10 17.21 -17.80
C GLY C 239 34.81 16.06 -18.75
N PHE C 240 33.54 15.62 -18.82
CA PHE C 240 33.26 14.45 -19.65
C PHE C 240 33.35 14.79 -21.12
N LEU C 241 32.95 16.01 -21.47
CA LEU C 241 33.03 16.50 -22.86
C LEU C 241 34.48 16.49 -23.32
N ASN C 242 35.37 17.02 -22.50
CA ASN C 242 36.81 16.94 -22.76
C ASN C 242 37.31 15.51 -22.90
N SER C 243 36.99 14.65 -21.94
CA SER C 243 37.47 13.28 -22.00
C SER C 243 36.92 12.57 -23.25
N LEU C 244 35.71 12.95 -23.64
CA LEU C 244 35.07 12.36 -24.81
C LEU C 244 35.80 12.78 -26.11
N GLY C 245 36.52 13.91 -26.04
CA GLY C 245 37.40 14.31 -27.12
C GLY C 245 37.17 15.68 -27.71
N TYR C 246 36.31 16.46 -27.09
CA TYR C 246 35.99 17.77 -27.60
C TYR C 246 36.88 18.86 -27.04
N ASP C 247 37.09 19.90 -27.82
CA ASP C 247 37.80 21.08 -27.36
C ASP C 247 36.86 21.85 -26.41
N VAL C 248 37.26 21.99 -25.16
CA VAL C 248 36.37 22.54 -24.15
C VAL C 248 36.98 23.74 -23.45
N THR C 249 36.22 24.83 -23.36
CA THR C 249 36.67 26.04 -22.67
C THR C 249 35.66 26.41 -21.59
N VAL C 250 36.16 26.92 -20.46
CA VAL C 250 35.30 27.23 -19.32
C VAL C 250 35.50 28.69 -18.91
N ALA C 251 34.48 29.52 -19.07
CA ALA C 251 34.55 30.91 -18.60
C ALA C 251 34.08 31.00 -17.16
N VAL C 252 34.96 31.49 -16.30
CA VAL C 252 34.74 31.46 -14.87
C VAL C 252 34.86 32.88 -14.34
N ARG C 253 33.81 33.42 -13.75
CA ARG C 253 34.02 34.63 -12.97
C ARG C 253 34.74 34.18 -11.70
N SER C 254 35.82 34.88 -11.35
CA SER C 254 36.59 34.58 -10.13
C SER C 254 36.99 33.11 -9.93
N ILE C 255 36.25 32.39 -9.07
CA ILE C 255 36.65 31.03 -8.63
C ILE C 255 35.71 29.84 -8.92
N VAL C 256 36.28 28.67 -8.75
CA VAL C 256 35.67 27.40 -9.11
C VAL C 256 35.15 26.73 -7.85
N LEU C 257 34.02 26.05 -7.99
CA LEU C 257 33.38 25.35 -6.88
C LEU C 257 33.22 26.26 -5.68
N ARG C 258 32.84 27.50 -5.95
CA ARG C 258 32.58 28.45 -4.89
C ARG C 258 31.67 27.77 -3.86
N GLY C 259 31.90 28.07 -2.59
CA GLY C 259 31.14 27.40 -1.55
C GLY C 259 31.83 26.15 -1.04
N PHE C 260 32.60 25.49 -1.90
CA PHE C 260 33.31 24.27 -1.48
C PHE C 260 34.73 24.57 -1.01
N ASP C 261 35.32 23.64 -0.25
CA ASP C 261 36.71 23.76 0.24
C ASP C 261 37.64 24.08 -0.93
N GLN C 262 38.34 25.21 -0.87
CA GLN C 262 39.06 25.66 -2.04
C GLN C 262 40.39 24.92 -2.32
N GLN C 263 41.01 24.32 -1.31
CA GLN C 263 42.18 23.51 -1.61
C GLN C 263 41.79 22.40 -2.57
N CYS C 264 40.66 21.76 -2.28
CA CYS C 264 40.14 20.69 -3.13
C CYS C 264 39.68 21.21 -4.48
N ALA C 265 39.05 22.39 -4.46
CA ALA C 265 38.63 23.02 -5.70
C ALA C 265 39.81 23.21 -6.65
N VAL C 266 40.91 23.77 -6.16
CA VAL C 266 42.09 23.96 -7.00
C VAL C 266 42.62 22.61 -7.48
N LYS C 267 42.60 21.62 -6.60
CA LYS C 267 43.10 20.29 -6.99
C LYS C 267 42.29 19.75 -8.17
N VAL C 268 40.97 19.95 -8.11
CA VAL C 268 40.15 19.45 -9.20
C VAL C 268 40.44 20.23 -10.48
N LYS C 269 40.42 21.55 -10.37
CA LYS C 269 40.67 22.45 -11.50
C LYS C 269 42.01 22.08 -12.15
N LEU C 270 43.06 21.97 -11.34
CA LEU C 270 44.38 21.61 -11.87
C LEU C 270 44.36 20.31 -12.65
N TYR C 271 43.69 19.31 -12.09
CA TYR C 271 43.61 18.02 -12.77
C TYR C 271 42.95 18.18 -14.14
N MET C 272 41.84 18.91 -14.20
CA MET C 272 41.16 19.10 -15.49
C MET C 272 42.03 19.83 -16.51
N GLU C 273 42.68 20.90 -16.05
CA GLU C 273 43.64 21.63 -16.87
C GLU C 273 44.71 20.73 -17.45
N GLU C 274 45.26 19.84 -16.62
CA GLU C 274 46.33 18.96 -17.08
C GLU C 274 45.83 17.84 -17.98
N GLN C 275 44.53 17.83 -18.28
CA GLN C 275 43.98 16.88 -19.23
C GLN C 275 43.44 17.56 -20.48
N GLY C 276 43.44 18.89 -20.49
CA GLY C 276 43.11 19.60 -21.71
C GLY C 276 42.14 20.74 -21.61
N VAL C 277 41.34 20.81 -20.55
CA VAL C 277 40.33 21.86 -20.51
C VAL C 277 40.96 23.21 -20.18
N MET C 278 40.49 24.25 -20.87
CA MET C 278 41.09 25.58 -20.71
C MET C 278 40.18 26.44 -19.88
N PHE C 279 40.74 27.18 -18.94
CA PHE C 279 39.92 28.02 -18.08
C PHE C 279 40.15 29.52 -18.30
N LYS C 280 39.25 30.17 -19.05
CA LYS C 280 39.27 31.63 -19.16
C LYS C 280 38.93 32.26 -17.83
N ASN C 281 39.94 32.52 -17.00
CA ASN C 281 39.72 33.12 -15.68
C ASN C 281 39.32 34.58 -15.70
N GLY C 282 38.29 34.92 -14.95
CA GLY C 282 37.80 36.28 -14.86
C GLY C 282 37.19 36.87 -16.13
N ILE C 283 36.93 36.02 -17.13
CA ILE C 283 36.48 36.50 -18.43
C ILE C 283 35.16 35.86 -18.86
N LEU C 284 34.05 36.54 -18.64
CA LEU C 284 32.74 36.03 -19.02
C LEU C 284 32.30 36.54 -20.40
N PRO C 285 31.39 35.82 -21.08
CA PRO C 285 30.83 36.36 -22.33
C PRO C 285 29.95 37.59 -22.09
N LYS C 286 30.02 38.56 -23.00
CA LYS C 286 29.18 39.76 -22.91
C LYS C 286 28.10 39.78 -24.01
N LYS C 287 28.33 39.03 -25.10
CA LYS C 287 27.39 38.98 -26.23
C LYS C 287 27.56 37.68 -27.04
N LEU C 288 26.44 37.13 -27.51
CA LEU C 288 26.47 35.96 -28.41
C LEU C 288 25.70 36.25 -29.69
N THR C 289 26.26 35.85 -30.82
CA THR C 289 25.65 36.14 -32.10
C THR C 289 25.54 34.89 -32.94
N LYS C 290 24.32 34.56 -33.36
CA LYS C 290 24.11 33.39 -34.21
C LYS C 290 24.81 33.62 -35.52
N MET C 291 25.47 32.59 -36.03
CA MET C 291 26.34 32.79 -37.16
C MET C 291 26.52 31.50 -37.91
N ASP C 292 25.49 31.09 -38.64
CA ASP C 292 25.45 29.79 -39.30
C ASP C 292 25.40 28.71 -38.23
N ASP C 293 26.12 27.60 -38.46
CA ASP C 293 26.17 26.51 -37.49
C ASP C 293 27.18 26.75 -36.36
N LYS C 294 27.48 28.00 -36.09
CA LYS C 294 28.47 28.32 -35.07
C LYS C 294 27.99 29.54 -34.28
N ILE C 295 28.72 29.89 -33.22
CA ILE C 295 28.34 31.02 -32.38
C ILE C 295 29.60 31.81 -32.04
N LEU C 296 29.55 33.12 -32.24
CA LEU C 296 30.66 33.96 -31.87
C LEU C 296 30.38 34.57 -30.52
N VAL C 297 31.40 34.59 -29.66
CA VAL C 297 31.24 35.08 -28.32
C VAL C 297 32.19 36.24 -28.07
N GLU C 298 31.63 37.40 -27.75
CA GLU C 298 32.44 38.55 -27.36
C GLU C 298 32.62 38.55 -25.84
N PHE C 299 33.87 38.63 -25.40
CA PHE C 299 34.18 38.49 -23.99
C PHE C 299 34.46 39.84 -23.33
N SER C 300 34.35 39.89 -22.01
CA SER C 300 34.45 41.16 -21.30
C SER C 300 35.86 41.78 -21.34
N ASP C 301 36.80 41.05 -21.93
CA ASP C 301 38.15 41.58 -22.12
C ASP C 301 38.28 42.06 -23.57
N LYS C 302 37.14 42.12 -24.23
CA LYS C 302 37.02 42.54 -25.63
C LYS C 302 37.57 41.56 -26.69
N THR C 303 38.11 40.42 -26.26
CA THR C 303 38.45 39.37 -27.22
C THR C 303 37.20 38.71 -27.79
N SER C 304 37.38 37.77 -28.72
CA SER C 304 36.24 37.09 -29.31
C SER C 304 36.67 35.77 -29.91
N GLU C 305 35.77 34.79 -29.92
CA GLU C 305 36.11 33.47 -30.42
C GLU C 305 34.87 32.73 -30.92
N LEU C 306 35.10 31.72 -31.76
CA LEU C 306 34.03 30.99 -32.41
C LEU C 306 33.88 29.62 -31.77
N TYR C 307 32.63 29.25 -31.47
CA TYR C 307 32.33 27.95 -30.86
C TYR C 307 31.18 27.24 -31.54
N ASP C 308 31.15 25.91 -31.42
CA ASP C 308 30.02 25.11 -31.90
C ASP C 308 28.84 25.10 -30.91
N THR C 309 29.15 25.16 -29.62
CA THR C 309 28.13 25.12 -28.59
C THR C 309 28.47 26.09 -27.47
N VAL C 310 27.49 26.84 -26.98
CA VAL C 310 27.68 27.57 -25.72
C VAL C 310 26.75 26.96 -24.68
N LEU C 311 27.31 26.59 -23.54
CA LEU C 311 26.55 25.89 -22.52
C LEU C 311 26.52 26.74 -21.25
N TYR C 312 25.37 27.29 -20.93
CA TYR C 312 25.24 28.11 -19.74
C TYR C 312 24.90 27.23 -18.54
N ALA C 313 25.66 27.39 -17.46
CA ALA C 313 25.49 26.57 -16.28
C ALA C 313 25.95 27.38 -15.08
N ILE C 314 25.29 28.51 -14.87
CA ILE C 314 25.74 29.43 -13.84
C ILE C 314 24.96 29.23 -12.56
N GLY C 315 23.80 28.58 -12.67
CA GLY C 315 22.98 28.42 -11.50
C GLY C 315 21.58 28.00 -11.87
N ARG C 316 20.71 27.86 -10.87
CA ARG C 316 19.35 27.42 -11.13
C ARG C 316 18.39 28.19 -10.26
N LYS C 317 17.25 28.55 -10.81
CA LYS C 317 16.23 29.28 -10.06
C LYS C 317 15.02 28.40 -9.78
N GLY C 318 14.38 28.59 -8.64
CA GLY C 318 13.18 27.86 -8.32
C GLY C 318 12.11 28.05 -9.38
N ASP C 319 11.48 26.97 -9.82
CA ASP C 319 10.40 27.01 -10.80
C ASP C 319 9.06 27.28 -10.13
N ILE C 320 8.69 28.55 -10.08
CA ILE C 320 7.71 29.05 -9.15
C ILE C 320 6.79 30.05 -9.83
N ASP C 321 7.24 30.56 -10.97
CA ASP C 321 6.57 31.69 -11.63
C ASP C 321 5.11 31.43 -12.01
N GLY C 322 4.86 30.32 -12.70
CA GLY C 322 3.51 29.99 -13.13
C GLY C 322 2.64 29.32 -12.08
N LEU C 323 2.94 29.53 -10.81
CA LEU C 323 2.22 28.81 -9.75
C LEU C 323 1.12 29.63 -9.07
N ASN C 324 1.09 30.93 -9.33
CA ASN C 324 0.08 31.82 -8.73
C ASN C 324 0.21 32.00 -7.23
N LEU C 325 1.42 31.77 -6.72
CA LEU C 325 1.69 31.96 -5.30
C LEU C 325 1.49 33.41 -4.84
N GLU C 326 1.53 34.36 -5.80
CA GLU C 326 1.28 35.76 -5.49
C GLU C 326 -0.09 35.88 -4.83
N SER C 327 -1.06 35.17 -5.39
CA SER C 327 -2.46 35.28 -4.96
C SER C 327 -2.78 34.47 -3.69
N LEU C 328 -1.75 34.27 -2.86
CA LEU C 328 -1.93 33.68 -1.54
C LEU C 328 -1.00 34.40 -0.58
N ASN C 329 -0.22 35.31 -1.14
CA ASN C 329 0.77 36.06 -0.38
C ASN C 329 1.80 35.12 0.27
N MET C 330 2.18 34.08 -0.45
CA MET C 330 3.21 33.17 0.06
C MET C 330 4.57 33.82 -0.11
N ASN C 331 5.33 33.96 0.99
CA ASN C 331 6.66 34.57 0.87
C ASN C 331 7.70 33.67 0.21
N VAL C 332 8.37 34.23 -0.78
CA VAL C 332 9.39 33.56 -1.56
C VAL C 332 10.60 34.47 -1.60
N ASN C 333 11.80 33.90 -1.66
CA ASN C 333 13.01 34.68 -1.87
C ASN C 333 13.12 34.99 -3.36
N LYS C 334 12.99 36.26 -3.74
CA LYS C 334 12.81 36.57 -5.14
C LYS C 334 14.10 36.51 -5.97
N SER C 335 15.26 36.57 -5.31
CA SER C 335 16.53 36.39 -6.04
C SER C 335 16.71 34.93 -6.51
N ASN C 336 16.51 33.98 -5.58
CA ASN C 336 16.48 32.53 -5.81
C ASN C 336 15.34 32.06 -6.67
N ASN C 337 14.20 32.73 -6.50
CA ASN C 337 12.88 32.27 -6.92
C ASN C 337 12.45 31.02 -6.19
N LYS C 338 12.78 30.97 -4.90
CA LYS C 338 12.55 29.79 -4.09
C LYS C 338 11.55 30.09 -2.99
N ILE C 339 10.75 29.09 -2.62
CA ILE C 339 9.80 29.23 -1.52
C ILE C 339 10.50 29.26 -0.15
N ILE C 340 10.14 30.23 0.69
CA ILE C 340 10.67 30.25 2.05
C ILE C 340 9.85 29.29 2.89
N ALA C 341 10.43 28.15 3.21
CA ALA C 341 9.79 27.15 4.04
C ALA C 341 10.61 26.98 5.30
N ASP C 342 9.98 26.61 6.40
CA ASP C 342 10.70 26.47 7.68
C ASP C 342 11.25 25.05 7.90
N HIS C 343 11.58 24.73 9.15
CA HIS C 343 12.21 23.45 9.45
C HIS C 343 11.24 22.26 9.42
N LEU C 344 9.97 22.53 9.10
CA LEU C 344 8.99 21.47 9.01
C LEU C 344 8.44 21.35 7.60
N SER C 345 9.05 22.09 6.69
CA SER C 345 8.61 22.22 5.29
C SER C 345 7.32 23.03 5.12
N CYS C 346 6.98 23.83 6.13
CA CYS C 346 5.81 24.71 6.09
C CYS C 346 6.11 26.07 5.45
N THR C 347 5.21 26.52 4.57
CA THR C 347 5.29 27.88 4.06
C THR C 347 4.66 28.78 5.10
N ASN C 348 4.24 29.97 4.72
CA ASN C 348 3.50 30.83 5.64
C ASN C 348 2.00 30.60 5.51
N ILE C 349 1.61 29.86 4.47
CA ILE C 349 0.26 29.35 4.32
C ILE C 349 0.19 27.95 4.94
N PRO C 350 -0.55 27.82 6.04
CA PRO C 350 -0.57 26.63 6.91
C PRO C 350 -0.97 25.30 6.26
N SER C 351 -1.42 25.31 5.02
CA SER C 351 -1.87 24.07 4.38
C SER C 351 -1.04 23.74 3.14
N ILE C 352 -0.02 24.56 2.89
CA ILE C 352 0.88 24.34 1.76
C ILE C 352 2.34 24.14 2.22
N PHE C 353 3.02 23.18 1.58
CA PHE C 353 4.37 22.81 1.98
C PHE C 353 5.32 22.75 0.80
N ALA C 354 6.61 22.91 1.08
CA ALA C 354 7.63 22.85 0.04
C ALA C 354 8.84 22.06 0.50
N VAL C 355 9.33 21.18 -0.37
CA VAL C 355 10.54 20.43 -0.12
C VAL C 355 11.38 20.38 -1.40
N GLY C 356 12.65 20.00 -1.27
CA GLY C 356 13.49 19.80 -2.44
C GLY C 356 14.06 21.11 -2.96
N ASP C 357 14.52 21.11 -4.20
CA ASP C 357 15.21 22.24 -4.83
C ASP C 357 14.49 23.59 -4.76
N VAL C 358 13.17 23.55 -4.63
CA VAL C 358 12.39 24.78 -4.69
C VAL C 358 12.27 25.46 -3.33
N ALA C 359 12.63 24.76 -2.25
CA ALA C 359 12.64 25.38 -0.95
C ALA C 359 14.01 26.01 -0.70
N GLU C 360 14.03 27.24 -0.20
CA GLU C 360 15.27 27.97 -0.03
C GLU C 360 16.10 27.25 1.02
N ASN C 361 17.41 27.42 0.97
CA ASN C 361 18.31 26.87 1.98
C ASN C 361 18.40 25.35 2.07
N VAL C 362 17.82 24.63 1.12
CA VAL C 362 17.96 23.16 1.15
C VAL C 362 18.84 22.66 -0.01
N PRO C 363 19.81 21.78 0.31
CA PRO C 363 20.80 21.32 -0.67
C PRO C 363 20.14 20.65 -1.85
N GLU C 364 20.59 20.96 -3.05
CA GLU C 364 19.98 20.44 -4.26
C GLU C 364 20.51 19.06 -4.52
N LEU C 365 20.20 18.12 -3.64
CA LEU C 365 20.59 16.71 -3.82
C LEU C 365 19.37 15.80 -3.71
N ALA C 366 19.16 14.91 -4.69
CA ALA C 366 18.00 14.01 -4.70
C ALA C 366 17.73 13.31 -3.38
N PRO C 367 18.74 12.72 -2.74
CA PRO C 367 18.39 11.97 -1.53
C PRO C 367 17.89 12.91 -0.44
N VAL C 368 18.31 14.15 -0.49
CA VAL C 368 17.88 15.11 0.50
C VAL C 368 16.39 15.40 0.30
N ALA C 369 15.97 15.58 -0.96
CA ALA C 369 14.56 15.89 -1.29
C ALA C 369 13.68 14.70 -0.98
N ILE C 370 14.24 13.51 -1.11
CA ILE C 370 13.51 12.30 -0.75
C ILE C 370 13.28 12.22 0.76
N LYS C 371 14.30 12.43 1.57
CA LYS C 371 14.18 12.34 3.04
C LYS C 371 13.20 13.37 3.58
N ALA C 372 13.23 14.57 3.03
CA ALA C 372 12.34 15.65 3.47
C ALA C 372 10.90 15.40 3.04
N GLY C 373 10.73 14.85 1.84
CA GLY C 373 9.42 14.46 1.35
C GLY C 373 8.83 13.38 2.20
N GLU C 374 9.63 12.37 2.51
CA GLU C 374 9.19 11.27 3.34
C GLU C 374 8.89 11.70 4.78
N ILE C 375 9.82 12.40 5.42
CA ILE C 375 9.57 12.86 6.78
C ILE C 375 8.32 13.74 6.85
N LEU C 376 8.12 14.62 5.87
CA LEU C 376 6.90 15.45 5.81
C LEU C 376 5.64 14.58 5.82
N ALA C 377 5.54 13.67 4.86
CA ALA C 377 4.40 12.74 4.77
C ALA C 377 4.10 12.04 6.09
N ARG C 378 5.13 11.62 6.81
CA ARG C 378 4.92 10.98 8.09
C ARG C 378 4.39 11.99 9.12
N ARG C 379 4.90 13.21 9.09
CA ARG C 379 4.42 14.20 10.03
C ARG C 379 2.96 14.56 9.78
N LEU C 380 2.57 14.61 8.50
CA LEU C 380 1.18 14.96 8.13
C LEU C 380 0.19 13.83 8.35
N PHE C 381 0.61 12.59 8.08
CA PHE C 381 -0.31 11.44 8.07
C PHE C 381 0.06 10.27 9.00
N LYS C 382 1.05 10.45 9.87
CA LYS C 382 1.43 9.38 10.81
C LYS C 382 1.75 9.96 12.19
N ASP C 383 1.39 11.21 12.42
CA ASP C 383 1.62 11.89 13.70
C ASP C 383 3.06 11.71 14.18
N SER C 384 3.98 11.59 13.22
CA SER C 384 5.39 11.53 13.56
C SER C 384 5.89 12.90 14.03
N ASP C 385 6.97 12.91 14.79
CA ASP C 385 7.53 14.18 15.24
C ASP C 385 9.02 14.29 14.92
N GLU C 386 9.46 13.52 13.92
CA GLU C 386 10.81 13.61 13.42
C GLU C 386 10.88 14.84 12.56
N ILE C 387 11.95 15.62 12.74
CA ILE C 387 12.18 16.81 11.92
C ILE C 387 13.43 16.60 11.06
N MET C 388 13.46 17.20 9.88
CA MET C 388 14.53 16.92 8.92
C MET C 388 15.86 17.57 9.31
N ASP C 389 16.91 16.76 9.36
CA ASP C 389 18.26 17.19 9.76
C ASP C 389 19.10 17.53 8.52
N TYR C 390 19.43 18.81 8.33
CA TYR C 390 20.25 19.23 7.18
C TYR C 390 21.76 19.37 7.44
N SER C 391 22.24 18.81 8.54
CA SER C 391 23.64 18.91 8.92
C SER C 391 24.45 17.70 8.48
N TYR C 392 25.70 17.93 8.08
CA TYR C 392 26.61 16.86 7.67
C TYR C 392 26.06 16.09 6.51
N ILE C 393 25.52 16.79 5.53
CA ILE C 393 25.02 16.10 4.35
C ILE C 393 26.17 15.83 3.39
N PRO C 394 26.40 14.55 3.08
CA PRO C 394 27.51 14.23 2.18
C PRO C 394 27.21 14.66 0.75
N THR C 395 28.27 15.04 0.03
CA THR C 395 28.13 15.43 -1.36
C THR C 395 29.29 14.86 -2.13
N SER C 396 29.12 14.72 -3.43
CA SER C 396 30.16 14.15 -4.26
C SER C 396 30.07 14.66 -5.69
N ILE C 397 31.14 15.26 -6.21
CA ILE C 397 31.11 15.87 -7.52
C ILE C 397 31.85 14.97 -8.50
N TYR C 398 31.29 14.79 -9.68
CA TYR C 398 31.87 13.83 -10.65
C TYR C 398 32.64 14.44 -11.80
N THR C 399 33.72 15.11 -11.45
CA THR C 399 34.64 15.74 -12.39
C THR C 399 35.58 14.62 -12.77
N PRO C 400 36.42 14.81 -13.81
CA PRO C 400 37.30 13.72 -14.22
C PRO C 400 38.16 13.14 -13.09
N ILE C 401 38.51 13.94 -12.08
CA ILE C 401 38.93 13.43 -10.79
C ILE C 401 37.88 13.91 -9.80
N GLU C 402 37.37 12.98 -8.99
CA GLU C 402 36.14 13.25 -8.25
C GLU C 402 36.44 13.94 -6.94
N TYR C 403 35.43 14.57 -6.35
CA TYR C 403 35.63 15.25 -5.07
C TYR C 403 34.44 14.95 -4.19
N GLY C 404 34.67 14.30 -3.06
CA GLY C 404 33.60 14.05 -2.12
C GLY C 404 33.90 14.77 -0.85
N ALA C 405 32.87 15.26 -0.17
CA ALA C 405 33.06 16.02 1.06
C ALA C 405 31.89 15.80 1.98
N CYS C 406 32.08 16.17 3.25
CA CYS C 406 31.00 16.15 4.22
C CYS C 406 31.43 16.99 5.41
N GLY C 407 30.66 18.02 5.72
CA GLY C 407 30.95 18.89 6.84
C GLY C 407 31.58 20.19 6.40
N TYR C 408 32.34 20.82 7.28
CA TYR C 408 32.99 22.09 6.97
C TYR C 408 34.26 22.01 6.14
N SER C 409 34.41 22.98 5.25
CA SER C 409 35.66 23.23 4.55
C SER C 409 36.66 23.67 5.59
N GLU C 410 37.95 23.66 5.23
CA GLU C 410 38.94 24.21 6.14
C GLU C 410 38.66 25.70 6.44
N GLU C 411 38.53 26.52 5.38
CA GLU C 411 38.29 27.97 5.52
C GLU C 411 37.12 28.31 6.45
N LYS C 412 36.01 27.60 6.31
CA LYS C 412 34.82 27.88 7.12
C LYS C 412 34.93 27.43 8.58
N ALA C 413 35.63 26.31 8.81
CA ALA C 413 35.84 25.83 10.16
C ALA C 413 36.71 26.83 10.91
N TYR C 414 37.67 27.43 10.23
CA TYR C 414 38.44 28.54 10.81
C TYR C 414 37.53 29.71 11.21
N GLU C 415 36.80 30.28 10.26
CA GLU C 415 35.90 31.41 10.55
C GLU C 415 34.94 31.10 11.71
N LEU C 416 34.31 29.94 11.66
CA LEU C 416 33.30 29.56 12.64
C LEU C 416 33.89 29.27 14.03
N TYR C 417 35.11 28.72 14.08
CA TYR C 417 35.66 28.20 15.33
C TYR C 417 36.95 28.84 15.78
N GLY C 418 37.68 29.41 14.84
CA GLY C 418 38.95 30.04 15.17
C GLY C 418 40.10 29.17 14.73
N LYS C 419 40.98 29.74 13.91
CA LYS C 419 42.08 29.00 13.26
C LYS C 419 42.96 28.24 14.26
N SER C 420 43.11 28.79 15.45
CA SER C 420 43.97 28.21 16.44
C SER C 420 43.26 27.08 17.17
N ASN C 421 41.96 26.94 16.89
CA ASN C 421 41.11 25.94 17.57
C ASN C 421 40.71 24.72 16.72
N VAL C 422 41.16 24.68 15.45
CA VAL C 422 40.92 23.53 14.57
C VAL C 422 42.21 22.96 13.98
N GLU C 423 42.30 21.63 13.99
CA GLU C 423 43.43 20.90 13.40
C GLU C 423 43.03 20.33 12.05
N VAL C 424 43.88 20.53 11.06
CA VAL C 424 43.65 19.98 9.75
C VAL C 424 44.74 18.96 9.51
N PHE C 425 44.37 17.68 9.47
CA PHE C 425 45.31 16.61 9.07
C PHE C 425 45.07 16.37 7.58
N LEU C 426 46.13 16.25 6.81
CA LEU C 426 45.96 16.09 5.38
C LEU C 426 47.15 15.41 4.73
N GLN C 427 46.96 15.00 3.48
CA GLN C 427 47.99 14.27 2.77
C GLN C 427 47.64 14.19 1.30
N GLU C 428 48.55 14.69 0.44
CA GLU C 428 48.48 14.42 -0.99
C GLU C 428 49.17 13.09 -1.25
N PHE C 429 48.71 12.39 -2.27
CA PHE C 429 49.28 11.08 -2.57
C PHE C 429 48.81 10.71 -3.96
N ASN C 430 49.44 9.68 -4.55
CA ASN C 430 49.04 9.18 -5.86
C ASN C 430 48.25 7.90 -5.80
N ASN C 431 47.26 7.78 -6.65
CA ASN C 431 46.53 6.55 -6.77
C ASN C 431 47.53 5.49 -7.25
N LEU C 432 47.47 4.29 -6.66
CA LEU C 432 48.36 3.21 -7.09
C LEU C 432 48.27 2.95 -8.58
N GLU C 433 47.07 2.72 -9.09
CA GLU C 433 46.94 2.28 -10.47
C GLU C 433 47.41 3.29 -11.47
N ILE C 434 47.09 4.56 -11.22
CA ILE C 434 47.50 5.65 -12.11
C ILE C 434 48.98 5.91 -11.94
N SER C 435 49.46 5.83 -10.71
CA SER C 435 50.88 6.06 -10.40
C SER C 435 51.79 5.31 -11.32
N ALA C 436 51.45 4.06 -11.61
CA ALA C 436 52.34 3.17 -12.35
C ALA C 436 52.36 3.47 -13.85
N VAL C 437 51.55 4.41 -14.28
CA VAL C 437 51.49 4.77 -15.70
C VAL C 437 52.50 5.85 -16.06
N HIS C 438 52.79 6.74 -15.10
CA HIS C 438 53.54 7.98 -15.34
C HIS C 438 52.92 8.82 -16.44
N ARG C 439 51.66 9.21 -16.23
CA ARG C 439 50.95 10.09 -17.15
C ARG C 439 51.73 11.38 -17.34
N GLN C 440 51.47 12.08 -18.44
CA GLN C 440 52.13 13.34 -18.70
C GLN C 440 51.12 14.43 -18.88
N LYS C 441 51.49 15.65 -18.55
CA LYS C 441 50.60 16.79 -18.69
C LYS C 441 50.23 16.99 -20.15
N HIS C 442 48.98 17.39 -20.39
CA HIS C 442 48.52 17.82 -21.70
C HIS C 442 49.35 19.03 -22.04
N ILE C 443 49.57 19.29 -23.33
CA ILE C 443 50.50 20.36 -23.73
C ILE C 443 50.10 21.67 -23.10
N ARG C 444 48.79 21.95 -23.07
CA ARG C 444 48.31 23.25 -22.67
C ARG C 444 48.68 23.60 -21.24
N ALA C 445 48.97 22.60 -20.43
CA ALA C 445 49.35 22.82 -19.05
C ALA C 445 50.86 22.72 -18.87
N GLN C 446 51.57 22.50 -19.97
CA GLN C 446 53.03 22.41 -19.92
C GLN C 446 53.68 23.79 -19.90
N LYS C 447 54.30 24.12 -18.76
CA LYS C 447 55.04 25.36 -18.64
C LYS C 447 56.20 25.34 -19.64
N ASP C 448 57.23 24.56 -19.33
CA ASP C 448 58.30 24.31 -20.30
C ASP C 448 58.29 22.86 -20.80
N GLU C 449 59.13 22.57 -21.78
CA GLU C 449 59.17 21.24 -22.40
C GLU C 449 59.60 20.15 -21.43
N TYR C 450 59.94 20.54 -20.20
CA TYR C 450 60.37 19.60 -19.15
C TYR C 450 59.26 19.34 -18.13
N ASP C 451 58.25 20.19 -18.15
CA ASP C 451 57.11 20.06 -17.24
C ASP C 451 56.19 18.99 -17.78
N LEU C 452 56.52 17.73 -17.54
CA LEU C 452 55.80 16.65 -18.17
C LEU C 452 54.93 15.89 -17.19
N ASP C 453 55.52 15.44 -16.08
CA ASP C 453 54.80 14.64 -15.10
C ASP C 453 53.58 15.40 -14.55
N VAL C 454 52.47 14.70 -14.40
CA VAL C 454 51.27 15.30 -13.85
C VAL C 454 51.45 15.54 -12.36
N SER C 455 50.66 16.45 -11.79
CA SER C 455 50.66 16.65 -10.35
C SER C 455 50.08 15.42 -9.64
N SER C 456 50.21 15.36 -8.31
CA SER C 456 49.67 14.24 -7.54
C SER C 456 48.16 14.19 -7.71
N THR C 457 47.61 12.99 -7.79
CA THR C 457 46.21 12.84 -8.19
C THR C 457 45.17 13.02 -7.06
N CYS C 458 45.56 12.71 -5.82
CA CYS C 458 44.60 12.66 -4.70
C CYS C 458 44.95 13.51 -3.47
N LEU C 459 43.94 13.76 -2.66
CA LEU C 459 44.13 14.52 -1.45
C LEU C 459 43.16 13.99 -0.43
N ALA C 460 43.62 13.80 0.79
CA ALA C 460 42.77 13.37 1.89
C ALA C 460 42.97 14.40 2.97
N LYS C 461 41.89 14.89 3.56
CA LYS C 461 41.96 16.00 4.48
C LYS C 461 40.87 15.79 5.50
N LEU C 462 41.21 15.90 6.79
CA LEU C 462 40.21 15.90 7.86
C LEU C 462 40.28 17.22 8.64
N VAL C 463 39.14 17.86 8.90
CA VAL C 463 39.08 19.08 9.69
C VAL C 463 38.50 18.73 11.08
N CYS C 464 39.23 19.08 12.15
CA CYS C 464 38.95 18.56 13.50
C CYS C 464 38.91 19.64 14.57
N LEU C 465 38.11 19.42 15.61
CA LEU C 465 37.96 20.41 16.67
C LEU C 465 38.85 20.07 17.87
N LYS C 466 40.01 20.75 17.97
CA LYS C 466 41.00 20.52 19.05
C LYS C 466 40.38 20.40 20.44
N ASN C 467 39.44 21.31 20.72
CA ASN C 467 38.87 21.43 22.06
C ASN C 467 37.78 20.39 22.33
N GLU C 468 37.51 19.54 21.34
CA GLU C 468 36.57 18.45 21.55
C GLU C 468 37.22 17.10 21.22
N ASP C 469 38.45 16.91 21.70
CA ASP C 469 39.16 15.64 21.48
C ASP C 469 39.30 15.30 19.99
N ASN C 470 39.44 16.35 19.18
CA ASN C 470 39.60 16.23 17.72
C ASN C 470 38.42 15.56 17.00
N ARG C 471 37.20 15.89 17.43
CA ARG C 471 35.99 15.51 16.72
C ARG C 471 36.16 16.00 15.30
N VAL C 472 36.00 15.11 14.33
CA VAL C 472 36.11 15.49 12.94
C VAL C 472 34.83 16.21 12.50
N ILE C 473 34.95 17.47 12.11
CA ILE C 473 33.78 18.22 11.67
C ILE C 473 33.87 18.53 10.20
N GLY C 474 34.86 17.94 9.54
CA GLY C 474 34.99 18.12 8.10
C GLY C 474 35.74 16.99 7.43
N PHE C 475 35.18 16.43 6.36
CA PHE C 475 35.82 15.35 5.60
C PHE C 475 35.96 15.74 4.16
N HIS C 476 37.15 15.61 3.60
CA HIS C 476 37.34 15.98 2.21
C HIS C 476 38.22 14.94 1.54
N TYR C 477 37.85 14.51 0.34
CA TYR C 477 38.65 13.57 -0.43
C TYR C 477 38.53 13.90 -1.91
N VAL C 478 39.69 14.14 -2.55
CA VAL C 478 39.77 14.30 -4.00
C VAL C 478 40.54 13.14 -4.55
N GLY C 479 39.96 12.45 -5.53
CA GLY C 479 40.58 11.25 -6.06
C GLY C 479 39.54 10.45 -6.79
N PRO C 480 39.85 9.21 -7.16
CA PRO C 480 38.87 8.41 -7.89
C PRO C 480 37.75 7.86 -6.99
N ASN C 481 36.56 7.59 -7.54
CA ASN C 481 35.49 6.98 -6.75
C ASN C 481 35.14 7.69 -5.45
N ALA C 482 34.98 9.01 -5.49
CA ALA C 482 34.84 9.78 -4.25
C ALA C 482 33.50 9.51 -3.59
N GLY C 483 32.50 9.17 -4.41
CA GLY C 483 31.17 8.91 -3.89
C GLY C 483 31.22 7.68 -3.04
N GLU C 484 31.82 6.64 -3.57
CA GLU C 484 31.99 5.40 -2.83
C GLU C 484 32.81 5.58 -1.56
N VAL C 485 33.86 6.39 -1.61
CA VAL C 485 34.70 6.55 -0.41
C VAL C 485 33.95 7.27 0.67
N THR C 486 33.29 8.36 0.30
CA THR C 486 32.69 9.30 1.24
C THR C 486 31.48 8.80 2.03
N GLN C 487 30.66 7.95 1.42
CA GLN C 487 29.43 7.51 2.06
C GLN C 487 29.64 7.04 3.46
N GLY C 488 30.48 6.01 3.62
CA GLY C 488 30.74 5.45 4.93
C GLY C 488 31.33 6.47 5.86
N MET C 489 32.11 7.39 5.33
CA MET C 489 32.79 8.39 6.16
C MET C 489 31.81 9.44 6.67
N ALA C 490 30.84 9.78 5.84
CA ALA C 490 29.74 10.65 6.25
C ALA C 490 28.97 10.00 7.41
N LEU C 491 28.74 8.70 7.31
CA LEU C 491 28.14 7.98 8.43
C LEU C 491 28.97 8.10 9.70
N ALA C 492 30.29 7.92 9.59
CA ALA C 492 31.16 8.09 10.74
C ALA C 492 31.07 9.50 11.33
N LEU C 493 31.08 10.53 10.47
CA LEU C 493 30.94 11.91 10.98
C LEU C 493 29.62 12.09 11.74
N ARG C 494 28.58 11.44 11.24
CA ARG C 494 27.27 11.43 11.91
C ARG C 494 27.33 10.77 13.31
N LEU C 495 28.22 9.78 13.48
CA LEU C 495 28.42 9.17 14.78
C LEU C 495 29.38 9.94 15.68
N LYS C 496 29.80 11.12 15.25
CA LYS C 496 30.69 12.00 16.03
C LYS C 496 32.08 11.39 16.21
N VAL C 497 32.61 10.87 15.10
CA VAL C 497 33.92 10.23 15.07
C VAL C 497 35.02 11.22 15.43
N LYS C 498 35.98 10.78 16.24
CA LYS C 498 37.13 11.61 16.58
C LYS C 498 38.31 11.14 15.75
N LYS C 499 39.34 11.98 15.62
CA LYS C 499 40.51 11.64 14.81
C LYS C 499 41.13 10.31 15.27
N LYS C 500 41.11 10.06 16.58
CA LYS C 500 41.73 8.87 17.17
C LYS C 500 41.01 7.63 16.72
N ASP C 501 39.75 7.76 16.35
CA ASP C 501 39.00 6.62 15.85
C ASP C 501 39.46 6.22 14.44
N PHE C 502 39.79 7.22 13.62
CA PHE C 502 40.39 6.97 12.31
C PHE C 502 41.74 6.25 12.48
N ASP C 503 42.56 6.74 13.41
CA ASP C 503 43.87 6.13 13.66
C ASP C 503 43.78 4.67 14.15
N ASN C 504 42.75 4.34 14.90
CA ASN C 504 42.58 2.99 15.46
C ASN C 504 41.89 2.00 14.53
N CYS C 505 41.37 2.48 13.41
CA CYS C 505 40.70 1.61 12.46
C CYS C 505 41.77 1.06 11.51
N ILE C 506 41.70 -0.22 11.19
CA ILE C 506 42.66 -0.78 10.26
C ILE C 506 42.29 -0.40 8.86
N GLY C 507 43.26 0.01 8.05
CA GLY C 507 42.97 0.43 6.69
C GLY C 507 42.88 -0.75 5.78
N ILE C 508 42.23 -0.57 4.63
CA ILE C 508 42.12 -1.63 3.62
C ILE C 508 43.12 -1.39 2.51
N HIS C 509 43.99 -2.35 2.22
CA HIS C 509 45.12 -2.09 1.34
C HIS C 509 45.00 -2.96 0.10
N PRO C 510 45.34 -2.43 -1.09
CA PRO C 510 45.74 -1.07 -1.43
C PRO C 510 44.54 -0.35 -1.97
N THR C 511 44.24 0.80 -1.36
CA THR C 511 43.00 1.48 -1.58
C THR C 511 43.25 2.99 -1.50
N ASP C 512 42.39 3.82 -2.07
CA ASP C 512 42.59 5.27 -1.90
C ASP C 512 42.11 5.70 -0.52
N ALA C 513 41.05 5.06 -0.03
CA ALA C 513 40.42 5.44 1.23
C ALA C 513 41.23 5.21 2.46
N GLU C 514 42.20 4.30 2.43
CA GLU C 514 42.95 3.95 3.64
C GLU C 514 43.88 5.07 4.05
N SER C 515 44.16 5.98 3.11
CA SER C 515 44.99 7.16 3.43
C SER C 515 44.42 7.92 4.62
N PHE C 516 43.13 7.82 4.87
CA PHE C 516 42.55 8.50 6.04
C PHE C 516 42.91 7.84 7.34
N MET C 517 43.38 6.60 7.27
CA MET C 517 43.58 5.85 8.50
C MET C 517 45.02 5.89 9.00
N ASN C 518 45.87 6.68 8.35
CA ASN C 518 47.21 6.96 8.85
C ASN C 518 47.59 8.37 8.44
N LEU C 519 46.82 9.32 8.91
CA LEU C 519 46.91 10.70 8.43
C LEU C 519 47.43 11.54 9.58
N PHE C 520 48.71 11.87 9.57
CA PHE C 520 49.31 12.44 10.77
C PHE C 520 49.96 13.78 10.53
N VAL C 521 50.14 14.14 9.27
CA VAL C 521 50.70 15.45 8.97
C VAL C 521 49.63 16.53 9.10
N THR C 522 49.88 17.54 9.94
CA THR C 522 48.92 18.61 10.18
C THR C 522 49.40 19.90 9.55
N ILE C 523 48.44 20.78 9.23
CA ILE C 523 48.72 22.11 8.73
C ILE C 523 49.61 22.89 9.69
N SER C 524 49.24 22.92 10.97
CA SER C 524 49.98 23.70 11.96
C SER C 524 51.45 23.25 12.11
N SER C 525 51.72 21.95 12.01
CA SER C 525 53.09 21.43 12.16
C SER C 525 54.05 21.95 11.11
N GLY C 526 53.50 22.38 9.97
CA GLY C 526 54.32 22.91 8.91
C GLY C 526 55.03 21.88 8.04
N LEU C 527 55.00 20.61 8.41
CA LEU C 527 55.71 19.60 7.62
C LEU C 527 55.08 19.41 6.24
N SER C 528 55.84 18.84 5.32
CA SER C 528 55.37 18.66 3.95
C SER C 528 54.26 17.63 3.89
N TYR C 529 53.16 17.99 3.24
CA TYR C 529 52.08 17.04 3.02
C TYR C 529 52.02 16.61 1.55
N ALA C 530 53.09 16.88 0.82
CA ALA C 530 53.12 16.54 -0.60
C ALA C 530 53.26 15.04 -0.84
N ALA C 531 52.90 14.63 -2.04
CA ALA C 531 53.00 13.22 -2.41
C ALA C 531 54.41 12.70 -2.14
N LYS C 532 54.50 11.63 -1.36
CA LYS C 532 55.77 11.00 -1.07
C LYS C 532 56.07 9.99 -2.16
N GLY C 533 57.09 10.25 -2.96
CA GLY C 533 57.55 9.29 -3.95
C GLY C 533 56.95 9.58 -5.32
N GLY C 534 56.94 8.57 -6.17
CA GLY C 534 56.42 8.70 -7.52
C GLY C 534 57.43 9.43 -8.40
N SER C 535 57.14 9.50 -9.70
CA SER C 535 58.02 10.22 -10.62
C SER C 535 57.60 11.69 -10.72
N GLY C 536 57.20 12.26 -9.59
CA GLY C 536 56.81 13.66 -9.50
C GLY C 536 57.97 14.61 -9.19
N GLY C 537 58.01 15.71 -9.95
CA GLY C 537 59.07 16.70 -9.86
C GLY C 537 60.11 16.55 -10.96
N GLY C 538 59.83 15.65 -11.90
CA GLY C 538 60.83 15.25 -12.87
C GLY C 538 61.95 14.52 -12.15
N LYS C 539 61.60 13.76 -11.12
CA LYS C 539 62.58 12.96 -10.39
C LYS C 539 61.89 11.83 -9.63
N CYS C 540 62.54 10.67 -9.57
CA CYS C 540 61.98 9.48 -8.93
C CYS C 540 62.35 9.39 -7.44
N GLY C 541 61.42 9.77 -6.57
CA GLY C 541 61.68 9.75 -5.13
C GLY C 541 61.46 11.11 -4.48
N HIS D 38 73.16 -6.88 31.50
CA HIS D 38 73.60 -7.41 30.20
C HIS D 38 73.71 -6.35 29.11
N THR D 39 74.45 -6.68 28.06
CA THR D 39 74.76 -5.77 26.97
C THR D 39 74.51 -6.47 25.62
N TYR D 40 74.04 -5.72 24.62
CA TYR D 40 73.77 -6.31 23.31
C TYR D 40 74.23 -5.38 22.21
N ASP D 41 74.44 -5.89 21.00
CA ASP D 41 74.84 -5.02 19.89
C ASP D 41 73.69 -4.10 19.46
N TYR D 42 72.46 -4.56 19.61
CA TYR D 42 71.30 -3.79 19.20
C TYR D 42 70.20 -4.01 20.20
N ASP D 43 69.34 -3.01 20.33
CA ASP D 43 68.16 -3.10 21.18
C ASP D 43 67.07 -3.92 20.54
N TYR D 44 67.12 -4.02 19.21
CA TYR D 44 66.08 -4.67 18.42
C TYR D 44 66.74 -5.21 17.16
N VAL D 45 66.70 -6.53 17.00
CA VAL D 45 67.05 -7.14 15.72
C VAL D 45 65.76 -7.74 15.17
N VAL D 46 65.44 -7.44 13.91
CA VAL D 46 64.24 -8.02 13.34
C VAL D 46 64.54 -8.85 12.10
N ILE D 47 63.89 -10.00 12.00
CA ILE D 47 64.09 -10.91 10.88
C ILE D 47 62.89 -10.86 9.93
N GLY D 48 63.08 -10.22 8.77
CA GLY D 48 62.02 -10.05 7.78
C GLY D 48 61.79 -8.61 7.38
N GLY D 49 61.93 -8.30 6.10
CA GLY D 49 61.69 -6.95 5.64
C GLY D 49 60.38 -6.78 4.88
N GLY D 50 59.29 -7.25 5.45
CA GLY D 50 57.96 -7.06 4.89
C GLY D 50 57.23 -6.01 5.71
N PRO D 51 55.92 -5.85 5.48
CA PRO D 51 55.13 -4.82 6.16
C PRO D 51 55.34 -4.78 7.66
N GLY D 52 55.34 -5.95 8.30
CA GLY D 52 55.35 -5.99 9.74
C GLY D 52 56.72 -5.67 10.29
N GLY D 53 57.73 -6.31 9.74
CA GLY D 53 59.09 -6.14 10.20
C GLY D 53 59.60 -4.72 9.98
N MET D 54 59.39 -4.19 8.78
CA MET D 54 59.78 -2.81 8.48
C MET D 54 59.06 -1.80 9.37
N ALA D 55 57.75 -1.97 9.54
CA ALA D 55 56.98 -1.05 10.37
C ALA D 55 57.47 -1.06 11.82
N SER D 56 57.65 -2.24 12.38
CA SER D 56 58.13 -2.36 13.77
C SER D 56 59.53 -1.75 13.95
N ALA D 57 60.41 -2.01 12.99
CA ALA D 57 61.77 -1.53 13.04
C ALA D 57 61.79 0.00 13.06
N LYS D 58 61.08 0.61 12.12
CA LYS D 58 61.01 2.08 12.01
C LYS D 58 60.40 2.74 13.25
N GLU D 59 59.37 2.16 13.84
CA GLU D 59 58.79 2.72 15.07
C GLU D 59 59.79 2.61 16.18
N ALA D 60 60.38 1.44 16.34
CA ALA D 60 61.36 1.19 17.40
C ALA D 60 62.49 2.21 17.33
N ALA D 61 63.06 2.40 16.14
CA ALA D 61 64.07 3.40 15.89
C ALA D 61 63.66 4.81 16.33
N ALA D 62 62.42 5.18 16.01
CA ALA D 62 61.99 6.53 16.28
C ALA D 62 61.81 6.77 17.75
N HIS D 63 61.95 5.72 18.56
CA HIS D 63 61.84 5.86 20.02
C HIS D 63 63.17 5.63 20.71
N GLY D 64 64.26 5.64 19.94
CA GLY D 64 65.59 5.59 20.52
C GLY D 64 66.33 4.27 20.36
N ALA D 65 65.63 3.20 20.03
CA ALA D 65 66.26 1.90 19.90
C ALA D 65 67.27 1.88 18.77
N ARG D 66 68.39 1.21 19.02
CA ARG D 66 69.31 0.84 17.96
C ARG D 66 68.72 -0.40 17.29
N VAL D 67 68.57 -0.37 15.97
CA VAL D 67 67.78 -1.40 15.30
C VAL D 67 68.54 -1.99 14.14
N LEU D 68 68.49 -3.32 14.00
CA LEU D 68 69.05 -3.99 12.84
C LEU D 68 67.95 -4.84 12.20
N LEU D 69 67.84 -4.81 10.87
CA LEU D 69 66.79 -5.57 10.20
C LEU D 69 67.38 -6.42 9.11
N PHE D 70 67.00 -7.69 9.09
CA PHE D 70 67.44 -8.63 8.04
C PHE D 70 66.33 -8.93 7.05
N ASP D 71 66.67 -8.94 5.75
CA ASP D 71 65.71 -9.45 4.78
C ASP D 71 66.41 -10.17 3.66
N TYR D 72 65.88 -11.34 3.33
CA TYR D 72 66.46 -12.13 2.26
C TYR D 72 65.36 -12.94 1.58
N VAL D 73 65.40 -12.96 0.26
CA VAL D 73 64.36 -13.65 -0.47
C VAL D 73 64.85 -14.99 -0.99
N LYS D 74 64.43 -16.07 -0.34
CA LYS D 74 64.74 -17.41 -0.84
C LYS D 74 63.86 -17.62 -2.06
N PRO D 75 64.47 -17.99 -3.19
CA PRO D 75 63.74 -18.19 -4.46
C PRO D 75 62.53 -19.12 -4.34
N SER D 76 61.63 -19.02 -5.31
CA SER D 76 60.41 -19.79 -5.24
C SER D 76 60.63 -21.13 -5.90
N SER D 77 59.62 -21.99 -5.83
CA SER D 77 59.61 -23.30 -6.51
C SER D 77 60.21 -23.22 -7.90
N GLN D 78 59.97 -22.11 -8.59
CA GLN D 78 60.45 -21.95 -9.95
C GLN D 78 61.66 -21.01 -10.06
N GLY D 79 62.22 -20.62 -8.92
CA GLY D 79 63.44 -19.82 -8.92
C GLY D 79 63.24 -18.31 -9.01
N THR D 80 62.02 -17.84 -8.78
CA THR D 80 61.71 -16.42 -8.86
C THR D 80 62.20 -15.71 -7.61
N LYS D 81 62.85 -14.56 -7.76
CA LYS D 81 63.21 -13.75 -6.59
C LYS D 81 62.90 -12.26 -6.81
N TRP D 82 63.08 -11.45 -5.77
CA TRP D 82 62.68 -10.05 -5.80
C TRP D 82 63.32 -9.24 -4.67
N GLY D 83 63.04 -7.93 -4.66
CA GLY D 83 63.68 -7.02 -3.72
C GLY D 83 63.07 -6.98 -2.34
N ILE D 84 63.37 -5.93 -1.60
CA ILE D 84 62.91 -5.80 -0.23
C ILE D 84 61.46 -5.36 -0.17
N GLY D 85 60.77 -5.69 0.92
CA GLY D 85 59.40 -5.22 1.07
C GLY D 85 58.44 -6.35 1.36
N GLY D 86 58.93 -7.58 1.22
CA GLY D 86 58.14 -8.75 1.52
C GLY D 86 57.11 -9.12 0.47
N THR D 87 56.14 -9.93 0.87
CA THR D 87 55.13 -10.46 -0.04
C THR D 87 54.29 -9.35 -0.65
N CYS D 88 53.79 -8.46 0.19
CA CYS D 88 52.90 -7.36 -0.23
C CYS D 88 53.36 -6.58 -1.46
N VAL D 89 54.55 -6.03 -1.41
CA VAL D 89 55.02 -5.15 -2.49
C VAL D 89 55.42 -5.91 -3.77
N ASN D 90 56.04 -7.08 -3.60
CA ASN D 90 56.62 -7.79 -4.74
C ASN D 90 55.76 -8.86 -5.38
N VAL D 91 55.04 -9.63 -4.57
CA VAL D 91 54.31 -10.77 -5.10
C VAL D 91 52.93 -10.92 -4.45
N GLY D 92 52.30 -9.80 -4.14
CA GLY D 92 51.04 -9.82 -3.43
C GLY D 92 50.26 -8.56 -3.74
N CYS D 93 49.83 -7.83 -2.71
CA CYS D 93 48.84 -6.75 -2.89
C CYS D 93 49.15 -5.76 -4.00
N VAL D 94 50.39 -5.30 -4.09
CA VAL D 94 50.68 -4.27 -5.08
C VAL D 94 50.61 -4.77 -6.52
N PRO D 95 51.39 -5.81 -6.89
CA PRO D 95 51.24 -6.22 -8.31
C PRO D 95 49.87 -6.84 -8.61
N LYS D 96 49.22 -7.38 -7.61
CA LYS D 96 47.92 -7.99 -7.83
C LYS D 96 46.90 -6.91 -8.18
N LYS D 97 46.95 -5.77 -7.49
CA LYS D 97 46.04 -4.66 -7.75
C LYS D 97 46.32 -4.08 -9.14
N LEU D 98 47.58 -4.10 -9.54
CA LEU D 98 47.96 -3.51 -10.81
C LEU D 98 47.42 -4.29 -11.99
N MET D 99 47.49 -5.61 -11.92
CA MET D 99 46.97 -6.47 -12.99
C MET D 99 45.47 -6.60 -12.95
N HIS D 100 44.89 -6.44 -11.78
CA HIS D 100 43.45 -6.35 -11.67
C HIS D 100 42.95 -5.15 -12.48
N TYR D 101 43.67 -4.04 -12.35
CA TYR D 101 43.34 -2.86 -13.13
C TYR D 101 43.43 -3.21 -14.62
N ALA D 102 44.47 -3.94 -15.00
CA ALA D 102 44.68 -4.32 -16.41
C ALA D 102 43.47 -5.08 -16.92
N GLY D 103 43.01 -6.01 -16.11
CA GLY D 103 41.92 -6.86 -16.52
C GLY D 103 40.63 -6.09 -16.53
N HIS D 104 40.35 -5.40 -15.43
CA HIS D 104 39.13 -4.63 -15.30
C HIS D 104 38.94 -3.72 -16.52
N MET D 105 40.03 -3.05 -16.86
CA MET D 105 40.11 -2.22 -18.05
C MET D 105 39.65 -3.00 -19.26
N GLY D 106 40.19 -4.20 -19.42
CA GLY D 106 39.84 -5.01 -20.56
C GLY D 106 38.36 -5.32 -20.60
N SER D 107 37.80 -5.68 -19.46
CA SER D 107 36.38 -5.94 -19.38
C SER D 107 35.57 -4.72 -19.84
N ILE D 108 36.03 -3.52 -19.48
CA ILE D 108 35.35 -2.30 -19.92
C ILE D 108 35.39 -2.18 -21.44
N PHE D 109 36.54 -2.43 -22.04
CA PHE D 109 36.67 -2.35 -23.48
C PHE D 109 35.68 -3.28 -24.15
N LYS D 110 35.64 -4.54 -23.70
CA LYS D 110 34.95 -5.62 -24.39
C LYS D 110 33.45 -5.65 -24.11
N LEU D 111 33.06 -5.26 -22.91
CA LEU D 111 31.67 -5.38 -22.49
C LEU D 111 30.89 -4.08 -22.56
N ASP D 112 31.55 -2.97 -22.28
CA ASP D 112 30.85 -1.71 -22.06
C ASP D 112 31.11 -0.60 -23.09
N SER D 113 32.29 -0.59 -23.68
CA SER D 113 32.74 0.58 -24.44
C SER D 113 31.87 0.92 -25.63
N LYS D 114 31.44 -0.11 -26.37
CA LYS D 114 30.60 0.09 -27.55
C LYS D 114 29.29 0.78 -27.16
N ALA D 115 28.67 0.31 -26.08
CA ALA D 115 27.43 0.91 -25.61
C ALA D 115 27.61 2.38 -25.27
N TYR D 116 28.80 2.78 -24.82
CA TYR D 116 28.96 4.18 -24.43
C TYR D 116 29.48 5.08 -25.54
N GLY D 117 29.66 4.49 -26.72
CA GLY D 117 29.96 5.28 -27.92
C GLY D 117 31.36 5.19 -28.44
N TRP D 118 32.16 4.24 -27.92
CA TRP D 118 33.56 4.12 -28.32
C TRP D 118 33.76 3.04 -29.37
N LYS D 119 34.57 3.35 -30.37
CA LYS D 119 34.82 2.45 -31.47
C LYS D 119 36.33 2.31 -31.60
N PHE D 120 36.77 1.07 -31.84
CA PHE D 120 38.19 0.78 -32.01
C PHE D 120 38.37 -0.52 -32.80
N ASP D 121 39.57 -0.72 -33.34
CA ASP D 121 39.87 -1.93 -34.11
C ASP D 121 41.04 -2.73 -33.53
N ASN D 122 40.93 -4.05 -33.62
CA ASN D 122 42.04 -4.95 -33.27
C ASN D 122 42.53 -4.80 -31.85
N LEU D 123 41.63 -5.02 -30.90
CA LEU D 123 41.99 -4.98 -29.51
C LEU D 123 42.75 -6.26 -29.18
N LYS D 124 44.01 -6.13 -28.76
CA LYS D 124 44.76 -7.26 -28.27
C LYS D 124 45.58 -6.84 -27.04
N HIS D 125 45.83 -7.78 -26.13
CA HIS D 125 46.65 -7.49 -24.97
C HIS D 125 48.05 -8.12 -25.02
N ASP D 126 49.05 -7.33 -24.66
CA ASP D 126 50.44 -7.77 -24.66
C ASP D 126 50.88 -8.05 -23.22
N TRP D 127 51.07 -9.32 -22.89
CA TRP D 127 51.42 -9.69 -21.53
C TRP D 127 52.79 -9.20 -21.12
N LYS D 128 53.74 -9.23 -22.04
CA LYS D 128 55.10 -8.83 -21.73
C LYS D 128 55.13 -7.38 -21.25
N LYS D 129 54.42 -6.51 -21.96
CA LYS D 129 54.39 -5.10 -21.58
C LYS D 129 53.77 -4.90 -20.20
N LEU D 130 52.71 -5.65 -19.88
CA LEU D 130 52.04 -5.50 -18.58
C LEU D 130 53.03 -5.82 -17.50
N VAL D 131 53.70 -6.97 -17.65
CA VAL D 131 54.68 -7.42 -16.69
C VAL D 131 55.78 -6.40 -16.51
N THR D 132 56.27 -5.82 -17.59
CA THR D 132 57.36 -4.86 -17.40
C THR D 132 56.87 -3.57 -16.73
N THR D 133 55.63 -3.15 -17.00
CA THR D 133 55.10 -1.95 -16.34
C THR D 133 54.90 -2.22 -14.84
N VAL D 134 54.52 -3.46 -14.51
CA VAL D 134 54.34 -3.86 -13.11
C VAL D 134 55.69 -4.02 -12.38
N GLN D 135 56.69 -4.57 -13.04
CA GLN D 135 57.98 -4.77 -12.35
C GLN D 135 58.74 -3.46 -12.17
N SER D 136 58.69 -2.58 -13.17
CA SER D 136 59.30 -1.24 -13.04
C SER D 136 58.81 -0.56 -11.78
N HIS D 137 57.50 -0.65 -11.55
CA HIS D 137 56.88 -0.04 -10.40
C HIS D 137 57.32 -0.73 -9.12
N ILE D 138 57.34 -2.05 -9.11
CA ILE D 138 57.77 -2.78 -7.92
C ILE D 138 59.20 -2.38 -7.59
N ARG D 139 60.02 -2.25 -8.63
CA ARG D 139 61.42 -1.92 -8.41
C ARG D 139 61.58 -0.52 -7.83
N SER D 140 60.68 0.39 -8.17
CA SER D 140 60.74 1.73 -7.60
C SER D 140 60.32 1.73 -6.12
N LEU D 141 59.38 0.86 -5.76
CA LEU D 141 58.97 0.75 -4.36
C LEU D 141 60.05 0.02 -3.59
N ASN D 142 60.81 -0.81 -4.28
CA ASN D 142 61.91 -1.48 -3.59
C ASN D 142 62.88 -0.45 -3.11
N PHE D 143 63.26 0.46 -4.00
CA PHE D 143 64.24 1.50 -3.68
C PHE D 143 63.75 2.37 -2.55
N SER D 144 62.50 2.82 -2.67
CA SER D 144 61.92 3.75 -1.70
C SER D 144 61.77 3.12 -0.31
N TYR D 145 61.44 1.83 -0.23
CA TYR D 145 61.33 1.15 1.09
C TYR D 145 62.71 1.05 1.72
N MET D 146 63.72 1.00 0.88
CA MET D 146 65.09 0.88 1.35
C MET D 146 65.61 2.20 1.89
N THR D 147 65.41 3.28 1.13
CA THR D 147 65.81 4.61 1.62
C THR D 147 65.01 5.03 2.84
N GLY D 148 63.80 4.50 2.99
CA GLY D 148 63.00 4.82 4.17
C GLY D 148 63.60 4.23 5.43
N LEU D 149 64.10 3.00 5.30
CA LEU D 149 64.76 2.34 6.42
C LEU D 149 65.96 3.18 6.79
N ARG D 150 66.74 3.57 5.80
CA ARG D 150 67.92 4.39 6.05
C ARG D 150 67.60 5.73 6.74
N SER D 151 66.54 6.41 6.33
CA SER D 151 66.15 7.66 6.96
C SER D 151 65.76 7.47 8.41
N SER D 152 65.07 6.37 8.71
CA SER D 152 64.67 6.10 10.10
C SER D 152 65.82 5.54 10.93
N LYS D 153 67.01 5.46 10.34
CA LYS D 153 68.22 5.03 11.04
C LYS D 153 68.27 3.52 11.37
N VAL D 154 67.60 2.72 10.54
CA VAL D 154 67.58 1.29 10.70
C VAL D 154 68.61 0.69 9.77
N LYS D 155 69.52 -0.10 10.32
CA LYS D 155 70.52 -0.77 9.50
C LYS D 155 69.92 -2.01 8.88
N TYR D 156 70.01 -2.08 7.55
CA TYR D 156 69.45 -3.19 6.82
C TYR D 156 70.56 -4.01 6.21
N ILE D 157 70.46 -5.32 6.44
CA ILE D 157 71.40 -6.28 5.90
C ILE D 157 70.66 -7.31 5.03
N ASN D 158 71.00 -7.36 3.76
CA ASN D 158 70.44 -8.35 2.87
C ASN D 158 71.09 -9.68 3.18
N GLY D 159 70.62 -10.34 4.24
CA GLY D 159 71.21 -11.61 4.64
C GLY D 159 70.23 -12.61 5.21
N LEU D 160 70.48 -13.89 4.94
CA LEU D 160 69.65 -14.99 5.41
C LEU D 160 69.89 -15.12 6.90
N ALA D 161 68.84 -15.18 7.70
CA ALA D 161 69.05 -15.19 9.16
C ALA D 161 68.31 -16.30 9.92
N LYS D 162 68.89 -16.70 11.05
CA LYS D 162 68.30 -17.71 11.93
C LYS D 162 68.78 -17.32 13.30
N LEU D 163 68.21 -17.91 14.35
CA LEU D 163 68.76 -17.60 15.67
C LEU D 163 69.58 -18.71 16.29
N LYS D 164 70.75 -18.33 16.81
CA LYS D 164 71.67 -19.23 17.49
C LYS D 164 71.30 -19.33 18.96
N ASP D 165 70.50 -18.40 19.44
CA ASP D 165 70.36 -18.21 20.88
C ASP D 165 69.19 -17.25 21.19
N LYS D 166 68.69 -17.30 22.41
CA LYS D 166 67.58 -16.46 22.83
C LYS D 166 67.88 -14.94 22.79
N ASN D 167 69.15 -14.58 22.55
CA ASN D 167 69.51 -13.19 22.30
C ASN D 167 70.54 -13.06 21.18
N THR D 168 70.61 -14.07 20.31
CA THR D 168 71.64 -14.08 19.27
C THR D 168 71.08 -14.59 17.96
N VAL D 169 71.57 -14.00 16.87
CA VAL D 169 71.08 -14.30 15.54
C VAL D 169 72.26 -14.51 14.62
N SER D 170 72.24 -15.61 13.88
CA SER D 170 73.33 -15.92 12.98
C SER D 170 72.90 -15.54 11.58
N TYR D 171 73.80 -15.00 10.76
CA TYR D 171 73.42 -14.65 9.40
C TYR D 171 74.48 -14.90 8.36
N TYR D 172 74.09 -14.76 7.09
CA TYR D 172 74.92 -15.09 5.94
C TYR D 172 74.74 -14.06 4.84
N LEU D 173 75.71 -13.16 4.67
CA LEU D 173 75.62 -12.10 3.65
C LEU D 173 75.27 -12.61 2.26
N LYS D 174 74.23 -12.02 1.69
CA LYS D 174 73.81 -12.29 0.32
C LYS D 174 73.57 -13.80 0.05
N GLY D 175 73.01 -14.50 1.05
CA GLY D 175 72.69 -15.92 0.92
C GLY D 175 73.86 -16.88 1.14
N ASP D 176 75.07 -16.41 0.79
CA ASP D 176 76.31 -17.20 0.81
C ASP D 176 76.65 -17.81 2.17
N LEU D 177 76.51 -19.13 2.28
CA LEU D 177 76.70 -19.83 3.55
C LEU D 177 78.18 -20.09 3.94
N SER D 178 79.12 -19.50 3.19
CA SER D 178 80.53 -19.61 3.53
C SER D 178 80.85 -18.98 4.90
N LYS D 179 80.52 -17.70 5.09
CA LYS D 179 80.73 -17.08 6.41
C LYS D 179 79.41 -16.79 7.16
N GLU D 180 79.21 -17.53 8.24
CA GLU D 180 78.20 -17.20 9.25
C GLU D 180 78.78 -16.11 10.15
N GLU D 181 78.12 -14.95 10.19
CA GLU D 181 78.46 -13.93 11.18
C GLU D 181 77.34 -13.89 12.21
N THR D 182 77.59 -13.28 13.38
CA THR D 182 76.58 -13.25 14.45
C THR D 182 76.45 -11.87 15.10
N VAL D 183 75.28 -11.62 15.68
CA VAL D 183 74.94 -10.35 16.30
C VAL D 183 73.94 -10.63 17.43
N THR D 184 73.99 -9.81 18.49
CA THR D 184 73.09 -9.95 19.65
C THR D 184 72.06 -8.80 19.74
N GLY D 185 70.92 -9.09 20.37
CA GLY D 185 69.86 -8.12 20.51
C GLY D 185 69.11 -8.33 21.81
N LYS D 186 68.64 -7.24 22.41
CA LYS D 186 67.90 -7.31 23.65
C LYS D 186 66.54 -7.99 23.37
N TYR D 187 65.96 -7.64 22.22
CA TYR D 187 64.69 -8.24 21.76
C TYR D 187 64.75 -8.61 20.29
N ILE D 188 64.26 -9.80 19.97
CA ILE D 188 64.23 -10.23 18.58
C ILE D 188 62.78 -10.31 18.10
N LEU D 189 62.54 -9.81 16.89
CA LEU D 189 61.22 -9.90 16.28
C LEU D 189 61.32 -10.77 15.06
N ILE D 190 60.51 -11.83 15.04
CA ILE D 190 60.43 -12.68 13.86
C ILE D 190 59.23 -12.26 13.05
N ALA D 191 59.49 -11.93 11.79
CA ALA D 191 58.44 -11.44 10.89
C ALA D 191 58.78 -11.88 9.50
N THR D 192 58.85 -13.19 9.31
CA THR D 192 59.30 -13.77 8.06
C THR D 192 58.14 -14.08 7.14
N GLY D 193 56.93 -13.95 7.65
CA GLY D 193 55.75 -14.12 6.82
C GLY D 193 55.53 -15.55 6.33
N CYS D 194 55.02 -15.68 5.11
CA CYS D 194 54.57 -16.95 4.58
C CYS D 194 54.99 -17.11 3.12
N ARG D 195 54.97 -18.35 2.63
CA ARG D 195 55.12 -18.61 1.19
C ARG D 195 54.01 -19.57 0.73
N PRO D 196 53.73 -19.59 -0.58
CA PRO D 196 52.65 -20.49 -1.04
C PRO D 196 53.01 -21.95 -0.87
N HIS D 197 52.01 -22.78 -0.56
CA HIS D 197 52.22 -24.20 -0.38
C HIS D 197 51.77 -25.02 -1.60
N ILE D 198 52.69 -25.85 -2.10
CA ILE D 198 52.36 -26.83 -3.14
C ILE D 198 52.36 -28.20 -2.49
N PRO D 199 51.24 -28.93 -2.63
CA PRO D 199 51.08 -30.18 -1.87
C PRO D 199 52.08 -31.27 -2.26
N ASP D 200 52.34 -32.16 -1.30
CA ASP D 200 53.32 -33.24 -1.44
C ASP D 200 52.74 -34.41 -2.22
N ASP D 201 51.45 -34.65 -2.01
CA ASP D 201 50.76 -35.83 -2.53
C ASP D 201 50.29 -35.71 -3.98
N VAL D 202 50.88 -34.80 -4.74
CA VAL D 202 50.48 -34.60 -6.13
C VAL D 202 51.70 -34.62 -7.04
N GLU D 203 51.82 -35.69 -7.80
CA GLU D 203 53.04 -35.96 -8.56
C GLU D 203 53.28 -34.95 -9.68
N GLY D 204 54.41 -34.24 -9.58
CA GLY D 204 54.79 -33.28 -10.59
C GLY D 204 54.33 -31.88 -10.24
N ALA D 205 53.62 -31.77 -9.12
CA ALA D 205 53.08 -30.49 -8.70
C ALA D 205 54.20 -29.50 -8.35
N LYS D 206 55.00 -29.85 -7.35
CA LYS D 206 56.07 -28.95 -6.90
C LYS D 206 57.03 -28.65 -8.03
N GLU D 207 57.07 -29.51 -9.02
CA GLU D 207 58.12 -29.43 -10.04
C GLU D 207 57.69 -28.62 -11.26
N LEU D 208 56.39 -28.58 -11.51
CA LEU D 208 55.92 -28.06 -12.79
C LEU D 208 55.02 -26.83 -12.66
N SER D 209 54.33 -26.71 -11.53
CA SER D 209 53.35 -25.63 -11.32
C SER D 209 54.00 -24.36 -10.78
N ILE D 210 53.40 -23.21 -11.11
CA ILE D 210 53.83 -21.92 -10.55
C ILE D 210 52.90 -21.52 -9.42
N THR D 211 53.28 -20.46 -8.70
CA THR D 211 52.46 -19.88 -7.62
C THR D 211 52.38 -18.36 -7.74
N SER D 212 51.76 -17.72 -6.74
CA SER D 212 51.69 -16.28 -6.71
C SER D 212 53.08 -15.63 -6.71
N ASP D 213 54.11 -16.34 -6.27
CA ASP D 213 55.46 -15.80 -6.35
C ASP D 213 55.91 -15.62 -7.80
N ASP D 214 55.26 -16.34 -8.71
CA ASP D 214 55.74 -16.40 -10.10
C ASP D 214 54.87 -15.64 -11.07
N ILE D 215 53.56 -15.64 -10.82
CA ILE D 215 52.58 -15.08 -11.76
C ILE D 215 52.88 -13.63 -12.19
N PHE D 216 53.27 -12.78 -11.24
CA PHE D 216 53.47 -11.35 -11.55
C PHE D 216 54.72 -10.99 -12.34
N SER D 217 55.59 -11.95 -12.60
CA SER D 217 56.83 -11.68 -13.32
C SER D 217 57.08 -12.66 -14.47
N LEU D 218 56.17 -13.63 -14.62
CA LEU D 218 56.23 -14.67 -15.66
C LEU D 218 56.75 -14.15 -16.99
N LYS D 219 57.63 -14.93 -17.63
CA LYS D 219 58.24 -14.51 -18.87
C LYS D 219 57.46 -14.96 -20.12
N LYS D 220 56.75 -16.07 -19.99
CA LYS D 220 55.88 -16.54 -21.05
C LYS D 220 54.45 -16.05 -20.82
N ASP D 221 53.68 -15.85 -21.90
CA ASP D 221 52.25 -15.60 -21.77
C ASP D 221 51.64 -16.75 -20.97
N PRO D 222 50.76 -16.45 -20.01
CA PRO D 222 50.18 -17.50 -19.18
C PRO D 222 49.41 -18.55 -19.98
N GLY D 223 48.80 -18.14 -21.09
CA GLY D 223 48.04 -19.05 -21.93
C GLY D 223 46.94 -19.79 -21.18
N LYS D 224 46.52 -20.94 -21.71
CA LYS D 224 45.49 -21.76 -21.06
C LYS D 224 45.95 -22.18 -19.65
N THR D 225 45.23 -21.69 -18.65
CA THR D 225 45.69 -21.75 -17.28
C THR D 225 44.76 -22.50 -16.35
N LEU D 226 45.32 -23.45 -15.62
CA LEU D 226 44.56 -24.09 -14.54
C LEU D 226 44.99 -23.47 -13.22
N VAL D 227 44.04 -22.95 -12.47
CA VAL D 227 44.31 -22.44 -11.14
C VAL D 227 43.72 -23.43 -10.15
N VAL D 228 44.50 -23.86 -9.19
CA VAL D 228 44.00 -24.84 -8.25
C VAL D 228 43.86 -24.19 -6.89
N GLY D 229 42.66 -24.21 -6.34
CA GLY D 229 42.37 -23.58 -5.06
C GLY D 229 41.20 -22.63 -5.23
N ALA D 230 40.66 -22.14 -4.12
CA ALA D 230 39.50 -21.27 -4.22
C ALA D 230 39.55 -20.16 -3.20
N SER D 231 40.76 -19.83 -2.74
CA SER D 231 40.99 -18.76 -1.77
C SER D 231 40.92 -17.47 -2.51
N TYR D 232 41.00 -16.35 -1.79
CA TYR D 232 40.90 -15.07 -2.48
C TYR D 232 42.03 -14.89 -3.50
N VAL D 233 43.19 -15.48 -3.24
CA VAL D 233 44.31 -15.39 -4.19
C VAL D 233 44.04 -16.14 -5.51
N ALA D 234 43.46 -17.33 -5.42
CA ALA D 234 43.09 -18.12 -6.60
C ALA D 234 42.09 -17.33 -7.45
N LEU D 235 40.98 -16.95 -6.83
CA LEU D 235 39.93 -16.22 -7.53
C LEU D 235 40.42 -14.92 -8.14
N GLU D 236 41.33 -14.22 -7.47
CA GLU D 236 41.79 -12.94 -8.00
C GLU D 236 42.66 -13.13 -9.23
N CYS D 237 43.51 -14.14 -9.22
CA CYS D 237 44.34 -14.40 -10.39
C CYS D 237 43.56 -14.99 -11.56
N SER D 238 42.56 -15.81 -11.27
CA SER D 238 41.70 -16.37 -12.32
C SER D 238 41.01 -15.23 -13.00
N GLY D 239 40.47 -14.33 -12.18
CA GLY D 239 39.74 -13.16 -12.63
C GLY D 239 40.45 -12.26 -13.62
N PHE D 240 41.62 -11.75 -13.24
CA PHE D 240 42.33 -10.83 -14.14
C PHE D 240 42.89 -11.55 -15.38
N LEU D 241 43.36 -12.78 -15.20
CA LEU D 241 43.85 -13.60 -16.32
C LEU D 241 42.74 -13.81 -17.35
N ASN D 242 41.55 -14.17 -16.88
CA ASN D 242 40.37 -14.25 -17.75
C ASN D 242 40.07 -12.94 -18.47
N SER D 243 39.95 -11.85 -17.70
CA SER D 243 39.66 -10.55 -18.28
C SER D 243 40.73 -10.18 -19.30
N LEU D 244 41.96 -10.61 -19.06
CA LEU D 244 43.08 -10.27 -19.93
C LEU D 244 42.98 -11.05 -21.26
N GLY D 245 42.16 -12.11 -21.25
CA GLY D 245 41.86 -12.83 -22.47
C GLY D 245 42.27 -14.30 -22.53
N TYR D 246 42.72 -14.84 -21.42
CA TYR D 246 43.18 -16.23 -21.39
C TYR D 246 42.09 -17.19 -21.00
N ASP D 247 42.18 -18.41 -21.52
CA ASP D 247 41.26 -19.47 -21.13
C ASP D 247 41.64 -19.92 -19.73
N VAL D 248 40.71 -19.81 -18.79
CA VAL D 248 41.04 -20.00 -17.40
C VAL D 248 40.13 -21.01 -16.73
N THR D 249 40.72 -22.00 -16.07
CA THR D 249 39.96 -23.00 -15.35
C THR D 249 40.38 -23.03 -13.90
N VAL D 250 39.41 -23.16 -13.00
CA VAL D 250 39.68 -23.23 -11.58
C VAL D 250 39.27 -24.64 -11.09
N ALA D 251 40.06 -25.27 -10.23
CA ALA D 251 39.65 -26.53 -9.63
C ALA D 251 39.19 -26.26 -8.20
N VAL D 252 38.00 -26.69 -7.82
CA VAL D 252 37.42 -26.30 -6.54
C VAL D 252 36.83 -27.43 -5.66
N ARG D 253 37.64 -28.07 -4.84
CA ARG D 253 37.12 -29.00 -3.84
C ARG D 253 36.15 -28.25 -2.91
N SER D 254 34.87 -28.58 -3.00
CA SER D 254 33.81 -27.87 -2.27
C SER D 254 33.73 -26.38 -2.62
N ILE D 255 33.48 -25.54 -1.60
CA ILE D 255 33.19 -24.12 -1.83
C ILE D 255 34.38 -23.25 -2.23
N VAL D 256 34.02 -22.05 -2.68
CA VAL D 256 34.95 -20.99 -3.06
C VAL D 256 35.01 -19.96 -1.93
N LEU D 257 36.17 -19.34 -1.75
CA LEU D 257 36.38 -18.42 -0.63
C LEU D 257 35.93 -19.03 0.70
N ARG D 258 36.58 -20.09 1.14
CA ARG D 258 36.20 -20.72 2.40
C ARG D 258 36.43 -19.76 3.56
N GLY D 259 35.45 -19.64 4.44
CA GLY D 259 35.62 -18.80 5.61
C GLY D 259 35.18 -17.39 5.38
N PHE D 260 34.50 -17.13 4.26
CA PHE D 260 33.82 -15.85 4.01
C PHE D 260 32.32 -16.10 3.85
N ASP D 261 31.50 -15.05 4.02
CA ASP D 261 30.04 -15.13 3.85
C ASP D 261 29.66 -15.75 2.52
N GLN D 262 28.87 -16.83 2.55
CA GLN D 262 28.74 -17.63 1.34
C GLN D 262 27.75 -17.07 0.31
N GLN D 263 26.76 -16.33 0.77
CA GLN D 263 25.91 -15.67 -0.21
C GLN D 263 26.78 -14.80 -1.12
N CYS D 264 27.68 -14.03 -0.53
CA CYS D 264 28.60 -13.18 -1.30
C CYS D 264 29.57 -14.00 -2.13
N ALA D 265 30.08 -15.09 -1.56
CA ALA D 265 30.94 -15.99 -2.31
C ALA D 265 30.28 -16.50 -3.59
N VAL D 266 29.04 -16.96 -3.49
CA VAL D 266 28.36 -17.43 -4.68
C VAL D 266 28.18 -16.30 -5.68
N LYS D 267 27.80 -15.12 -5.18
CA LYS D 267 27.63 -13.95 -6.05
C LYS D 267 28.92 -13.68 -6.84
N VAL D 268 30.07 -13.74 -6.17
CA VAL D 268 31.33 -13.50 -6.87
C VAL D 268 31.55 -14.59 -7.91
N LYS D 269 31.40 -15.84 -7.47
CA LYS D 269 31.60 -16.99 -8.34
C LYS D 269 30.74 -16.89 -9.57
N LEU D 270 29.46 -16.62 -9.37
CA LEU D 270 28.53 -16.51 -10.49
C LEU D 270 28.96 -15.45 -11.48
N TYR D 271 29.39 -14.31 -10.96
CA TYR D 271 29.86 -13.23 -11.82
C TYR D 271 31.05 -13.64 -12.69
N MET D 272 32.01 -14.34 -12.09
CA MET D 272 33.18 -14.78 -12.85
C MET D 272 32.76 -15.77 -13.93
N GLU D 273 31.90 -16.71 -13.54
CA GLU D 273 31.39 -17.71 -14.48
C GLU D 273 30.75 -17.06 -15.68
N GLU D 274 29.92 -16.05 -15.42
CA GLU D 274 29.23 -15.35 -16.50
C GLU D 274 30.16 -14.48 -17.33
N GLN D 275 31.45 -14.48 -17.04
CA GLN D 275 32.41 -13.74 -17.86
C GLN D 275 33.40 -14.67 -18.53
N GLY D 276 33.30 -15.96 -18.22
CA GLY D 276 34.10 -16.92 -18.95
C GLY D 276 34.83 -17.98 -18.15
N VAL D 277 35.13 -17.72 -16.88
CA VAL D 277 35.98 -18.65 -16.16
C VAL D 277 35.18 -19.92 -15.80
N MET D 278 35.84 -21.07 -15.92
CA MET D 278 35.18 -22.36 -15.69
C MET D 278 35.57 -22.94 -14.36
N PHE D 279 34.60 -23.43 -13.61
CA PHE D 279 34.87 -24.00 -12.30
C PHE D 279 34.69 -25.52 -12.19
N LYS D 280 35.80 -26.27 -12.29
CA LYS D 280 35.75 -27.72 -12.06
C LYS D 280 35.43 -27.99 -10.60
N ASN D 281 34.14 -28.08 -10.27
CA ASN D 281 33.72 -28.29 -8.90
C ASN D 281 34.04 -29.69 -8.38
N GLY D 282 34.63 -29.76 -7.19
CA GLY D 282 34.93 -31.03 -6.54
C GLY D 282 35.97 -31.90 -7.23
N ILE D 283 36.66 -31.35 -8.22
CA ILE D 283 37.62 -32.10 -9.02
C ILE D 283 39.05 -31.51 -8.99
N LEU D 284 39.92 -32.05 -8.14
CA LEU D 284 41.28 -31.54 -8.01
C LEU D 284 42.24 -32.36 -8.86
N PRO D 285 43.40 -31.79 -9.22
CA PRO D 285 44.40 -32.58 -9.95
C PRO D 285 45.00 -33.65 -9.06
N LYS D 286 45.32 -34.82 -9.64
CA LYS D 286 45.96 -35.90 -8.90
C LYS D 286 47.41 -36.15 -9.38
N LYS D 287 47.72 -35.71 -10.60
CA LYS D 287 49.05 -35.88 -11.20
C LYS D 287 49.32 -34.85 -12.28
N LEU D 288 50.57 -34.39 -12.35
CA LEU D 288 51.02 -33.46 -13.39
C LEU D 288 52.23 -34.00 -14.10
N THR D 289 52.24 -33.95 -15.42
CA THR D 289 53.34 -34.49 -16.20
C THR D 289 53.88 -33.47 -17.18
N LYS D 290 55.17 -33.21 -17.11
CA LYS D 290 55.80 -32.27 -18.03
C LYS D 290 55.73 -32.87 -19.40
N MET D 291 55.38 -32.05 -20.38
CA MET D 291 55.10 -32.54 -21.71
C MET D 291 55.38 -31.47 -22.75
N ASP D 292 56.66 -31.25 -23.05
CA ASP D 292 57.07 -30.13 -23.90
C ASP D 292 56.66 -28.82 -23.21
N ASP D 293 56.21 -27.86 -24.00
CA ASP D 293 55.78 -26.56 -23.47
C ASP D 293 54.38 -26.58 -22.90
N LYS D 294 53.92 -27.73 -22.45
CA LYS D 294 52.57 -27.83 -21.91
C LYS D 294 52.58 -28.78 -20.74
N ILE D 295 51.45 -28.91 -20.05
CA ILE D 295 51.34 -29.77 -18.89
C ILE D 295 50.03 -30.54 -18.93
N LEU D 296 50.10 -31.85 -18.73
CA LEU D 296 48.88 -32.63 -18.70
C LEU D 296 48.50 -32.88 -17.25
N VAL D 297 47.22 -32.76 -16.97
CA VAL D 297 46.73 -32.86 -15.60
C VAL D 297 45.70 -33.97 -15.51
N GLU D 298 46.01 -34.99 -14.71
CA GLU D 298 45.04 -36.06 -14.45
C GLU D 298 44.22 -35.69 -13.23
N PHE D 299 42.89 -35.71 -13.38
CA PHE D 299 41.98 -35.25 -12.33
C PHE D 299 41.37 -36.41 -11.54
N SER D 300 40.92 -36.13 -10.32
CA SER D 300 40.44 -37.21 -9.43
C SER D 300 39.15 -37.87 -9.92
N ASP D 301 38.60 -37.38 -11.03
CA ASP D 301 37.44 -38.02 -11.67
C ASP D 301 37.92 -38.84 -12.85
N LYS D 302 39.25 -38.96 -12.93
CA LYS D 302 39.95 -39.72 -13.97
C LYS D 302 39.96 -39.08 -15.37
N THR D 303 39.36 -37.89 -15.51
CA THR D 303 39.53 -37.16 -16.75
C THR D 303 40.95 -36.61 -16.88
N SER D 304 41.25 -35.96 -17.99
CA SER D 304 42.57 -35.37 -18.18
C SER D 304 42.51 -34.26 -19.20
N GLU D 305 43.38 -33.25 -19.06
CA GLU D 305 43.37 -32.11 -19.97
C GLU D 305 44.75 -31.43 -20.05
N LEU D 306 44.97 -30.70 -21.13
CA LEU D 306 46.26 -30.09 -21.40
C LEU D 306 46.20 -28.61 -21.10
N TYR D 307 47.21 -28.08 -20.42
CA TYR D 307 47.27 -26.65 -20.08
C TYR D 307 48.65 -26.07 -20.35
N ASP D 308 48.70 -24.75 -20.50
CA ASP D 308 49.97 -24.03 -20.66
C ASP D 308 50.61 -23.72 -19.31
N THR D 309 49.77 -23.51 -18.30
CA THR D 309 50.22 -23.11 -16.97
C THR D 309 49.36 -23.78 -15.90
N VAL D 310 50.00 -24.30 -14.87
CA VAL D 310 49.25 -24.73 -13.68
C VAL D 310 49.68 -23.83 -12.54
N LEU D 311 48.70 -23.24 -11.86
CA LEU D 311 48.97 -22.24 -10.83
C LEU D 311 48.38 -22.74 -9.52
N TYR D 312 49.26 -23.15 -8.61
CA TYR D 312 48.81 -23.63 -7.31
C TYR D 312 48.64 -22.49 -6.32
N ALA D 313 47.49 -22.43 -5.69
CA ALA D 313 47.15 -21.33 -4.81
C ALA D 313 46.17 -21.82 -3.78
N ILE D 314 46.59 -22.83 -3.03
CA ILE D 314 45.71 -23.48 -2.09
C ILE D 314 45.87 -22.93 -0.69
N GLY D 315 46.98 -22.26 -0.44
CA GLY D 315 47.23 -21.78 0.90
C GLY D 315 48.67 -21.37 1.05
N ARG D 316 49.01 -20.89 2.24
CA ARG D 316 50.38 -20.47 2.51
C ARG D 316 50.80 -20.96 3.90
N LYS D 317 52.05 -21.38 4.00
CA LYS D 317 52.62 -21.85 5.28
C LYS D 317 53.66 -20.88 5.82
N GLY D 318 53.71 -20.74 7.15
CA GLY D 318 54.66 -19.85 7.78
C GLY D 318 56.06 -20.26 7.36
N ASP D 319 56.88 -19.29 6.97
CA ASP D 319 58.28 -19.53 6.59
C ASP D 319 59.17 -19.52 7.82
N ILE D 320 59.40 -20.71 8.36
CA ILE D 320 59.85 -20.87 9.72
C ILE D 320 60.93 -21.95 9.78
N ASP D 321 61.00 -22.77 8.72
CA ASP D 321 61.82 -23.99 8.71
C ASP D 321 63.31 -23.73 8.95
N GLY D 322 63.90 -22.83 8.18
CA GLY D 322 65.32 -22.54 8.32
C GLY D 322 65.66 -21.56 9.43
N LEU D 323 64.84 -21.48 10.48
CA LEU D 323 65.07 -20.47 11.52
C LEU D 323 65.70 -21.03 12.80
N ASN D 324 65.78 -22.36 12.91
CA ASN D 324 66.38 -23.04 14.07
C ASN D 324 65.57 -22.85 15.36
N LEU D 325 64.27 -22.63 15.22
CA LEU D 325 63.41 -22.42 16.38
C LEU D 325 63.31 -23.68 17.24
N GLU D 326 63.62 -24.83 16.65
CA GLU D 326 63.66 -26.10 17.38
C GLU D 326 64.58 -25.98 18.57
N SER D 327 65.78 -25.46 18.33
CA SER D 327 66.82 -25.33 19.36
C SER D 327 66.58 -24.21 20.37
N LEU D 328 65.33 -23.83 20.57
CA LEU D 328 64.93 -22.93 21.64
C LEU D 328 63.64 -23.44 22.26
N ASN D 329 63.12 -24.49 21.64
CA ASN D 329 61.85 -25.09 22.06
C ASN D 329 60.71 -24.06 21.95
N MET D 330 60.72 -23.27 20.89
CA MET D 330 59.64 -22.32 20.67
C MET D 330 58.44 -23.05 20.08
N ASN D 331 57.29 -22.95 20.73
CA ASN D 331 56.11 -23.64 20.20
C ASN D 331 55.52 -23.01 18.95
N VAL D 332 55.36 -23.85 17.93
CA VAL D 332 54.80 -23.46 16.67
C VAL D 332 53.65 -24.41 16.33
N ASN D 333 52.64 -23.94 15.60
CA ASN D 333 51.61 -24.82 15.10
C ASN D 333 52.14 -25.48 13.85
N LYS D 334 52.33 -26.79 13.89
CA LYS D 334 53.10 -27.45 12.83
C LYS D 334 52.30 -27.68 11.53
N SER D 335 50.98 -27.64 11.62
CA SER D 335 50.16 -27.71 10.39
C SER D 335 50.31 -26.43 9.55
N ASN D 336 50.15 -25.29 10.22
CA ASN D 336 50.33 -23.93 9.67
C ASN D 336 51.76 -23.65 9.30
N ASN D 337 52.66 -24.18 10.13
CA ASN D 337 54.05 -23.75 10.20
C ASN D 337 54.18 -22.30 10.69
N LYS D 338 53.33 -21.95 11.65
CA LYS D 338 53.28 -20.59 12.16
C LYS D 338 53.68 -20.55 13.63
N ILE D 339 54.25 -19.43 14.05
CA ILE D 339 54.65 -19.28 15.45
C ILE D 339 53.45 -19.00 16.34
N ILE D 340 53.37 -19.68 17.48
CA ILE D 340 52.31 -19.42 18.43
C ILE D 340 52.71 -18.24 19.28
N ALA D 341 52.11 -17.08 19.02
CA ALA D 341 52.38 -15.86 19.77
C ALA D 341 51.11 -15.40 20.45
N ASP D 342 51.22 -14.74 21.59
CA ASP D 342 50.02 -14.36 22.34
C ASP D 342 49.53 -12.98 21.93
N HIS D 343 48.70 -12.36 22.77
CA HIS D 343 48.04 -11.10 22.42
C HIS D 343 48.98 -9.88 22.54
N LEU D 344 50.25 -10.13 22.85
CA LEU D 344 51.24 -9.06 22.95
C LEU D 344 52.36 -9.30 21.95
N SER D 345 52.17 -10.29 21.09
CA SER D 345 53.16 -10.72 20.11
C SER D 345 54.35 -11.47 20.72
N CYS D 346 54.16 -11.96 21.95
CA CYS D 346 55.17 -12.76 22.62
C CYS D 346 55.09 -14.24 22.26
N THR D 347 56.23 -14.85 22.00
CA THR D 347 56.33 -16.30 21.90
C THR D 347 56.39 -16.87 23.33
N ASN D 348 56.88 -18.11 23.47
CA ASN D 348 57.11 -18.68 24.81
C ASN D 348 58.53 -18.40 25.27
N ILE D 349 59.37 -17.94 24.36
CA ILE D 349 60.67 -17.38 24.69
C ILE D 349 60.52 -15.87 24.91
N PRO D 350 60.76 -15.41 26.16
CA PRO D 350 60.43 -14.05 26.61
C PRO D 350 61.14 -12.91 25.89
N SER D 351 62.12 -13.20 25.05
CA SER D 351 62.86 -12.15 24.36
C SER D 351 62.66 -12.18 22.85
N ILE D 352 61.83 -13.12 22.37
CA ILE D 352 61.53 -13.21 20.95
C ILE D 352 60.04 -13.00 20.66
N PHE D 353 59.75 -12.29 19.57
CA PHE D 353 58.37 -11.93 19.25
C PHE D 353 58.05 -12.24 17.80
N ALA D 354 56.76 -12.35 17.51
CA ALA D 354 56.32 -12.58 16.14
C ALA D 354 55.09 -11.78 15.83
N VAL D 355 55.06 -11.21 14.63
CA VAL D 355 53.90 -10.49 14.14
C VAL D 355 53.70 -10.78 12.65
N GLY D 356 52.52 -10.43 12.12
CA GLY D 356 52.28 -10.59 10.70
C GLY D 356 51.93 -12.02 10.31
N ASP D 357 52.07 -12.35 9.04
CA ASP D 357 51.66 -13.64 8.49
C ASP D 357 52.17 -14.88 9.24
N VAL D 358 53.32 -14.75 9.89
CA VAL D 358 53.97 -15.93 10.46
C VAL D 358 53.42 -16.25 11.85
N ALA D 359 52.66 -15.33 12.42
CA ALA D 359 52.09 -15.64 13.73
C ALA D 359 50.72 -16.23 13.50
N GLU D 360 50.40 -17.29 14.24
CA GLU D 360 49.15 -18.01 14.05
C GLU D 360 47.98 -17.11 14.40
N ASN D 361 46.81 -17.36 13.83
CA ASN D 361 45.60 -16.63 14.16
C ASN D 361 45.57 -15.15 13.82
N VAL D 362 46.57 -14.64 13.09
CA VAL D 362 46.53 -13.22 12.69
C VAL D 362 46.28 -13.08 11.18
N PRO D 363 45.34 -12.21 10.81
CA PRO D 363 44.90 -12.09 9.42
C PRO D 363 46.06 -11.70 8.53
N GLU D 364 46.16 -12.33 7.37
CA GLU D 364 47.23 -12.05 6.43
C GLU D 364 46.96 -10.80 5.62
N LEU D 365 46.89 -9.66 6.30
CA LEU D 365 46.72 -8.36 5.62
C LEU D 365 47.82 -7.40 6.03
N ALA D 366 48.48 -6.77 5.05
CA ALA D 366 49.59 -5.87 5.34
C ALA D 366 49.30 -4.81 6.41
N PRO D 367 48.13 -4.13 6.35
CA PRO D 367 47.97 -3.09 7.37
C PRO D 367 47.86 -3.69 8.76
N VAL D 368 47.42 -4.94 8.86
CA VAL D 368 47.34 -5.61 10.15
C VAL D 368 48.73 -5.86 10.68
N ALA D 369 49.64 -6.30 9.82
CA ALA D 369 51.01 -6.60 10.27
C ALA D 369 51.73 -5.29 10.65
N ILE D 370 51.34 -4.20 9.99
CA ILE D 370 51.95 -2.90 10.27
C ILE D 370 51.55 -2.46 11.68
N LYS D 371 50.24 -2.48 11.98
CA LYS D 371 49.74 -2.04 13.29
C LYS D 371 50.33 -2.85 14.44
N ALA D 372 50.46 -4.16 14.24
CA ALA D 372 51.00 -5.02 15.30
C ALA D 372 52.50 -4.78 15.47
N GLY D 373 53.21 -4.62 14.36
CA GLY D 373 54.62 -4.28 14.41
C GLY D 373 54.87 -2.96 15.12
N GLU D 374 54.07 -1.97 14.81
CA GLU D 374 54.18 -0.66 15.42
C GLU D 374 53.80 -0.70 16.89
N ILE D 375 52.66 -1.31 17.23
CA ILE D 375 52.23 -1.39 18.63
C ILE D 375 53.27 -2.13 19.44
N LEU D 376 53.79 -3.23 18.90
CA LEU D 376 54.86 -3.97 19.61
C LEU D 376 56.02 -3.03 19.96
N ALA D 377 56.60 -2.37 18.95
CA ALA D 377 57.72 -1.43 19.13
C ALA D 377 57.45 -0.43 20.22
N ARG D 378 56.24 0.08 20.26
CA ARG D 378 55.90 1.04 21.30
C ARG D 378 55.86 0.39 22.68
N ARG D 379 55.40 -0.85 22.75
CA ARG D 379 55.36 -1.56 24.04
C ARG D 379 56.76 -1.86 24.55
N LEU D 380 57.68 -2.20 23.64
CA LEU D 380 59.04 -2.58 24.03
C LEU D 380 59.88 -1.35 24.35
N PHE D 381 59.69 -0.26 23.62
CA PHE D 381 60.59 0.89 23.73
C PHE D 381 59.93 2.21 24.09
N LYS D 382 58.63 2.22 24.39
CA LYS D 382 57.97 3.45 24.79
C LYS D 382 57.05 3.25 25.98
N ASP D 383 57.22 2.13 26.68
CA ASP D 383 56.39 1.79 27.85
C ASP D 383 54.89 1.97 27.60
N SER D 384 54.47 1.80 26.36
CA SER D 384 53.06 1.86 26.01
C SER D 384 52.32 0.64 26.53
N ASP D 385 51.02 0.76 26.72
CA ASP D 385 50.28 -0.40 27.17
C ASP D 385 49.08 -0.64 26.27
N GLU D 386 49.18 -0.19 25.03
CA GLU D 386 48.16 -0.50 24.04
C GLU D 386 48.39 -1.91 23.55
N ILE D 387 47.31 -2.67 23.45
CA ILE D 387 47.37 -4.04 22.93
C ILE D 387 46.62 -4.12 21.60
N MET D 388 47.07 -5.00 20.70
CA MET D 388 46.57 -5.02 19.32
C MET D 388 45.20 -5.64 19.24
N ASP D 389 44.27 -4.91 18.61
CA ASP D 389 42.85 -5.31 18.50
C ASP D 389 42.59 -5.99 17.15
N TYR D 390 42.31 -7.29 17.17
CA TYR D 390 42.07 -8.04 15.92
C TYR D 390 40.61 -8.19 15.52
N SER D 391 39.72 -7.39 16.12
CA SER D 391 38.29 -7.50 15.87
C SER D 391 37.82 -6.49 14.84
N TYR D 392 36.84 -6.89 14.03
CA TYR D 392 36.27 -6.02 12.99
C TYR D 392 37.31 -5.54 12.02
N ILE D 393 38.19 -6.42 11.58
CA ILE D 393 39.20 -6.02 10.61
C ILE D 393 38.59 -6.06 9.21
N PRO D 394 38.60 -4.92 8.52
CA PRO D 394 38.01 -4.89 7.18
C PRO D 394 38.86 -5.64 6.18
N THR D 395 38.22 -6.24 5.20
CA THR D 395 38.94 -6.95 4.17
C THR D 395 38.29 -6.66 2.84
N SER D 396 39.03 -6.85 1.74
CA SER D 396 38.48 -6.58 0.44
C SER D 396 39.15 -7.40 -0.62
N ILE D 397 38.38 -8.17 -1.37
CA ILE D 397 38.89 -9.12 -2.37
C ILE D 397 38.73 -8.56 -3.79
N TYR D 398 39.78 -8.63 -4.61
CA TYR D 398 39.74 -7.94 -5.92
C TYR D 398 39.49 -8.85 -7.12
N THR D 399 38.33 -9.49 -7.08
CA THR D 399 37.88 -10.38 -8.15
C THR D 399 37.21 -9.46 -9.17
N PRO D 400 36.95 -9.94 -10.39
CA PRO D 400 36.39 -9.05 -11.41
C PRO D 400 35.14 -8.28 -10.95
N ILE D 401 34.38 -8.84 -10.02
CA ILE D 401 33.47 -8.02 -9.23
C ILE D 401 33.92 -8.16 -7.78
N GLU D 402 34.09 -7.04 -7.10
CA GLU D 402 34.85 -7.05 -5.86
C GLU D 402 33.95 -7.39 -4.70
N TYR D 403 34.56 -7.81 -3.58
CA TYR D 403 33.79 -8.13 -2.38
C TYR D 403 34.54 -7.57 -1.20
N GLY D 404 33.88 -6.70 -0.45
CA GLY D 404 34.45 -6.22 0.78
C GLY D 404 33.56 -6.61 1.93
N ALA D 405 34.15 -6.78 3.10
CA ALA D 405 33.39 -7.22 4.25
C ALA D 405 34.07 -6.72 5.49
N CYS D 406 33.34 -6.76 6.59
CA CYS D 406 33.88 -6.46 7.90
C CYS D 406 32.92 -6.98 8.94
N GLY D 407 33.39 -7.89 9.78
CA GLY D 407 32.57 -8.43 10.84
C GLY D 407 32.11 -9.82 10.47
N TYR D 408 31.04 -10.26 11.12
CA TYR D 408 30.54 -11.62 10.91
C TYR D 408 29.77 -11.84 9.60
N SER D 409 30.00 -13.00 9.01
CA SER D 409 29.15 -13.48 7.93
C SER D 409 27.78 -13.70 8.50
N GLU D 410 26.79 -13.90 7.63
CA GLU D 410 25.45 -14.23 8.10
C GLU D 410 25.48 -15.59 8.83
N GLU D 411 26.00 -16.62 8.18
CA GLU D 411 26.08 -17.97 8.79
C GLU D 411 26.69 -18.00 10.19
N LYS D 412 27.82 -17.31 10.38
CA LYS D 412 28.52 -17.31 11.66
C LYS D 412 27.81 -16.52 12.76
N ALA D 413 27.16 -15.43 12.40
CA ALA D 413 26.41 -14.63 13.36
C ALA D 413 25.21 -15.44 13.87
N TYR D 414 24.64 -16.29 13.03
CA TYR D 414 23.60 -17.22 13.47
C TYR D 414 24.15 -18.19 14.51
N GLU D 415 25.19 -18.96 14.14
CA GLU D 415 25.85 -19.90 15.06
C GLU D 415 26.19 -19.25 16.40
N LEU D 416 26.89 -18.12 16.35
CA LEU D 416 27.36 -17.45 17.55
C LEU D 416 26.24 -16.87 18.40
N TYR D 417 25.17 -16.39 17.76
CA TYR D 417 24.16 -15.60 18.47
C TYR D 417 22.77 -16.19 18.48
N GLY D 418 22.47 -17.01 17.49
CA GLY D 418 21.15 -17.61 17.38
C GLY D 418 20.31 -16.97 16.31
N LYS D 419 19.93 -17.77 15.31
CA LYS D 419 19.27 -17.27 14.11
C LYS D 419 18.09 -16.32 14.40
N SER D 420 17.42 -16.56 15.51
CA SER D 420 16.23 -15.80 15.86
C SER D 420 16.62 -14.49 16.51
N ASN D 421 17.91 -14.35 16.79
CA ASN D 421 18.40 -13.14 17.47
C ASN D 421 19.17 -12.12 16.61
N VAL D 422 19.36 -12.46 15.32
CA VAL D 422 20.02 -11.55 14.39
C VAL D 422 19.15 -11.23 13.18
N GLU D 423 19.13 -9.95 12.82
CA GLU D 423 18.46 -9.47 11.61
C GLU D 423 19.46 -9.26 10.50
N VAL D 424 19.12 -9.76 9.32
CA VAL D 424 19.90 -9.52 8.14
C VAL D 424 19.06 -8.63 7.21
N PHE D 425 19.49 -7.39 7.01
CA PHE D 425 18.88 -6.54 6.01
C PHE D 425 19.75 -6.67 4.77
N LEU D 426 19.14 -6.79 3.60
CA LEU D 426 19.93 -6.96 2.39
C LEU D 426 19.18 -6.50 1.16
N GLN D 427 19.88 -6.46 0.02
CA GLN D 427 19.31 -5.98 -1.23
C GLN D 427 20.28 -6.26 -2.34
N GLU D 428 19.83 -7.00 -3.35
CA GLU D 428 20.54 -7.08 -4.62
C GLU D 428 20.12 -5.90 -5.48
N PHE D 429 21.01 -5.47 -6.37
CA PHE D 429 20.74 -4.31 -7.22
C PHE D 429 21.79 -4.25 -8.30
N ASN D 430 21.55 -3.44 -9.31
CA ASN D 430 22.49 -3.29 -10.41
C ASN D 430 23.22 -1.98 -10.35
N ASN D 431 24.50 -2.02 -10.64
CA ASN D 431 25.28 -0.80 -10.74
C ASN D 431 24.67 0.04 -11.86
N LEU D 432 24.51 1.35 -11.64
CA LEU D 432 23.97 2.25 -12.68
C LEU D 432 24.72 2.16 -14.00
N GLU D 433 26.03 2.30 -13.96
CA GLU D 433 26.79 2.40 -15.20
C GLU D 433 26.72 1.14 -16.02
N ILE D 434 26.83 -0.02 -15.36
CA ILE D 434 26.78 -1.32 -16.03
C ILE D 434 25.36 -1.64 -16.48
N SER D 435 24.39 -1.30 -15.62
CA SER D 435 22.97 -1.48 -15.93
C SER D 435 22.57 -1.03 -17.35
N ALA D 436 23.06 0.15 -17.75
CA ALA D 436 22.65 0.75 -19.00
C ALA D 436 23.30 0.08 -20.20
N VAL D 437 24.13 -0.93 -19.97
CA VAL D 437 24.81 -1.60 -21.06
C VAL D 437 24.02 -2.82 -21.55
N HIS D 438 23.27 -3.44 -20.62
CA HIS D 438 22.63 -4.73 -20.85
C HIS D 438 23.65 -5.76 -21.33
N ARG D 439 24.64 -6.02 -20.48
CA ARG D 439 25.63 -7.04 -20.78
C ARG D 439 24.95 -8.37 -20.98
N GLN D 440 25.63 -9.28 -21.66
CA GLN D 440 25.11 -10.64 -21.87
C GLN D 440 26.04 -11.71 -21.32
N LYS D 441 25.45 -12.78 -20.80
CA LYS D 441 26.24 -13.89 -20.28
C LYS D 441 27.19 -14.39 -21.34
N HIS D 442 28.39 -14.74 -20.92
CA HIS D 442 29.34 -15.47 -21.76
C HIS D 442 28.67 -16.78 -22.13
N ILE D 443 29.02 -17.37 -23.27
CA ILE D 443 28.33 -18.57 -23.72
C ILE D 443 28.31 -19.68 -22.67
N ARG D 444 29.45 -19.87 -22.01
CA ARG D 444 29.64 -21.02 -21.13
C ARG D 444 28.66 -21.01 -19.96
N ALA D 445 28.10 -19.85 -19.66
CA ALA D 445 27.16 -19.76 -18.55
C ALA D 445 25.73 -19.73 -19.07
N GLN D 446 25.58 -19.83 -20.39
CA GLN D 446 24.26 -19.80 -21.01
C GLN D 446 23.58 -21.16 -20.94
N LYS D 447 22.53 -21.24 -20.13
CA LYS D 447 21.73 -22.45 -20.04
C LYS D 447 21.13 -22.74 -21.42
N ASP D 448 20.12 -21.96 -21.80
CA ASP D 448 19.59 -22.01 -23.17
C ASP D 448 19.90 -20.74 -23.96
N GLU D 449 19.60 -20.76 -25.25
CA GLU D 449 19.89 -19.63 -26.14
C GLU D 449 19.15 -18.36 -25.76
N TYR D 450 18.27 -18.46 -24.75
CA TYR D 450 17.49 -17.32 -24.25
C TYR D 450 18.05 -16.75 -22.95
N ASP D 451 18.93 -17.51 -22.31
CA ASP D 451 19.56 -17.08 -21.07
C ASP D 451 20.68 -16.15 -21.43
N LEU D 452 20.35 -14.89 -21.67
CA LEU D 452 21.34 -13.93 -22.16
C LEU D 452 21.76 -12.88 -21.13
N ASP D 453 20.78 -12.20 -20.54
CA ASP D 453 21.05 -11.15 -19.57
C ASP D 453 21.83 -11.68 -18.38
N VAL D 454 22.81 -10.90 -17.93
CA VAL D 454 23.63 -11.28 -16.79
C VAL D 454 22.81 -11.16 -15.50
N SER D 455 23.25 -11.82 -14.43
CA SER D 455 22.57 -11.67 -13.14
C SER D 455 22.86 -10.29 -12.58
N SER D 456 22.15 -9.92 -11.51
CA SER D 456 22.35 -8.61 -10.89
C SER D 456 23.78 -8.54 -10.36
N THR D 457 24.40 -7.35 -10.50
CA THR D 457 25.83 -7.22 -10.27
C THR D 457 26.25 -7.03 -8.81
N CYS D 458 25.41 -6.36 -8.01
CA CYS D 458 25.76 -6.02 -6.63
C CYS D 458 24.88 -6.57 -5.51
N LEU D 459 25.45 -6.61 -4.31
CA LEU D 459 24.71 -7.04 -3.12
C LEU D 459 25.14 -6.23 -1.92
N ALA D 460 24.18 -5.74 -1.16
CA ALA D 460 24.50 -5.01 0.06
C ALA D 460 23.79 -5.78 1.15
N LYS D 461 24.48 -6.07 2.24
CA LYS D 461 23.92 -6.90 3.30
C LYS D 461 24.47 -6.42 4.63
N LEU D 462 23.59 -6.18 5.60
CA LEU D 462 24.01 -5.83 6.96
C LEU D 462 23.55 -6.90 7.95
N VAL D 463 24.44 -7.38 8.82
CA VAL D 463 24.08 -8.35 9.85
C VAL D 463 23.99 -7.65 11.21
N CYS D 464 22.81 -7.70 11.84
CA CYS D 464 22.51 -6.88 13.04
C CYS D 464 22.04 -7.67 14.28
N LEU D 465 22.36 -7.16 15.47
CA LEU D 465 21.96 -7.84 16.70
C LEU D 465 20.66 -7.32 17.29
N LYS D 466 19.55 -8.04 17.03
CA LYS D 466 18.22 -7.62 17.47
C LYS D 466 18.18 -7.10 18.91
N ASN D 467 18.87 -7.81 19.78
CA ASN D 467 18.77 -7.56 21.21
C ASN D 467 19.69 -6.45 21.67
N GLU D 468 20.40 -5.85 20.73
CA GLU D 468 21.21 -4.67 21.04
C GLU D 468 20.86 -3.49 20.14
N ASP D 469 19.56 -3.22 19.98
CA ASP D 469 19.07 -2.10 19.17
C ASP D 469 19.60 -2.17 17.74
N ASN D 470 19.74 -3.38 17.22
CA ASN D 470 20.25 -3.62 15.86
C ASN D 470 21.67 -3.10 15.58
N ARG D 471 22.54 -3.19 16.58
CA ARG D 471 23.96 -2.98 16.39
C ARG D 471 24.41 -3.84 15.21
N VAL D 472 25.05 -3.20 14.23
CA VAL D 472 25.57 -3.91 13.08
C VAL D 472 26.85 -4.64 13.46
N ILE D 473 26.86 -5.97 13.36
CA ILE D 473 28.06 -6.72 13.69
C ILE D 473 28.59 -7.41 12.46
N GLY D 474 28.05 -7.07 11.30
CA GLY D 474 28.54 -7.62 10.03
C GLY D 474 28.19 -6.75 8.82
N PHE D 475 29.18 -6.47 7.98
CA PHE D 475 28.99 -5.62 6.79
C PHE D 475 29.52 -6.37 5.60
N HIS D 476 28.73 -6.46 4.55
CA HIS D 476 29.13 -7.16 3.35
C HIS D 476 28.64 -6.39 2.13
N TYR D 477 29.51 -6.26 1.14
CA TYR D 477 29.21 -5.53 -0.09
C TYR D 477 29.91 -6.21 -1.25
N VAL D 478 29.15 -6.67 -2.22
CA VAL D 478 29.68 -7.22 -3.47
C VAL D 478 29.31 -6.25 -4.57
N GLY D 479 30.28 -5.84 -5.37
CA GLY D 479 30.06 -4.85 -6.41
C GLY D 479 31.37 -4.18 -6.75
N PRO D 480 31.33 -3.08 -7.52
CA PRO D 480 32.58 -2.45 -7.95
C PRO D 480 33.18 -1.63 -6.82
N ASN D 481 34.50 -1.45 -6.81
CA ASN D 481 35.17 -0.59 -5.83
C ASN D 481 34.88 -0.92 -4.37
N ALA D 482 34.93 -2.19 -4.03
CA ALA D 482 34.50 -2.61 -2.68
C ALA D 482 35.44 -2.12 -1.59
N GLY D 483 36.71 -1.96 -1.94
CA GLY D 483 37.67 -1.51 -0.94
C GLY D 483 37.33 -0.09 -0.54
N GLU D 484 37.07 0.74 -1.53
CA GLU D 484 36.69 2.12 -1.29
C GLU D 484 35.38 2.23 -0.51
N VAL D 485 34.43 1.37 -0.81
CA VAL D 485 33.15 1.46 -0.09
C VAL D 485 33.33 1.03 1.35
N THR D 486 34.11 -0.01 1.57
CA THR D 486 34.08 -0.67 2.87
C THR D 486 34.80 0.09 3.98
N GLN D 487 35.84 0.83 3.61
CA GLN D 487 36.71 1.49 4.59
C GLN D 487 35.95 2.28 5.61
N GLY D 488 35.21 3.28 5.12
CA GLY D 488 34.39 4.12 5.97
C GLY D 488 33.39 3.32 6.78
N MET D 489 32.89 2.21 6.22
CA MET D 489 31.88 1.39 6.89
C MET D 489 32.47 0.55 7.99
N ALA D 490 33.67 0.04 7.76
CA ALA D 490 34.46 -0.57 8.81
C ALA D 490 34.66 0.39 9.97
N LEU D 491 34.96 1.66 9.69
CA LEU D 491 35.08 2.66 10.76
C LEU D 491 33.78 2.80 11.51
N ALA D 492 32.67 2.85 10.79
CA ALA D 492 31.37 2.95 11.47
C ALA D 492 31.12 1.75 12.39
N LEU D 493 31.43 0.54 11.92
CA LEU D 493 31.24 -0.66 12.76
C LEU D 493 32.05 -0.55 14.03
N ARG D 494 33.26 -0.03 13.90
CA ARG D 494 34.13 0.22 15.04
C ARG D 494 33.51 1.19 16.04
N LEU D 495 32.73 2.14 15.55
CA LEU D 495 32.03 3.07 16.42
C LEU D 495 30.71 2.50 16.96
N LYS D 496 30.45 1.21 16.72
CA LYS D 496 29.26 0.51 17.23
C LYS D 496 27.96 1.05 16.63
N VAL D 497 27.97 1.22 15.31
CA VAL D 497 26.85 1.80 14.56
C VAL D 497 25.63 0.87 14.61
N LYS D 498 24.46 1.46 14.79
CA LYS D 498 23.24 0.66 14.79
C LYS D 498 22.58 0.86 13.44
N LYS D 499 21.71 -0.06 13.07
CA LYS D 499 20.99 0.02 11.80
C LYS D 499 20.30 1.39 11.62
N LYS D 500 19.81 1.95 12.73
CA LYS D 500 19.05 3.19 12.65
C LYS D 500 19.96 4.32 12.22
N ASP D 501 21.26 4.16 12.46
CA ASP D 501 22.21 5.20 12.10
C ASP D 501 22.44 5.20 10.61
N PHE D 502 22.43 4.00 10.03
CA PHE D 502 22.45 3.89 8.57
C PHE D 502 21.23 4.57 7.97
N ASP D 503 20.04 4.28 8.51
CA ASP D 503 18.80 4.85 7.99
C ASP D 503 18.71 6.39 8.08
N ASN D 504 19.34 6.97 9.11
CA ASN D 504 19.36 8.43 9.31
C ASN D 504 20.47 9.19 8.59
N CYS D 505 21.38 8.47 7.96
CA CYS D 505 22.43 9.11 7.19
C CYS D 505 21.93 9.34 5.76
N ILE D 506 22.19 10.50 5.19
CA ILE D 506 21.75 10.75 3.83
C ILE D 506 22.70 10.04 2.88
N GLY D 507 22.16 9.35 1.88
CA GLY D 507 23.00 8.66 0.92
C GLY D 507 23.57 9.60 -0.11
N ILE D 508 24.63 9.18 -0.79
CA ILE D 508 25.19 9.94 -1.89
C ILE D 508 24.75 9.36 -3.22
N HIS D 509 24.12 10.14 -4.06
CA HIS D 509 23.50 9.63 -5.29
C HIS D 509 24.21 10.18 -6.53
N PRO D 510 24.37 9.37 -7.58
CA PRO D 510 24.11 7.94 -7.70
C PRO D 510 25.40 7.17 -7.46
N THR D 511 25.35 6.24 -6.54
CA THR D 511 26.53 5.60 -6.00
C THR D 511 26.15 4.15 -5.68
N ASP D 512 27.11 3.25 -5.58
CA ASP D 512 26.78 1.89 -5.14
C ASP D 512 26.59 1.84 -3.62
N ALA D 513 27.41 2.58 -2.89
CA ALA D 513 27.37 2.58 -1.43
C ALA D 513 26.07 3.06 -0.81
N GLU D 514 25.30 3.89 -1.50
CA GLU D 514 24.12 4.50 -0.89
C GLU D 514 23.05 3.47 -0.65
N SER D 515 23.10 2.37 -1.38
CA SER D 515 22.20 1.25 -1.13
C SER D 515 22.14 0.85 0.34
N PHE D 516 23.21 1.08 1.10
CA PHE D 516 23.19 0.76 2.53
C PHE D 516 22.30 1.68 3.36
N MET D 517 22.00 2.85 2.81
CA MET D 517 21.31 3.87 3.59
C MET D 517 19.79 3.85 3.39
N ASN D 518 19.29 2.90 2.61
CA ASN D 518 17.86 2.64 2.55
C ASN D 518 17.62 1.16 2.36
N LEU D 519 18.05 0.40 3.36
CA LEU D 519 18.12 -1.05 3.30
C LEU D 519 17.08 -1.60 4.27
N PHE D 520 15.91 -2.00 3.77
CA PHE D 520 14.80 -2.27 4.68
C PHE D 520 14.24 -3.69 4.54
N VAL D 521 14.58 -4.36 3.45
CA VAL D 521 14.17 -5.73 3.27
C VAL D 521 15.02 -6.69 4.12
N THR D 522 14.36 -7.41 5.03
CA THR D 522 15.03 -8.39 5.88
C THR D 522 14.82 -9.81 5.43
N ILE D 523 15.76 -10.67 5.82
CA ILE D 523 15.66 -12.10 5.59
C ILE D 523 14.38 -12.66 6.21
N SER D 524 14.16 -12.33 7.48
CA SER D 524 13.02 -12.90 8.21
C SER D 524 11.67 -12.53 7.58
N SER D 525 11.53 -11.31 7.07
CA SER D 525 10.27 -10.86 6.47
C SER D 525 9.83 -11.69 5.27
N GLY D 526 10.78 -12.38 4.65
CA GLY D 526 10.47 -13.18 3.48
C GLY D 526 10.26 -12.43 2.16
N LEU D 527 10.20 -11.10 2.20
CA LEU D 527 10.00 -10.34 0.95
C LEU D 527 11.18 -10.46 -0.01
N SER D 528 10.91 -10.20 -1.29
CA SER D 528 11.94 -10.32 -2.32
C SER D 528 13.06 -9.33 -2.10
N TYR D 529 14.29 -9.79 -2.18
CA TYR D 529 15.40 -8.83 -2.13
C TYR D 529 16.14 -8.77 -3.45
N ALA D 530 15.49 -9.27 -4.50
CA ALA D 530 16.11 -9.31 -5.83
C ALA D 530 16.16 -7.94 -6.45
N ALA D 531 17.02 -7.80 -7.46
CA ALA D 531 17.18 -6.54 -8.16
C ALA D 531 15.84 -6.05 -8.69
N LYS D 532 15.45 -4.86 -8.27
CA LYS D 532 14.24 -4.22 -8.75
C LYS D 532 14.51 -3.52 -10.08
N GLY D 533 13.93 -4.05 -11.16
CA GLY D 533 14.01 -3.39 -12.45
C GLY D 533 15.13 -3.96 -13.28
N GLY D 534 15.55 -3.21 -14.28
CA GLY D 534 16.61 -3.63 -15.18
C GLY D 534 16.05 -4.63 -16.17
N SER D 535 16.91 -5.16 -17.04
CA SER D 535 16.49 -6.10 -18.07
C SER D 535 16.57 -7.55 -17.62
N GLY D 536 16.66 -7.78 -16.31
CA GLY D 536 16.83 -9.12 -15.76
C GLY D 536 15.77 -10.16 -16.10
N GLY D 537 16.22 -11.33 -16.55
CA GLY D 537 15.32 -12.42 -16.86
C GLY D 537 14.49 -12.21 -18.11
N GLY D 538 15.12 -11.65 -19.14
CA GLY D 538 14.48 -11.47 -20.44
C GLY D 538 13.12 -10.78 -20.37
N LYS D 539 13.03 -9.77 -19.50
CA LYS D 539 11.92 -8.83 -19.45
C LYS D 539 12.42 -7.58 -18.72
N CYS D 540 11.89 -6.40 -19.08
CA CYS D 540 12.35 -5.15 -18.46
C CYS D 540 11.37 -4.72 -17.36
N GLY D 541 11.87 -4.62 -16.14
CA GLY D 541 11.04 -4.28 -14.98
C GLY D 541 10.39 -5.48 -14.30
N GLY E 10 -34.49 -48.40 34.87
CA GLY E 10 -33.87 -47.94 36.10
C GLY E 10 -33.76 -46.42 36.21
N SER E 11 -32.78 -45.86 35.49
CA SER E 11 -32.58 -44.42 35.41
C SER E 11 -31.84 -44.07 34.11
N VAL E 12 -31.41 -42.82 33.97
CA VAL E 12 -30.74 -42.40 32.75
C VAL E 12 -29.28 -42.04 32.99
N LYS E 13 -28.41 -42.58 32.14
CA LYS E 13 -26.99 -42.28 32.21
C LYS E 13 -26.48 -41.62 30.93
N ILE E 14 -25.41 -40.85 31.06
CA ILE E 14 -24.81 -40.21 29.93
C ILE E 14 -23.65 -41.04 29.40
N VAL E 15 -23.75 -41.44 28.12
CA VAL E 15 -22.68 -42.17 27.45
C VAL E 15 -21.66 -41.18 26.86
N THR E 16 -20.36 -41.49 27.00
CA THR E 16 -19.31 -40.59 26.54
C THR E 16 -18.29 -41.26 25.58
N SER E 17 -18.68 -42.39 24.96
CA SER E 17 -17.82 -43.11 23.96
C SER E 17 -18.56 -44.12 23.11
N GLN E 18 -18.12 -44.25 21.85
CA GLN E 18 -18.79 -45.07 20.85
C GLN E 18 -18.77 -46.53 21.31
N ALA E 19 -17.64 -46.95 21.89
CA ALA E 19 -17.49 -48.31 22.41
C ALA E 19 -18.50 -48.58 23.51
N GLU E 20 -18.62 -47.62 24.43
CA GLU E 20 -19.55 -47.73 25.55
C GLU E 20 -21.00 -47.83 25.08
N PHE E 21 -21.35 -47.01 24.09
CA PHE E 21 -22.68 -47.03 23.47
C PHE E 21 -22.93 -48.40 22.83
N ASP E 22 -21.93 -48.88 22.09
CA ASP E 22 -22.02 -50.15 21.39
C ASP E 22 -22.14 -51.31 22.37
N SER E 23 -21.27 -51.29 23.38
CA SER E 23 -21.22 -52.37 24.37
C SER E 23 -22.51 -52.45 25.15
N ILE E 24 -22.99 -51.31 25.64
CA ILE E 24 -24.23 -51.26 26.42
C ILE E 24 -25.44 -51.77 25.65
N ILE E 25 -25.59 -51.38 24.40
CA ILE E 25 -26.75 -51.82 23.62
C ILE E 25 -26.70 -53.29 23.22
N SER E 26 -25.55 -53.72 22.70
CA SER E 26 -25.40 -55.10 22.25
C SER E 26 -25.69 -56.08 23.39
N GLN E 27 -25.02 -55.89 24.53
CA GLN E 27 -25.16 -56.82 25.66
C GLN E 27 -26.52 -56.74 26.39
N ASN E 28 -27.20 -55.59 26.33
CA ASN E 28 -28.39 -55.34 27.17
C ASN E 28 -29.76 -55.67 26.57
N GLU E 29 -29.79 -56.12 25.31
CA GLU E 29 -31.06 -56.42 24.64
C GLU E 29 -31.90 -55.16 24.40
N LEU E 30 -32.94 -54.96 25.21
CA LEU E 30 -33.88 -53.85 24.98
C LEU E 30 -33.35 -52.51 25.45
N VAL E 31 -33.19 -51.57 24.52
CA VAL E 31 -32.60 -50.27 24.82
C VAL E 31 -33.30 -49.14 24.07
N ILE E 32 -33.65 -48.09 24.80
CA ILE E 32 -34.01 -46.82 24.18
C ILE E 32 -32.85 -45.84 24.39
N VAL E 33 -32.66 -44.95 23.42
CA VAL E 33 -31.64 -43.93 23.56
C VAL E 33 -32.14 -42.55 23.10
N ASP E 34 -31.76 -41.54 23.88
CA ASP E 34 -32.19 -40.17 23.70
C ASP E 34 -31.03 -39.30 23.24
N PHE E 35 -31.02 -38.95 21.95
CA PHE E 35 -29.97 -38.10 21.41
C PHE E 35 -30.30 -36.62 21.60
N PHE E 36 -29.52 -35.94 22.43
CA PHE E 36 -29.86 -34.58 22.84
C PHE E 36 -28.74 -33.62 22.51
N ALA E 37 -29.05 -32.34 22.61
CA ALA E 37 -28.05 -31.27 22.48
C ALA E 37 -28.28 -30.26 23.58
N GLU E 38 -27.20 -29.82 24.24
CA GLU E 38 -27.35 -28.90 25.37
C GLU E 38 -27.92 -27.57 24.93
N TRP E 39 -27.63 -27.19 23.69
CA TRP E 39 -28.14 -25.95 23.13
C TRP E 39 -29.53 -26.11 22.53
N CYS E 40 -30.12 -27.29 22.67
CA CYS E 40 -31.38 -27.55 21.97
C CYS E 40 -32.58 -27.39 22.88
N GLY E 41 -33.33 -26.31 22.63
CA GLY E 41 -34.53 -25.98 23.39
C GLY E 41 -35.49 -27.14 23.57
N PRO E 42 -36.07 -27.62 22.46
CA PRO E 42 -37.00 -28.75 22.47
C PRO E 42 -36.44 -30.00 23.17
N SER E 43 -35.16 -30.30 22.97
CA SER E 43 -34.54 -31.45 23.62
C SER E 43 -34.59 -31.30 25.13
N LYS E 44 -34.25 -30.11 25.60
CA LYS E 44 -34.35 -29.77 27.02
C LYS E 44 -35.78 -29.86 27.52
N ARG E 45 -36.72 -29.45 26.67
CA ARG E 45 -38.14 -29.40 27.01
C ARG E 45 -38.71 -30.76 27.39
N ILE E 46 -38.10 -31.83 26.88
CA ILE E 46 -38.63 -33.18 27.07
C ILE E 46 -37.71 -34.04 27.93
N ALA E 47 -36.55 -33.49 28.28
CA ALA E 47 -35.60 -34.18 29.15
C ALA E 47 -36.17 -34.65 30.50
N PRO E 48 -36.94 -33.79 31.21
CA PRO E 48 -37.51 -34.26 32.47
C PRO E 48 -38.38 -35.50 32.29
N PHE E 49 -39.35 -35.39 31.40
CA PHE E 49 -40.31 -36.46 31.17
C PHE E 49 -39.63 -37.78 30.83
N TYR E 50 -38.50 -37.71 30.15
CA TYR E 50 -37.79 -38.92 29.75
C TYR E 50 -37.09 -39.54 30.95
N GLU E 51 -36.70 -38.70 31.89
CA GLU E 51 -36.12 -39.18 33.15
C GLU E 51 -37.17 -39.98 33.90
N GLU E 52 -38.41 -39.50 33.85
CA GLU E 52 -39.54 -40.15 34.50
C GLU E 52 -39.73 -41.59 33.99
N CYS E 53 -39.83 -41.74 32.66
CA CYS E 53 -40.07 -43.05 32.05
C CYS E 53 -38.95 -44.05 32.33
N SER E 54 -37.78 -43.56 32.71
CA SER E 54 -36.66 -44.44 32.99
C SER E 54 -36.96 -45.19 34.28
N LYS E 55 -37.72 -44.54 35.15
CA LYS E 55 -38.11 -45.11 36.42
C LYS E 55 -39.33 -46.02 36.26
N THR E 56 -40.41 -45.49 35.67
CA THR E 56 -41.65 -46.27 35.56
C THR E 56 -41.50 -47.55 34.72
N TYR E 57 -41.06 -47.40 33.47
CA TYR E 57 -40.96 -48.52 32.55
C TYR E 57 -39.61 -49.23 32.65
N THR E 58 -39.48 -50.15 33.59
CA THR E 58 -38.21 -50.81 33.82
C THR E 58 -37.89 -51.93 32.82
N LYS E 59 -38.85 -52.26 31.97
CA LYS E 59 -38.65 -53.28 30.92
C LYS E 59 -37.84 -52.76 29.71
N MET E 60 -36.81 -51.94 29.99
CA MET E 60 -36.02 -51.28 28.94
C MET E 60 -34.86 -50.51 29.56
N VAL E 61 -33.80 -50.30 28.78
CA VAL E 61 -32.65 -49.52 29.26
C VAL E 61 -32.71 -48.09 28.73
N PHE E 62 -32.60 -47.12 29.62
CA PHE E 62 -32.69 -45.71 29.25
C PHE E 62 -31.34 -45.00 29.32
N ILE E 63 -30.91 -44.43 28.20
CA ILE E 63 -29.63 -43.71 28.13
C ILE E 63 -29.65 -42.45 27.26
N LYS E 64 -28.63 -41.62 27.42
CA LYS E 64 -28.51 -40.34 26.73
C LYS E 64 -27.17 -40.22 26.00
N VAL E 65 -27.18 -39.56 24.84
CA VAL E 65 -25.96 -39.26 24.11
C VAL E 65 -25.92 -37.79 23.70
N ASP E 66 -24.92 -37.07 24.16
CA ASP E 66 -24.70 -35.69 23.72
C ASP E 66 -24.09 -35.73 22.32
N VAL E 67 -24.83 -35.24 21.33
CA VAL E 67 -24.43 -35.41 19.93
C VAL E 67 -23.20 -34.61 19.54
N ASP E 68 -22.85 -33.61 20.35
CA ASP E 68 -21.67 -32.81 20.08
C ASP E 68 -20.45 -33.46 20.69
N GLU E 69 -20.62 -33.97 21.91
CA GLU E 69 -19.53 -34.62 22.64
C GLU E 69 -19.12 -35.91 21.94
N VAL E 70 -20.07 -36.83 21.83
CA VAL E 70 -19.83 -38.17 21.26
C VAL E 70 -20.01 -38.20 19.75
N SER E 71 -19.25 -37.35 19.07
CA SER E 71 -19.40 -37.12 17.62
C SER E 71 -19.54 -38.38 16.76
N GLU E 72 -18.73 -39.39 17.04
CA GLU E 72 -18.70 -40.59 16.23
C GLU E 72 -20.02 -41.31 16.17
N VAL E 73 -20.75 -41.30 17.28
CA VAL E 73 -22.01 -42.03 17.37
C VAL E 73 -23.04 -41.44 16.43
N THR E 74 -23.19 -40.12 16.50
CA THR E 74 -24.18 -39.40 15.71
C THR E 74 -23.94 -39.55 14.21
N GLU E 75 -22.67 -39.47 13.79
CA GLU E 75 -22.30 -39.57 12.38
C GLU E 75 -22.48 -40.99 11.84
N LYS E 76 -23.24 -41.81 12.57
CA LYS E 76 -23.46 -43.21 12.23
C LYS E 76 -24.93 -43.60 12.34
N GLU E 77 -25.56 -43.23 13.45
CA GLU E 77 -26.98 -43.44 13.61
C GLU E 77 -27.74 -42.47 12.74
N ASN E 78 -26.99 -41.62 12.04
CA ASN E 78 -27.56 -40.67 11.07
C ASN E 78 -28.46 -39.64 11.73
N ILE E 79 -28.02 -39.11 12.87
CA ILE E 79 -28.78 -38.10 13.60
C ILE E 79 -28.67 -36.74 12.92
N THR E 80 -29.80 -36.16 12.58
CA THR E 80 -29.80 -34.93 11.82
C THR E 80 -30.63 -33.88 12.53
N SER E 81 -31.31 -34.28 13.58
CA SER E 81 -32.10 -33.34 14.38
C SER E 81 -32.23 -33.81 15.82
N MET E 82 -32.69 -32.94 16.70
CA MET E 82 -32.84 -33.29 18.12
C MET E 82 -34.14 -32.75 18.67
N PRO E 83 -34.77 -33.48 19.62
CA PRO E 83 -34.27 -34.76 20.10
C PRO E 83 -34.72 -35.88 19.18
N THR E 84 -33.85 -36.87 19.00
CA THR E 84 -34.21 -38.05 18.23
C THR E 84 -34.17 -39.27 19.16
N PHE E 85 -35.27 -40.01 19.19
CA PHE E 85 -35.37 -41.24 19.98
C PHE E 85 -35.36 -42.49 19.11
N LYS E 86 -34.41 -43.37 19.34
CA LYS E 86 -34.33 -44.64 18.64
C LYS E 86 -34.40 -45.81 19.64
N VAL E 87 -35.25 -46.81 19.36
CA VAL E 87 -35.33 -48.01 20.21
C VAL E 87 -34.68 -49.25 19.53
N TYR E 88 -34.06 -50.10 20.34
CA TYR E 88 -33.22 -51.19 19.85
C TYR E 88 -33.66 -52.57 20.36
N LYS E 89 -33.33 -53.64 19.62
CA LYS E 89 -33.66 -55.01 20.03
C LYS E 89 -32.50 -56.01 19.82
N ASN E 90 -31.80 -56.29 20.93
CA ASN E 90 -30.56 -57.08 20.95
C ASN E 90 -29.33 -56.34 20.39
N GLY E 91 -29.58 -55.27 19.65
CA GLY E 91 -28.51 -54.46 19.08
C GLY E 91 -28.92 -53.70 17.83
N SER E 92 -30.10 -54.01 17.31
CA SER E 92 -30.57 -53.39 16.07
C SER E 92 -31.73 -52.44 16.29
N SER E 93 -31.59 -51.21 15.78
CA SER E 93 -32.67 -50.24 15.79
C SER E 93 -33.92 -50.84 15.18
N VAL E 94 -35.08 -50.58 15.78
CA VAL E 94 -36.34 -51.11 15.27
C VAL E 94 -37.42 -50.03 15.09
N ASP E 95 -37.16 -48.84 15.60
CA ASP E 95 -38.11 -47.74 15.54
C ASP E 95 -37.36 -46.45 15.83
N THR E 96 -37.93 -45.31 15.46
CA THR E 96 -37.25 -44.04 15.66
C THR E 96 -38.24 -42.87 15.64
N LEU E 97 -38.15 -42.00 16.66
CA LEU E 97 -39.09 -40.89 16.79
C LEU E 97 -38.35 -39.56 16.88
N LEU E 98 -38.97 -38.51 16.36
CA LEU E 98 -38.38 -37.18 16.36
C LEU E 98 -39.33 -36.15 16.96
N GLY E 99 -38.83 -35.37 17.93
CA GLY E 99 -39.63 -34.28 18.47
C GLY E 99 -39.76 -34.21 19.98
N ALA E 100 -40.19 -33.05 20.45
CA ALA E 100 -40.39 -32.81 21.87
C ALA E 100 -41.86 -32.94 22.26
N ASN E 101 -42.57 -33.88 21.63
CA ASN E 101 -43.95 -34.16 22.02
C ASN E 101 -44.03 -35.35 22.96
N ASP E 102 -44.21 -35.05 24.24
CA ASP E 102 -44.26 -36.06 25.31
C ASP E 102 -45.23 -37.19 25.00
N SER E 103 -46.40 -36.83 24.49
CA SER E 103 -47.43 -37.81 24.18
C SER E 103 -46.91 -38.81 23.15
N ALA E 104 -46.17 -38.31 22.17
CA ALA E 104 -45.61 -39.15 21.13
C ALA E 104 -44.63 -40.11 21.75
N LEU E 105 -43.78 -39.58 22.64
CA LEU E 105 -42.75 -40.37 23.29
C LEU E 105 -43.35 -41.46 24.15
N LYS E 106 -44.33 -41.09 24.97
CA LYS E 106 -45.00 -42.06 25.81
C LYS E 106 -45.61 -43.14 24.94
N GLN E 107 -46.36 -42.70 23.93
CA GLN E 107 -46.96 -43.59 22.94
C GLN E 107 -45.92 -44.59 22.38
N LEU E 108 -44.71 -44.10 22.16
CA LEU E 108 -43.62 -44.92 21.64
C LEU E 108 -43.12 -45.96 22.63
N ILE E 109 -42.97 -45.56 23.89
CA ILE E 109 -42.35 -46.42 24.88
C ILE E 109 -43.27 -47.57 25.28
N GLU E 110 -44.57 -47.32 25.37
CA GLU E 110 -45.51 -48.37 25.72
C GLU E 110 -45.63 -49.39 24.59
N LYS E 111 -45.41 -48.92 23.37
CA LYS E 111 -45.40 -49.77 22.18
C LYS E 111 -44.38 -50.91 22.31
N TYR E 112 -43.32 -50.69 23.08
CA TYR E 112 -42.24 -51.66 23.18
C TYR E 112 -41.91 -51.99 24.62
N ALA E 113 -42.65 -51.42 25.57
CA ALA E 113 -42.28 -51.60 26.98
C ALA E 113 -43.42 -51.46 28.02
N ALA E 114 -44.66 -51.37 27.56
CA ALA E 114 -45.80 -51.25 28.47
C ALA E 114 -45.92 -52.47 29.39
N GLY F 10 -44.52 45.46 26.72
CA GLY F 10 -45.47 45.13 27.77
C GLY F 10 -45.60 43.64 28.03
N SER F 11 -46.29 42.95 27.12
CA SER F 11 -46.46 41.49 27.19
C SER F 11 -46.76 40.96 25.79
N VAL F 12 -47.15 39.69 25.69
CA VAL F 12 -47.42 39.10 24.39
C VAL F 12 -48.88 38.73 24.22
N LYS F 13 -49.44 39.09 23.07
CA LYS F 13 -50.82 38.75 22.75
C LYS F 13 -50.89 37.91 21.47
N ILE F 14 -51.94 37.12 21.37
CA ILE F 14 -52.17 36.30 20.19
C ILE F 14 -53.12 37.01 19.21
N VAL F 15 -52.63 37.23 17.99
CA VAL F 15 -53.42 37.84 16.94
C VAL F 15 -54.22 36.74 16.22
N THR F 16 -55.47 37.02 15.91
CA THR F 16 -56.32 36.02 15.24
C THR F 16 -57.01 36.50 13.94
N SER F 17 -56.46 37.53 13.31
CA SER F 17 -56.97 38.05 12.04
C SER F 17 -55.95 38.95 11.35
N GLN F 18 -55.97 38.94 10.02
CA GLN F 18 -55.02 39.70 9.20
C GLN F 18 -55.19 41.20 9.38
N ALA F 19 -56.44 41.65 9.46
CA ALA F 19 -56.76 43.06 9.71
C ALA F 19 -56.16 43.50 11.04
N GLU F 20 -56.31 42.66 12.07
CA GLU F 20 -55.78 42.95 13.41
C GLU F 20 -54.26 43.05 13.41
N PHE F 21 -53.62 42.12 12.70
CA PHE F 21 -52.17 42.12 12.51
C PHE F 21 -51.72 43.41 11.80
N ASP F 22 -52.43 43.74 10.72
CA ASP F 22 -52.13 44.92 9.92
C ASP F 22 -52.31 46.20 10.75
N SER F 23 -53.46 46.29 11.40
CA SER F 23 -53.82 47.48 12.18
C SER F 23 -52.82 47.72 13.31
N ILE F 24 -52.54 46.67 14.08
CA ILE F 24 -51.62 46.78 15.20
C ILE F 24 -50.21 47.23 14.79
N ILE F 25 -49.68 46.68 13.71
CA ILE F 25 -48.34 47.06 13.28
C ILE F 25 -48.26 48.45 12.68
N SER F 26 -49.19 48.76 11.78
CA SER F 26 -49.20 50.06 11.11
C SER F 26 -49.28 51.20 12.13
N GLN F 27 -50.25 51.14 13.03
CA GLN F 27 -50.47 52.20 14.01
C GLN F 27 -49.42 52.27 15.14
N ASN F 28 -48.75 51.16 15.44
CA ASN F 28 -47.89 51.08 16.64
C ASN F 28 -46.41 51.37 16.46
N GLU F 29 -45.97 51.67 15.23
CA GLU F 29 -44.56 51.92 14.94
C GLU F 29 -43.70 50.69 15.15
N LEU F 30 -42.97 50.64 16.26
CA LEU F 30 -41.99 49.56 16.50
C LEU F 30 -42.64 48.25 16.97
N VAL F 31 -42.49 47.20 16.16
CA VAL F 31 -43.15 45.92 16.41
C VAL F 31 -42.24 44.74 16.08
N ILE F 32 -42.16 43.80 17.02
CA ILE F 32 -41.61 42.48 16.72
C ILE F 32 -42.76 41.48 16.70
N VAL F 33 -42.64 40.46 15.86
CA VAL F 33 -43.68 39.42 15.82
C VAL F 33 -43.07 38.03 15.71
N ASP F 34 -43.69 37.11 16.45
CA ASP F 34 -43.20 35.74 16.62
C ASP F 34 -44.18 34.79 15.94
N PHE F 35 -43.79 34.27 14.79
CA PHE F 35 -44.62 33.31 14.06
C PHE F 35 -44.35 31.89 14.57
N PHE F 36 -45.35 31.29 15.20
CA PHE F 36 -45.16 30.02 15.88
C PHE F 36 -46.13 28.99 15.35
N ALA F 37 -45.86 27.73 15.70
CA ALA F 37 -46.78 26.62 15.42
C ALA F 37 -46.91 25.79 16.67
N GLU F 38 -48.13 25.40 17.01
CA GLU F 38 -48.35 24.61 18.22
C GLU F 38 -47.64 23.25 18.18
N TRP F 39 -47.54 22.70 16.98
CA TRP F 39 -46.88 21.42 16.79
C TRP F 39 -45.39 21.57 16.62
N CYS F 40 -44.88 22.78 16.75
CA CYS F 40 -43.47 23.01 16.47
C CYS F 40 -42.58 23.01 17.71
N GLY F 41 -41.80 21.94 17.85
CA GLY F 41 -40.90 21.75 18.99
C GLY F 41 -40.03 22.96 19.30
N PRO F 42 -39.14 23.32 18.37
CA PRO F 42 -38.27 24.49 18.51
C PRO F 42 -39.01 25.79 18.82
N SER F 43 -40.16 26.01 18.20
CA SER F 43 -40.95 27.22 18.47
C SER F 43 -41.38 27.26 19.93
N LYS F 44 -41.84 26.12 20.43
CA LYS F 44 -42.21 25.98 21.83
C LYS F 44 -41.00 26.22 22.72
N ARG F 45 -39.84 25.70 22.29
CA ARG F 45 -38.59 25.76 23.04
C ARG F 45 -38.16 27.18 23.39
N ILE F 46 -38.60 28.15 22.58
CA ILE F 46 -38.15 29.54 22.74
C ILE F 46 -39.29 30.46 23.14
N ALA F 47 -40.51 29.92 23.17
CA ALA F 47 -41.67 30.69 23.60
C ALA F 47 -41.56 31.35 24.99
N PRO F 48 -41.06 30.61 26.02
CA PRO F 48 -40.92 31.26 27.32
C PRO F 48 -40.02 32.48 27.27
N PHE F 49 -38.81 32.31 26.76
CA PHE F 49 -37.83 33.38 26.69
C PHE F 49 -38.36 34.63 25.98
N TYR F 50 -39.22 34.43 24.99
CA TYR F 50 -39.78 35.54 24.22
C TYR F 50 -40.81 36.28 25.06
N GLU F 51 -41.46 35.54 25.95
CA GLU F 51 -42.42 36.16 26.87
C GLU F 51 -41.64 37.09 27.78
N GLU F 52 -40.46 36.65 28.17
CA GLU F 52 -39.58 37.43 29.05
C GLU F 52 -39.25 38.79 28.43
N CYS F 53 -38.75 38.78 27.19
CA CYS F 53 -38.34 40.00 26.50
C CYS F 53 -39.47 40.99 26.28
N SER F 54 -40.72 40.51 26.34
CA SER F 54 -41.87 41.40 26.16
C SER F 54 -41.97 42.31 27.37
N LYS F 55 -41.53 41.80 28.51
CA LYS F 55 -41.54 42.56 29.76
C LYS F 55 -40.34 43.49 29.86
N THR F 56 -39.14 42.94 29.72
CA THR F 56 -37.92 43.73 29.88
C THR F 56 -37.80 44.88 28.86
N TYR F 57 -37.82 44.55 27.58
CA TYR F 57 -37.62 45.56 26.54
C TYR F 57 -38.94 46.19 26.12
N THR F 58 -39.37 47.21 26.85
CA THR F 58 -40.66 47.85 26.56
C THR F 58 -40.64 48.81 25.37
N LYS F 59 -39.44 49.06 24.81
CA LYS F 59 -39.29 49.93 23.62
C LYS F 59 -39.68 49.24 22.31
N MET F 60 -40.75 48.43 22.35
CA MET F 60 -41.20 47.60 21.22
C MET F 60 -42.50 46.88 21.55
N VAL F 61 -43.27 46.53 20.52
CA VAL F 61 -44.51 45.76 20.72
C VAL F 61 -44.28 44.28 20.45
N PHE F 62 -44.65 43.43 21.40
CA PHE F 62 -44.46 42.00 21.25
C PHE F 62 -45.77 41.23 20.99
N ILE F 63 -45.83 40.49 19.89
CA ILE F 63 -47.02 39.73 19.53
C ILE F 63 -46.74 38.39 18.87
N LYS F 64 -47.76 37.53 18.83
CA LYS F 64 -47.65 36.17 18.31
C LYS F 64 -48.68 35.89 17.24
N VAL F 65 -48.29 35.09 16.25
CA VAL F 65 -49.23 34.63 15.21
C VAL F 65 -49.15 33.11 15.00
N ASP F 66 -50.25 32.42 15.24
CA ASP F 66 -50.32 31.00 14.95
C ASP F 66 -50.46 30.82 13.43
N VAL F 67 -49.44 30.26 12.79
CA VAL F 67 -49.39 30.24 11.33
C VAL F 67 -50.47 29.35 10.69
N ASP F 68 -51.04 28.46 11.48
CA ASP F 68 -52.07 27.57 10.97
C ASP F 68 -53.43 28.23 11.08
N GLU F 69 -53.65 28.91 12.21
CA GLU F 69 -54.92 29.58 12.46
C GLU F 69 -55.08 30.77 11.51
N VAL F 70 -54.14 31.70 11.58
CA VAL F 70 -54.19 32.92 10.79
C VAL F 70 -53.54 32.76 9.41
N SER F 71 -54.05 31.80 8.63
CA SER F 71 -53.47 31.40 7.35
C SER F 71 -53.07 32.53 6.41
N GLU F 72 -53.95 33.53 6.27
CA GLU F 72 -53.70 34.62 5.34
C GLU F 72 -52.42 35.40 5.61
N VAL F 73 -52.09 35.59 6.89
CA VAL F 73 -50.91 36.35 7.26
C VAL F 73 -49.65 35.67 6.76
N THR F 74 -49.54 34.37 7.03
CA THR F 74 -48.33 33.63 6.72
C THR F 74 -48.07 33.56 5.21
N GLU F 75 -49.15 33.40 4.44
CA GLU F 75 -49.06 33.29 2.99
C GLU F 75 -48.72 34.63 2.34
N LYS F 76 -48.23 35.57 3.16
CA LYS F 76 -47.92 36.92 2.71
C LYS F 76 -46.56 37.36 3.21
N GLU F 77 -46.30 37.14 4.50
CA GLU F 77 -44.99 37.47 5.07
C GLU F 77 -43.97 36.43 4.62
N ASN F 78 -44.47 35.45 3.86
CA ASN F 78 -43.66 34.41 3.24
C ASN F 78 -43.00 33.52 4.28
N ILE F 79 -43.78 33.13 5.28
CA ILE F 79 -43.28 32.26 6.35
C ILE F 79 -43.18 30.83 5.86
N THR F 80 -42.00 30.24 5.99
CA THR F 80 -41.75 28.93 5.42
C THR F 80 -41.16 28.00 6.47
N SER F 81 -40.86 28.56 7.63
CA SER F 81 -40.38 27.76 8.75
C SER F 81 -40.69 28.44 10.08
N MET F 82 -40.51 27.72 11.18
CA MET F 82 -40.83 28.25 12.49
C MET F 82 -39.76 27.83 13.51
N PRO F 83 -39.47 28.72 14.49
CA PRO F 83 -40.11 30.02 14.63
C PRO F 83 -39.41 31.03 13.75
N THR F 84 -40.18 31.95 13.17
CA THR F 84 -39.60 33.03 12.39
C THR F 84 -39.93 34.35 13.07
N PHE F 85 -38.88 35.14 13.35
CA PHE F 85 -39.03 36.46 13.97
C PHE F 85 -38.76 37.57 12.97
N LYS F 86 -39.74 38.45 12.78
CA LYS F 86 -39.59 39.61 11.92
C LYS F 86 -39.84 40.89 12.72
N VAL F 87 -38.94 41.87 12.59
CA VAL F 87 -39.13 43.20 13.22
C VAL F 87 -39.54 44.30 12.23
N TYR F 88 -40.39 45.22 12.68
CA TYR F 88 -41.01 46.21 11.81
C TYR F 88 -40.74 47.66 12.23
N LYS F 89 -40.82 48.61 11.29
CA LYS F 89 -40.65 50.04 11.59
C LYS F 89 -41.68 50.95 10.91
N ASN F 90 -42.70 51.34 11.68
CA ASN F 90 -43.88 52.09 11.20
C ASN F 90 -44.89 51.25 10.38
N GLY F 91 -44.43 50.09 9.91
CA GLY F 91 -45.27 49.19 9.15
C GLY F 91 -44.49 48.27 8.22
N SER F 92 -43.19 48.55 8.06
CA SER F 92 -42.35 47.79 7.13
C SER F 92 -41.31 46.92 7.82
N SER F 93 -41.29 45.64 7.47
CA SER F 93 -40.27 44.72 7.94
C SER F 93 -38.88 45.28 7.67
N VAL F 94 -37.97 45.14 8.65
CA VAL F 94 -36.61 45.66 8.49
C VAL F 94 -35.54 44.63 8.82
N ASP F 95 -35.96 43.50 9.38
CA ASP F 95 -35.03 42.45 9.76
C ASP F 95 -35.84 41.17 9.97
N THR F 96 -35.17 40.02 9.96
CA THR F 96 -35.86 38.75 10.10
C THR F 96 -34.92 37.63 10.56
N LEU F 97 -35.32 36.92 11.60
CA LEU F 97 -34.48 35.86 12.16
C LEU F 97 -35.21 34.53 12.19
N LEU F 98 -34.46 33.45 12.07
CA LEU F 98 -35.03 32.11 12.06
C LEU F 98 -34.31 31.19 13.04
N GLY F 99 -35.07 30.52 13.90
CA GLY F 99 -34.49 29.54 14.80
C GLY F 99 -34.83 29.68 16.28
N ALA F 100 -34.56 28.60 17.02
CA ALA F 100 -34.83 28.56 18.45
C ALA F 100 -33.57 28.81 19.26
N ASN F 101 -32.71 29.69 18.75
CA ASN F 101 -31.52 30.06 19.50
C ASN F 101 -31.72 31.37 20.26
N ASP F 102 -31.92 31.24 21.57
CA ASP F 102 -32.22 32.37 22.45
C ASP F 102 -31.20 33.48 22.30
N SER F 103 -29.92 33.11 22.24
CA SER F 103 -28.85 34.08 22.11
C SER F 103 -29.02 34.93 20.85
N ALA F 104 -29.41 34.29 19.76
CA ALA F 104 -29.64 34.97 18.50
C ALA F 104 -30.78 35.96 18.66
N LEU F 105 -31.87 35.49 19.27
CA LEU F 105 -33.05 36.32 19.47
C LEU F 105 -32.74 37.55 20.33
N LYS F 106 -32.08 37.33 21.46
CA LYS F 106 -31.69 38.43 22.33
C LYS F 106 -30.84 39.41 21.55
N GLN F 107 -29.82 38.87 20.88
CA GLN F 107 -28.93 39.66 20.01
C GLN F 107 -29.74 40.53 19.04
N LEU F 108 -30.83 39.97 18.51
CA LEU F 108 -31.69 40.66 17.57
C LEU F 108 -32.47 41.80 18.22
N ILE F 109 -33.01 41.55 19.40
CA ILE F 109 -33.91 42.50 20.04
C ILE F 109 -33.16 43.74 20.53
N GLU F 110 -31.96 43.55 21.07
CA GLU F 110 -31.16 44.68 21.54
C GLU F 110 -30.68 45.55 20.37
N LYS F 111 -30.54 44.92 19.21
CA LYS F 111 -30.19 45.60 17.97
C LYS F 111 -31.20 46.70 17.61
N TYR F 112 -32.44 46.53 18.06
CA TYR F 112 -33.50 47.45 17.69
C TYR F 112 -34.27 47.98 18.89
N ALA F 113 -33.86 47.58 20.09
CA ALA F 113 -34.63 47.94 21.28
C ALA F 113 -33.88 47.97 22.62
N ALA F 114 -32.56 47.84 22.59
CA ALA F 114 -31.76 47.89 23.82
C ALA F 114 -31.95 49.22 24.57
N GLY G 10 -3.82 -12.76 -39.06
CA GLY G 10 -3.47 -12.02 -40.26
C GLY G 10 -2.09 -11.38 -40.20
N SER G 11 -1.99 -10.27 -39.46
CA SER G 11 -0.73 -9.56 -39.26
C SER G 11 -0.82 -8.76 -37.96
N VAL G 12 0.16 -7.88 -37.72
CA VAL G 12 0.18 -7.09 -36.50
C VAL G 12 -0.02 -5.61 -36.78
N LYS G 13 -0.89 -4.97 -36.01
CA LYS G 13 -1.12 -3.54 -36.12
C LYS G 13 -0.83 -2.84 -34.80
N ILE G 14 -0.48 -1.56 -34.89
CA ILE G 14 -0.21 -0.76 -33.70
C ILE G 14 -1.46 0.02 -33.31
N VAL G 15 -1.94 -0.20 -32.08
CA VAL G 15 -3.09 0.53 -31.54
C VAL G 15 -2.61 1.85 -30.91
N THR G 16 -3.33 2.93 -31.15
CA THR G 16 -2.90 4.22 -30.60
C THR G 16 -3.97 4.95 -29.76
N SER G 17 -4.89 4.20 -29.16
CA SER G 17 -6.06 4.77 -28.47
C SER G 17 -6.74 3.68 -27.63
N GLN G 18 -7.19 4.05 -26.44
CA GLN G 18 -7.87 3.14 -25.53
C GLN G 18 -9.19 2.61 -26.10
N ALA G 19 -9.97 3.52 -26.71
CA ALA G 19 -11.22 3.18 -27.37
C ALA G 19 -10.98 2.14 -28.46
N GLU G 20 -9.93 2.37 -29.27
CA GLU G 20 -9.56 1.46 -30.36
C GLU G 20 -9.18 0.07 -29.85
N PHE G 21 -8.42 0.04 -28.75
CA PHE G 21 -8.04 -1.20 -28.08
C PHE G 21 -9.28 -1.93 -27.56
N ASP G 22 -10.16 -1.17 -26.91
CA ASP G 22 -11.40 -1.71 -26.36
C ASP G 22 -12.33 -2.25 -27.46
N SER G 23 -12.51 -1.43 -28.50
CA SER G 23 -13.41 -1.77 -29.59
C SER G 23 -12.93 -3.01 -30.32
N ILE G 24 -11.66 -3.04 -30.69
CA ILE G 24 -11.08 -4.17 -31.41
C ILE G 24 -11.20 -5.49 -30.65
N ILE G 25 -10.91 -5.49 -29.34
CA ILE G 25 -10.99 -6.73 -28.58
C ILE G 25 -12.43 -7.22 -28.32
N SER G 26 -13.29 -6.29 -27.90
CA SER G 26 -14.68 -6.63 -27.60
C SER G 26 -15.36 -7.25 -28.82
N GLN G 27 -15.30 -6.57 -29.97
CA GLN G 27 -15.98 -7.03 -31.17
C GLN G 27 -15.34 -8.26 -31.84
N ASN G 28 -14.04 -8.51 -31.62
CA ASN G 28 -13.30 -9.53 -32.38
C ASN G 28 -13.18 -10.91 -31.76
N GLU G 29 -13.73 -11.10 -30.57
CA GLU G 29 -13.63 -12.40 -29.88
C GLU G 29 -12.19 -12.72 -29.47
N LEU G 30 -11.55 -13.62 -30.21
CA LEU G 30 -10.23 -14.11 -29.83
C LEU G 30 -9.09 -13.14 -30.18
N VAL G 31 -8.38 -12.67 -29.15
CA VAL G 31 -7.36 -11.65 -29.34
C VAL G 31 -6.15 -11.90 -28.45
N ILE G 32 -4.97 -11.84 -29.06
CA ILE G 32 -3.74 -11.73 -28.28
C ILE G 32 -3.20 -10.29 -28.44
N VAL G 33 -2.54 -9.79 -27.40
CA VAL G 33 -1.94 -8.47 -27.48
C VAL G 33 -0.54 -8.44 -26.86
N ASP G 34 0.33 -7.72 -27.54
CA ASP G 34 1.75 -7.63 -27.21
C ASP G 34 2.08 -6.22 -26.70
N PHE G 35 2.27 -6.09 -25.40
CA PHE G 35 2.62 -4.81 -24.81
C PHE G 35 4.13 -4.60 -24.84
N PHE G 36 4.58 -3.62 -25.63
CA PHE G 36 6.00 -3.45 -25.87
C PHE G 36 6.45 -2.06 -25.49
N ALA G 37 7.77 -1.88 -25.42
CA ALA G 37 8.37 -0.57 -25.25
C ALA G 37 9.50 -0.43 -26.25
N GLU G 38 9.60 0.73 -26.90
CA GLU G 38 10.65 0.92 -27.90
C GLU G 38 12.04 0.87 -27.31
N TRP G 39 12.17 1.30 -26.06
CA TRP G 39 13.44 1.25 -25.35
C TRP G 39 13.70 -0.10 -24.69
N CYS G 40 12.82 -1.07 -24.92
CA CYS G 40 12.96 -2.34 -24.21
C CYS G 40 13.65 -3.41 -25.04
N GLY G 41 14.89 -3.72 -24.65
CA GLY G 41 15.70 -4.72 -25.31
C GLY G 41 14.99 -6.03 -25.57
N PRO G 42 14.63 -6.74 -24.51
CA PRO G 42 13.90 -8.02 -24.59
C PRO G 42 12.64 -7.94 -25.45
N SER G 43 11.86 -6.86 -25.31
CA SER G 43 10.65 -6.70 -26.11
C SER G 43 11.00 -6.70 -27.59
N LYS G 44 12.05 -5.97 -27.94
CA LYS G 44 12.53 -5.92 -29.31
C LYS G 44 13.00 -7.32 -29.76
N ARG G 45 13.63 -8.04 -28.83
CA ARG G 45 14.22 -9.34 -29.10
C ARG G 45 13.20 -10.34 -29.61
N ILE G 46 11.94 -10.15 -29.24
CA ILE G 46 10.91 -11.13 -29.54
C ILE G 46 9.89 -10.58 -30.52
N ALA G 47 10.01 -9.31 -30.86
CA ALA G 47 9.11 -8.69 -31.83
C ALA G 47 9.04 -9.39 -33.19
N PRO G 48 10.19 -9.80 -33.77
CA PRO G 48 10.10 -10.49 -35.07
C PRO G 48 9.27 -11.75 -34.99
N PHE G 49 9.61 -12.63 -34.06
CA PHE G 49 8.92 -13.90 -33.90
C PHE G 49 7.39 -13.74 -33.75
N TYR G 50 6.98 -12.67 -33.09
CA TYR G 50 5.56 -12.44 -32.83
C TYR G 50 4.89 -12.01 -34.13
N GLU G 51 5.65 -11.35 -34.99
CA GLU G 51 5.13 -10.97 -36.31
C GLU G 51 4.83 -12.24 -37.08
N GLU G 52 5.72 -13.23 -36.93
CA GLU G 52 5.61 -14.52 -37.59
C GLU G 52 4.29 -15.22 -37.24
N CYS G 53 4.02 -15.34 -35.94
CA CYS G 53 2.82 -16.03 -35.45
C CYS G 53 1.50 -15.35 -35.86
N SER G 54 1.58 -14.07 -36.24
CA SER G 54 0.39 -13.35 -36.69
C SER G 54 -0.04 -13.90 -38.05
N LYS G 55 0.94 -14.38 -38.81
CA LYS G 55 0.69 -14.98 -40.11
C LYS G 55 0.27 -16.44 -39.99
N THR G 56 1.08 -17.25 -39.33
CA THR G 56 0.79 -18.69 -39.23
C THR G 56 -0.54 -18.99 -38.52
N TYR G 57 -0.70 -18.55 -37.28
CA TYR G 57 -1.90 -18.85 -36.50
C TYR G 57 -3.01 -17.83 -36.72
N THR G 58 -3.81 -18.03 -37.77
CA THR G 58 -4.84 -17.06 -38.11
C THR G 58 -6.11 -17.18 -37.24
N LYS G 59 -6.18 -18.20 -36.39
CA LYS G 59 -7.31 -18.37 -35.46
C LYS G 59 -7.24 -17.43 -34.25
N MET G 60 -6.83 -16.18 -34.47
CA MET G 60 -6.63 -15.20 -33.41
C MET G 60 -6.26 -13.85 -33.99
N VAL G 61 -6.53 -12.77 -33.25
CA VAL G 61 -6.15 -11.43 -33.68
C VAL G 61 -4.85 -10.97 -33.00
N PHE G 62 -3.89 -10.52 -33.80
CA PHE G 62 -2.60 -10.10 -33.28
C PHE G 62 -2.43 -8.58 -33.33
N ILE G 63 -2.17 -7.96 -32.17
CA ILE G 63 -1.97 -6.51 -32.09
C ILE G 63 -0.88 -6.08 -31.09
N LYS G 64 -0.45 -4.83 -31.23
CA LYS G 64 0.61 -4.26 -30.40
C LYS G 64 0.18 -2.97 -29.71
N VAL G 65 0.66 -2.76 -28.49
CA VAL G 65 0.43 -1.50 -27.78
C VAL G 65 1.73 -0.93 -27.21
N ASP G 66 2.09 0.28 -27.63
CA ASP G 66 3.25 0.96 -27.07
C ASP G 66 2.83 1.52 -25.73
N VAL G 67 3.42 1.01 -24.65
CA VAL G 67 2.96 1.33 -23.29
C VAL G 67 3.21 2.76 -22.88
N ASP G 68 4.11 3.43 -23.60
CA ASP G 68 4.42 4.83 -23.30
C ASP G 68 3.44 5.73 -24.03
N GLU G 69 3.16 5.40 -25.28
CA GLU G 69 2.27 6.19 -26.11
C GLU G 69 0.84 6.10 -25.57
N VAL G 70 0.32 4.88 -25.52
CA VAL G 70 -1.06 4.63 -25.10
C VAL G 70 -1.18 4.44 -23.57
N SER G 71 -0.74 5.46 -22.84
CA SER G 71 -0.66 5.43 -21.38
C SER G 71 -1.87 4.84 -20.65
N GLU G 72 -3.06 5.25 -21.06
CA GLU G 72 -4.30 4.86 -20.38
C GLU G 72 -4.50 3.36 -20.36
N VAL G 73 -4.13 2.68 -21.44
CA VAL G 73 -4.32 1.24 -21.54
C VAL G 73 -3.50 0.49 -20.49
N THR G 74 -2.22 0.85 -20.41
CA THR G 74 -1.29 0.14 -19.53
C THR G 74 -1.68 0.31 -18.06
N GLU G 75 -2.13 1.52 -17.70
CA GLU G 75 -2.50 1.85 -16.32
C GLU G 75 -3.82 1.17 -15.91
N LYS G 76 -4.24 0.18 -16.69
CA LYS G 76 -5.49 -0.53 -16.49
C LYS G 76 -5.30 -2.03 -16.59
N GLU G 77 -4.58 -2.48 -17.61
CA GLU G 77 -4.26 -3.91 -17.74
C GLU G 77 -3.19 -4.28 -16.74
N ASN G 78 -2.73 -3.28 -15.99
CA ASN G 78 -1.78 -3.46 -14.90
C ASN G 78 -0.43 -3.94 -15.40
N ILE G 79 0.03 -3.35 -16.50
CA ILE G 79 1.31 -3.71 -17.09
C ILE G 79 2.45 -3.10 -16.29
N THR G 80 3.38 -3.94 -15.87
CA THR G 80 4.42 -3.50 -14.97
C THR G 80 5.78 -3.90 -15.50
N SER G 81 5.77 -4.67 -16.58
CA SER G 81 7.02 -5.07 -17.23
C SER G 81 6.77 -5.36 -18.70
N MET G 82 7.84 -5.50 -19.47
CA MET G 82 7.72 -5.76 -20.89
C MET G 82 8.75 -6.82 -21.32
N PRO G 83 8.39 -7.66 -22.31
CA PRO G 83 7.09 -7.63 -22.98
C PRO G 83 6.09 -8.43 -22.17
N THR G 84 4.87 -7.97 -22.14
CA THR G 84 3.81 -8.71 -21.47
C THR G 84 2.77 -9.13 -22.51
N PHE G 85 2.48 -10.43 -22.58
CA PHE G 85 1.47 -10.96 -23.49
C PHE G 85 0.21 -11.40 -22.73
N LYS G 86 -0.93 -10.83 -23.11
CA LYS G 86 -2.22 -11.20 -22.55
C LYS G 86 -3.16 -11.68 -23.65
N VAL G 87 -3.82 -12.83 -23.45
CA VAL G 87 -4.81 -13.34 -24.41
C VAL G 87 -6.26 -13.17 -23.90
N TYR G 88 -7.18 -12.89 -24.82
CA TYR G 88 -8.55 -12.52 -24.47
C TYR G 88 -9.62 -13.43 -25.11
N LYS G 89 -10.81 -13.51 -24.50
CA LYS G 89 -11.92 -14.32 -25.05
C LYS G 89 -13.26 -13.58 -24.99
N ASN G 90 -13.67 -13.02 -26.14
CA ASN G 90 -14.84 -12.16 -26.29
C ASN G 90 -14.67 -10.74 -25.71
N GLY G 91 -13.66 -10.58 -24.86
CA GLY G 91 -13.37 -9.28 -24.25
C GLY G 91 -12.64 -9.40 -22.92
N SER G 92 -12.57 -10.62 -22.38
CA SER G 92 -11.96 -10.83 -21.06
C SER G 92 -10.63 -11.57 -21.13
N SER G 93 -9.61 -11.01 -20.50
CA SER G 93 -8.31 -11.66 -20.36
C SER G 93 -8.49 -13.04 -19.76
N VAL G 94 -7.78 -14.03 -20.30
CA VAL G 94 -7.87 -15.40 -19.80
C VAL G 94 -6.50 -16.02 -19.48
N ASP G 95 -5.43 -15.34 -19.85
CA ASP G 95 -4.09 -15.85 -19.64
C ASP G 95 -3.12 -14.68 -19.82
N THR G 96 -1.91 -14.81 -19.30
CA THR G 96 -0.94 -13.72 -19.39
C THR G 96 0.48 -14.22 -19.21
N LEU G 97 1.35 -13.86 -20.15
CA LEU G 97 2.74 -14.31 -20.12
C LEU G 97 3.73 -13.16 -20.11
N LEU G 98 4.87 -13.36 -19.45
CA LEU G 98 5.88 -12.33 -19.33
C LEU G 98 7.26 -12.85 -19.77
N GLY G 99 7.91 -12.12 -20.67
CA GLY G 99 9.27 -12.47 -21.06
C GLY G 99 9.56 -12.58 -22.55
N ALA G 100 10.85 -12.57 -22.87
CA ALA G 100 11.29 -12.66 -24.26
C ALA G 100 11.72 -14.06 -24.61
N ASN G 101 11.04 -15.05 -24.06
CA ASN G 101 11.33 -16.44 -24.40
C ASN G 101 10.36 -16.96 -25.45
N ASP G 102 10.85 -17.04 -26.68
CA ASP G 102 10.06 -17.44 -27.84
C ASP G 102 9.32 -18.74 -27.62
N SER G 103 10.01 -19.72 -27.02
CA SER G 103 9.44 -21.02 -26.75
C SER G 103 8.20 -20.91 -25.87
N ALA G 104 8.28 -20.05 -24.87
CA ALA G 104 7.17 -19.80 -23.96
C ALA G 104 6.00 -19.21 -24.73
N LEU G 105 6.31 -18.22 -25.57
CA LEU G 105 5.27 -17.55 -26.35
C LEU G 105 4.57 -18.51 -27.29
N LYS G 106 5.35 -19.30 -28.02
CA LYS G 106 4.79 -20.27 -28.95
C LYS G 106 3.90 -21.22 -28.17
N GLN G 107 4.46 -21.76 -27.08
CA GLN G 107 3.72 -22.63 -26.17
C GLN G 107 2.38 -22.01 -25.77
N LEU G 108 2.39 -20.71 -25.54
CA LEU G 108 1.19 -19.99 -25.15
C LEU G 108 0.16 -19.91 -26.27
N ILE G 109 0.62 -19.62 -27.48
CA ILE G 109 -0.28 -19.37 -28.60
C ILE G 109 -1.00 -20.64 -29.09
N GLU G 110 -0.28 -21.76 -29.10
CA GLU G 110 -0.89 -23.02 -29.50
C GLU G 110 -1.90 -23.50 -28.46
N LYS G 111 -1.68 -23.11 -27.21
CA LYS G 111 -2.62 -23.38 -26.12
C LYS G 111 -4.02 -22.83 -26.41
N TYR G 112 -4.09 -21.76 -27.19
CA TYR G 112 -5.37 -21.10 -27.46
C TYR G 112 -5.65 -20.92 -28.94
N ALA G 113 -4.76 -21.43 -29.80
CA ALA G 113 -4.90 -21.17 -31.23
C ALA G 113 -4.24 -22.18 -32.19
N ALA G 114 -3.75 -23.29 -31.67
CA ALA G 114 -3.12 -24.31 -32.52
C ALA G 114 -4.10 -24.86 -33.55
N GLY H 10 85.63 13.43 -21.57
CA GLY H 10 85.83 12.40 -22.59
C GLY H 10 84.55 11.68 -22.99
N SER H 11 84.10 10.76 -22.14
CA SER H 11 82.84 10.04 -22.33
C SER H 11 82.33 9.56 -20.97
N VAL H 12 81.29 8.71 -20.98
CA VAL H 12 80.71 8.23 -19.73
C VAL H 12 80.93 6.75 -19.53
N LYS H 13 81.36 6.38 -18.32
CA LYS H 13 81.57 4.98 -17.96
C LYS H 13 80.70 4.58 -16.78
N ILE H 14 80.36 3.31 -16.71
CA ILE H 14 79.59 2.77 -15.60
C ILE H 14 80.49 2.20 -14.51
N VAL H 15 80.39 2.75 -13.32
CA VAL H 15 81.13 2.26 -12.16
C VAL H 15 80.37 1.10 -11.51
N THR H 16 81.07 0.04 -11.10
CA THR H 16 80.41 -1.13 -10.52
C THR H 16 80.96 -1.55 -9.15
N SER H 17 81.55 -0.60 -8.41
CA SER H 17 82.25 -0.90 -7.16
C SER H 17 82.57 0.39 -6.40
N GLN H 18 82.43 0.33 -5.09
CA GLN H 18 82.67 1.50 -4.23
C GLN H 18 84.13 1.95 -4.26
N ALA H 19 85.04 0.99 -4.25
CA ALA H 19 86.47 1.27 -4.35
C ALA H 19 86.76 1.99 -5.66
N GLU H 20 86.17 1.51 -6.76
CA GLU H 20 86.37 2.12 -8.08
C GLU H 20 85.87 3.56 -8.14
N PHE H 21 84.70 3.79 -7.55
CA PHE H 21 84.11 5.12 -7.44
C PHE H 21 85.03 6.02 -6.62
N ASP H 22 85.50 5.51 -5.49
CA ASP H 22 86.37 6.25 -4.59
C ASP H 22 87.70 6.58 -5.26
N SER H 23 88.30 5.55 -5.87
CA SER H 23 89.61 5.70 -6.51
C SER H 23 89.55 6.70 -7.65
N ILE H 24 88.56 6.54 -8.54
CA ILE H 24 88.42 7.44 -9.69
C ILE H 24 88.24 8.90 -9.30
N ILE H 25 87.42 9.18 -8.29
CA ILE H 25 87.18 10.57 -7.88
C ILE H 25 88.37 11.20 -7.15
N SER H 26 88.93 10.46 -6.20
CA SER H 26 90.06 10.97 -5.41
C SER H 26 91.24 11.34 -6.30
N GLN H 27 91.65 10.41 -7.15
CA GLN H 27 92.81 10.64 -8.02
C GLN H 27 92.57 11.63 -9.19
N ASN H 28 91.32 11.81 -9.63
CA ASN H 28 91.04 12.57 -10.86
C ASN H 28 90.72 14.04 -10.72
N GLU H 29 90.67 14.55 -9.48
CA GLU H 29 90.32 15.96 -9.26
C GLU H 29 88.88 16.27 -9.61
N LEU H 30 88.65 16.93 -10.74
CA LEU H 30 87.31 17.38 -11.13
C LEU H 30 86.41 16.28 -11.69
N VAL H 31 85.32 15.98 -10.98
CA VAL H 31 84.45 14.89 -11.35
C VAL H 31 82.98 15.25 -11.17
N ILE H 32 82.19 14.96 -12.18
CA ILE H 32 80.74 14.94 -12.04
C ILE H 32 80.28 13.47 -12.06
N VAL H 33 79.22 13.18 -11.33
CA VAL H 33 78.67 11.84 -11.34
C VAL H 33 77.14 11.84 -11.40
N ASP H 34 76.60 10.92 -12.21
CA ASP H 34 75.19 10.81 -12.52
C ASP H 34 74.63 9.55 -11.89
N PHE H 35 73.87 9.69 -10.80
CA PHE H 35 73.25 8.56 -10.14
C PHE H 35 71.90 8.24 -10.76
N PHE H 36 71.82 7.08 -11.40
CA PHE H 36 70.65 6.75 -12.22
C PHE H 36 70.01 5.46 -11.76
N ALA H 37 68.80 5.22 -12.23
CA ALA H 37 68.11 3.95 -12.02
C ALA H 37 67.52 3.49 -13.33
N GLU H 38 67.68 2.20 -13.66
CA GLU H 38 67.19 1.68 -14.93
C GLU H 38 65.69 1.78 -15.04
N TRP H 39 65.01 1.66 -13.90
CA TRP H 39 63.57 1.76 -13.86
C TRP H 39 63.09 3.20 -13.76
N CYS H 40 64.00 4.16 -13.80
CA CYS H 40 63.63 5.54 -13.56
C CYS H 40 63.40 6.33 -14.84
N GLY H 41 62.14 6.62 -15.12
CA GLY H 41 61.75 7.39 -16.30
C GLY H 41 62.54 8.67 -16.53
N PRO H 42 62.42 9.64 -15.62
CA PRO H 42 63.17 10.90 -15.67
C PRO H 42 64.68 10.72 -15.84
N SER H 43 65.27 9.75 -15.14
CA SER H 43 66.70 9.50 -15.26
C SER H 43 67.05 9.12 -16.68
N LYS H 44 66.23 8.26 -17.26
CA LYS H 44 66.39 7.85 -18.66
C LYS H 44 66.23 9.04 -19.59
N ARG H 45 65.28 9.92 -19.25
CA ARG H 45 64.92 11.08 -20.06
C ARG H 45 66.10 12.02 -20.29
N ILE H 46 67.06 12.03 -19.35
CA ILE H 46 68.16 12.99 -19.40
C ILE H 46 69.50 12.30 -19.67
N ALA H 47 69.48 10.97 -19.72
CA ALA H 47 70.69 10.19 -20.03
C ALA H 47 71.40 10.56 -21.34
N PRO H 48 70.64 10.72 -22.44
CA PRO H 48 71.31 11.11 -23.69
C PRO H 48 72.08 12.42 -23.55
N PHE H 49 71.39 13.46 -23.12
CA PHE H 49 71.99 14.79 -22.97
C PHE H 49 73.26 14.79 -22.12
N TYR H 50 73.31 13.91 -21.13
CA TYR H 50 74.46 13.85 -20.24
C TYR H 50 75.63 13.20 -20.96
N GLU H 51 75.32 12.29 -21.88
CA GLU H 51 76.33 11.66 -22.71
C GLU H 51 76.97 12.73 -23.56
N GLU H 52 76.15 13.64 -24.06
CA GLU H 52 76.62 14.76 -24.89
C GLU H 52 77.67 15.61 -24.15
N CYS H 53 77.32 16.08 -22.96
CA CYS H 53 78.21 16.94 -22.19
C CYS H 53 79.55 16.28 -21.82
N SER H 54 79.59 14.95 -21.87
CA SER H 54 80.83 14.25 -21.53
C SER H 54 81.84 14.50 -22.63
N LYS H 55 81.32 14.70 -23.84
CA LYS H 55 82.15 14.97 -25.00
C LYS H 55 82.54 16.44 -25.06
N THR H 56 81.54 17.34 -25.02
CA THR H 56 81.81 18.77 -25.18
C THR H 56 82.70 19.34 -24.06
N TYR H 57 82.28 19.17 -22.81
CA TYR H 57 82.99 19.76 -21.68
C TYR H 57 84.07 18.83 -21.13
N THR H 58 85.25 18.85 -21.73
CA THR H 58 86.29 17.92 -21.34
C THR H 58 87.04 18.31 -20.07
N LYS H 59 86.75 19.49 -19.55
CA LYS H 59 87.38 19.97 -18.30
C LYS H 59 86.76 19.33 -17.05
N MET H 60 86.44 18.03 -17.12
CA MET H 60 85.74 17.31 -16.04
C MET H 60 85.61 15.84 -16.38
N VAL H 61 85.48 14.99 -15.36
CA VAL H 61 85.28 13.56 -15.59
C VAL H 61 83.81 13.18 -15.45
N PHE H 62 83.29 12.48 -16.45
CA PHE H 62 81.87 12.11 -16.46
C PHE H 62 81.68 10.60 -16.22
N ILE H 63 80.92 10.25 -15.17
CA ILE H 63 80.65 8.85 -14.85
C ILE H 63 79.23 8.59 -14.34
N LYS H 64 78.85 7.32 -14.34
CA LYS H 64 77.51 6.88 -13.96
C LYS H 64 77.55 5.82 -12.85
N VAL H 65 76.55 5.84 -11.96
CA VAL H 65 76.41 4.82 -10.94
C VAL H 65 74.97 4.31 -10.89
N ASP H 66 74.78 3.02 -11.13
CA ASP H 66 73.48 2.40 -10.97
C ASP H 66 73.23 2.20 -9.47
N VAL H 67 72.25 2.92 -8.93
CA VAL H 67 72.03 2.97 -7.47
C VAL H 67 71.56 1.65 -6.89
N ASP H 68 71.04 0.75 -7.73
CA ASP H 68 70.60 -0.55 -7.27
C ASP H 68 71.75 -1.52 -7.26
N GLU H 69 72.56 -1.47 -8.31
CA GLU H 69 73.70 -2.35 -8.44
C GLU H 69 74.75 -2.03 -7.38
N VAL H 70 75.24 -0.80 -7.39
CA VAL H 70 76.31 -0.36 -6.48
C VAL H 70 75.77 0.17 -5.15
N SER H 71 75.00 -0.67 -4.47
CA SER H 71 74.28 -0.30 -3.24
C SER H 71 75.07 0.54 -2.24
N GLU H 72 76.30 0.15 -1.98
CA GLU H 72 77.11 0.78 -0.93
C GLU H 72 77.34 2.25 -1.19
N VAL H 73 77.49 2.63 -2.45
CA VAL H 73 77.78 4.02 -2.79
C VAL H 73 76.61 4.91 -2.43
N THR H 74 75.42 4.50 -2.83
CA THR H 74 74.22 5.31 -2.64
C THR H 74 73.91 5.52 -1.16
N GLU H 75 74.09 4.47 -0.36
CA GLU H 75 73.80 4.51 1.08
C GLU H 75 74.82 5.36 1.84
N LYS H 76 75.58 6.17 1.11
CA LYS H 76 76.66 7.00 1.65
C LYS H 76 76.61 8.43 1.12
N GLU H 77 76.47 8.58 -0.20
CA GLU H 77 76.27 9.88 -0.78
C GLU H 77 74.86 10.38 -0.48
N ASN H 78 74.07 9.54 0.20
CA ASN H 78 72.75 9.90 0.68
C ASN H 78 71.74 10.14 -0.44
N ILE H 79 71.81 9.29 -1.46
CA ILE H 79 70.96 9.41 -2.62
C ILE H 79 69.56 8.92 -2.30
N THR H 80 68.57 9.77 -2.51
CA THR H 80 67.21 9.46 -2.08
C THR H 80 66.25 9.63 -3.23
N SER H 81 66.76 10.14 -4.36
CA SER H 81 65.97 10.29 -5.57
C SER H 81 66.84 10.27 -6.83
N MET H 82 66.22 10.12 -7.98
CA MET H 82 66.96 10.03 -9.24
C MET H 82 66.28 10.85 -10.33
N PRO H 83 67.07 11.47 -11.22
CA PRO H 83 68.53 11.39 -11.21
C PRO H 83 69.08 12.45 -10.26
N THR H 84 70.17 12.12 -9.59
CA THR H 84 70.84 13.08 -8.72
C THR H 84 72.25 13.31 -9.27
N PHE H 85 72.59 14.57 -9.50
CA PHE H 85 73.93 14.92 -9.98
C PHE H 85 74.75 15.64 -8.90
N LYS H 86 75.91 15.09 -8.59
CA LYS H 86 76.81 15.69 -7.61
C LYS H 86 78.15 15.97 -8.29
N VAL H 87 78.70 17.17 -8.10
CA VAL H 87 80.03 17.51 -8.61
C VAL H 87 81.11 17.57 -7.51
N TYR H 88 82.33 17.14 -7.82
CA TYR H 88 83.39 16.96 -6.82
C TYR H 88 84.66 17.78 -7.13
N LYS H 89 85.46 18.09 -6.10
CA LYS H 89 86.72 18.81 -6.27
C LYS H 89 87.87 18.23 -5.46
N ASN H 90 88.72 17.46 -6.15
CA ASN H 90 89.82 16.68 -5.56
C ASN H 90 89.35 15.43 -4.79
N GLY H 91 88.07 15.40 -4.45
CA GLY H 91 87.48 14.26 -3.74
C GLY H 91 86.25 14.63 -2.92
N SER H 92 86.00 15.93 -2.79
CA SER H 92 84.88 16.40 -1.97
C SER H 92 83.75 17.00 -2.80
N SER H 93 82.53 16.51 -2.57
CA SER H 93 81.33 17.08 -3.17
C SER H 93 81.29 18.59 -2.91
N VAL H 94 80.90 19.36 -3.91
CA VAL H 94 80.81 20.81 -3.76
C VAL H 94 79.46 21.39 -4.22
N ASP H 95 78.65 20.55 -4.86
CA ASP H 95 77.36 20.99 -5.39
C ASP H 95 76.55 19.75 -5.70
N THR H 96 75.24 19.91 -5.83
CA THR H 96 74.38 18.76 -6.07
C THR H 96 73.04 19.18 -6.66
N LEU H 97 72.63 18.52 -7.76
CA LEU H 97 71.41 18.88 -8.46
C LEU H 97 70.48 17.68 -8.59
N LEU H 98 69.17 17.94 -8.58
CA LEU H 98 68.19 16.88 -8.67
C LEU H 98 67.17 17.19 -9.78
N GLY H 99 66.94 16.22 -10.66
CA GLY H 99 65.93 16.36 -11.68
C GLY H 99 66.33 16.11 -13.12
N ALA H 100 65.31 15.93 -13.97
CA ALA H 100 65.53 15.66 -15.38
C ALA H 100 65.35 16.92 -16.22
N ASN H 101 65.77 18.05 -15.67
CA ASN H 101 65.73 19.30 -16.43
C ASN H 101 67.08 19.63 -17.04
N ASP H 102 67.18 19.37 -18.35
CA ASP H 102 68.43 19.54 -19.09
C ASP H 102 69.03 20.92 -18.89
N SER H 103 68.18 21.92 -18.92
CA SER H 103 68.63 23.30 -18.77
C SER H 103 69.34 23.49 -17.44
N ALA H 104 68.78 22.88 -16.40
CA ALA H 104 69.36 22.96 -15.07
C ALA H 104 70.72 22.30 -15.09
N LEU H 105 70.79 21.11 -15.70
CA LEU H 105 72.03 20.36 -15.75
C LEU H 105 73.11 21.12 -16.49
N LYS H 106 72.78 21.64 -17.67
CA LYS H 106 73.72 22.43 -18.45
C LYS H 106 74.21 23.59 -17.61
N GLN H 107 73.24 24.31 -17.03
CA GLN H 107 73.52 25.44 -16.13
C GLN H 107 74.52 25.04 -15.05
N LEU H 108 74.37 23.83 -14.54
CA LEU H 108 75.26 23.30 -13.51
C LEU H 108 76.68 23.03 -14.00
N ILE H 109 76.79 22.42 -15.17
CA ILE H 109 78.10 21.99 -15.67
C ILE H 109 78.99 23.16 -16.11
N GLU H 110 78.40 24.20 -16.70
CA GLU H 110 79.17 25.39 -17.08
C GLU H 110 79.63 26.16 -15.86
N LYS H 111 78.88 26.05 -14.77
CA LYS H 111 79.24 26.66 -13.49
C LYS H 111 80.61 26.17 -12.99
N TYR H 112 80.98 24.96 -13.38
CA TYR H 112 82.22 24.34 -12.88
C TYR H 112 83.12 23.86 -14.01
N ALA H 113 82.71 24.05 -15.27
CA ALA H 113 83.46 23.48 -16.37
C ALA H 113 83.35 24.18 -17.73
N ALA H 114 82.72 25.35 -17.77
CA ALA H 114 82.58 26.10 -19.02
C ALA H 114 83.94 26.46 -19.62
PA FAD I . -12.82 -18.49 6.43
O1A FAD I . -11.80 -17.64 7.18
O2A FAD I . -14.18 -18.02 6.86
O5B FAD I . -12.76 -20.02 6.86
C5B FAD I . -11.57 -20.73 6.84
C4B FAD I . -11.37 -21.82 7.84
O4B FAD I . -10.08 -22.35 7.62
C3B FAD I . -11.41 -21.33 9.23
O3B FAD I . -12.43 -22.07 9.96
C2B FAD I . -10.17 -21.55 9.77
O2B FAD I . -10.32 -21.98 11.10
C1B FAD I . -9.54 -22.63 8.89
N9A FAD I . -8.08 -22.88 8.76
C8A FAD I . -7.02 -22.07 8.55
N7A FAD I . -5.90 -22.83 8.46
C5A FAD I . -6.25 -24.13 8.61
C6A FAD I . -5.56 -25.36 8.62
N6A FAD I . -4.14 -25.44 8.44
N1A FAD I . -6.22 -26.52 8.78
C2A FAD I . -7.54 -26.51 8.95
N3A FAD I . -8.24 -25.36 8.96
C4A FAD I . -7.63 -24.17 8.78
N1 FAD I . -18.93 -11.03 5.46
C2 FAD I . -20.16 -10.76 5.00
O2 FAD I . -20.52 -11.20 3.69
N3 FAD I . -21.03 -10.09 5.77
C4 FAD I . -20.68 -9.70 7.01
O4 FAD I . -21.63 -9.02 7.79
C4X FAD I . -19.39 -9.98 7.52
N5 FAD I . -19.01 -9.60 8.77
C5X FAD I . -17.75 -9.88 9.21
C6 FAD I . -17.36 -9.49 10.49
C7 FAD I . -16.10 -9.75 10.98
C7M FAD I . -15.67 -9.34 12.36
C8 FAD I . -15.20 -10.42 10.17
C8M FAD I . -13.84 -10.72 10.68
C9 FAD I . -15.58 -10.82 8.90
C9A FAD I . -16.84 -10.56 8.39
N10 FAD I . -17.24 -10.95 7.13
C10 FAD I . -18.50 -10.66 6.70
C1' FAD I . -16.35 -11.67 6.19
C2' FAD I . -16.55 -13.16 6.08
O2' FAD I . -16.61 -13.64 7.39
C3' FAD I . -15.46 -13.90 5.33
O3' FAD I . -15.27 -13.31 4.12
C4' FAD I . -15.80 -15.34 5.05
O4' FAD I . -15.96 -16.07 6.24
C5' FAD I . -14.72 -16.02 4.26
O5' FAD I . -14.73 -17.40 4.25
P FAD I . -13.48 -18.15 3.65
O1P FAD I . -13.92 -19.44 2.95
O2P FAD I . -12.90 -17.18 2.61
O3P FAD I . -12.46 -18.36 4.87
PA FAD J . -56.52 11.60 -1.99
O1A FAD J . -57.57 10.93 -1.11
O2A FAD J . -55.20 11.41 -1.28
O5B FAD J . -56.92 13.15 -2.15
C5B FAD J . -58.25 13.51 -1.97
C4B FAD J . -58.68 14.83 -1.42
O4B FAD J . -59.86 15.24 -2.05
C3B FAD J . -59.00 14.78 0.02
O3B FAD J . -58.13 15.71 0.72
C2B FAD J . -60.35 15.07 0.13
O2B FAD J . -60.65 15.71 1.36
C1B FAD J . -60.61 15.93 -1.09
N9A FAD J . -62.00 16.24 -1.59
C8A FAD J . -63.07 15.46 -1.88
N7A FAD J . -64.07 16.23 -2.35
C5A FAD J . -63.64 17.53 -2.40
C6A FAD J . -64.21 18.78 -2.81
N6A FAD J . -65.54 18.85 -3.30
N1A FAD J . -63.49 19.91 -2.73
C2A FAD J . -62.22 19.87 -2.27
N3A FAD J . -61.63 18.72 -1.87
C4A FAD J . -62.31 17.54 -1.93
N1 FAD J . -50.57 4.09 -0.06
C2 FAD J . -49.27 3.72 -0.07
O2 FAD J . -48.48 3.94 -1.21
N3 FAD J . -48.70 3.13 0.99
C4 FAD J . -49.42 2.90 2.08
O4 FAD J . -48.81 2.30 3.18
C4X FAD J . -50.78 3.28 2.13
N5 FAD J . -51.51 3.06 3.25
C5X FAD J . -52.79 3.43 3.31
C6 FAD J . -53.49 3.17 4.51
C7 FAD J . -54.82 3.51 4.64
C7M FAD J . -55.51 3.23 5.96
C8 FAD J . -55.46 4.12 3.57
C8M FAD J . -56.89 4.54 3.64
C9 FAD J . -54.76 4.39 2.38
C9A FAD J . -53.41 4.06 2.22
N10 FAD J . -52.68 4.28 1.06
C10 FAD J . -51.36 3.90 1.02
C1' FAD J . -53.21 4.92 -0.16
C2' FAD J . -53.18 6.43 -0.22
O2' FAD J . -53.70 6.88 0.99
C3' FAD J . -53.95 7.01 -1.39
O3' FAD J . -53.79 6.16 -2.45
C4' FAD J . -53.49 8.39 -1.84
O4' FAD J . -53.80 9.37 -0.89
C5' FAD J . -54.10 8.74 -3.18
O5' FAD J . -54.00 10.05 -3.63
P FAD J . -55.23 10.73 -4.41
O1P FAD J . -54.79 12.04 -5.03
O2P FAD J . -55.71 9.81 -5.53
O3P FAD J . -56.48 10.89 -3.41
PA FAD K . 12.77 18.36 -9.40
O1A FAD K . 13.28 19.52 -10.25
O2A FAD K . 13.50 17.11 -9.81
O5B FAD K . 11.22 18.10 -9.63
C5B FAD K . 10.53 18.85 -10.56
C4B FAD K . 9.51 18.22 -11.42
O4B FAD K . 8.38 19.05 -11.37
C3B FAD K . 9.97 18.15 -12.82
O3B FAD K . 9.53 16.89 -13.40
C2B FAD K . 9.39 19.28 -13.36
O2B FAD K . 9.23 19.23 -14.75
C1B FAD K . 8.05 19.36 -12.68
N9A FAD K . 7.29 20.63 -12.75
C8A FAD K . 7.72 21.91 -12.74
N7A FAD K . 6.64 22.71 -12.80
C5A FAD K . 5.50 21.94 -12.83
C6A FAD K . 4.11 22.20 -12.89
N6A FAD K . 3.64 23.56 -12.93
N1A FAD K . 3.21 21.20 -12.91
C2A FAD K . 3.66 19.93 -12.87
N3A FAD K . 4.98 19.63 -12.82
C4A FAD K . 5.92 20.60 -12.80
N1 FAD K . 22.03 15.24 -7.19
C2 FAD K . 22.80 14.27 -6.66
O2 FAD K . 22.50 13.71 -5.41
N3 FAD K . 23.88 13.82 -7.31
C4 FAD K . 24.21 14.34 -8.50
O4 FAD K . 25.33 13.85 -9.16
C4X FAD K . 23.42 15.36 -9.10
N5 FAD K . 23.75 15.88 -10.30
C5X FAD K . 22.98 16.84 -10.87
C6 FAD K . 23.37 17.33 -12.12
C7 FAD K . 22.65 18.32 -12.77
C7M FAD K . 23.07 18.84 -14.12
C8 FAD K . 21.54 18.83 -12.13
C8M FAD K . 20.75 19.89 -12.82
C9 FAD K . 21.13 18.34 -10.88
C9A FAD K . 21.84 17.33 -10.21
N10 FAD K . 21.50 16.81 -8.97
C10 FAD K . 22.29 15.82 -8.42
C1' FAD K . 20.36 17.23 -8.15
C2' FAD K . 18.99 16.66 -8.46
O2' FAD K . 18.84 16.64 -9.84
C3' FAD K . 17.86 17.47 -7.86
O3' FAD K . 18.21 17.80 -6.58
C4' FAD K . 16.55 16.73 -7.79
O4' FAD K . 16.13 16.21 -9.03
C5' FAD K . 15.48 17.63 -7.27
O5' FAD K . 14.45 17.03 -6.58
P FAD K . 13.05 17.76 -6.60
O1P FAD K . 11.89 16.77 -6.59
O2P FAD K . 13.02 18.63 -5.36
O3P FAD K . 13.03 18.73 -7.88
PA FAD L . 56.05 -10.83 4.69
O1A FAD L . 55.89 -12.17 4.00
O2A FAD L . 55.34 -9.84 3.81
O5B FAD L . 57.60 -10.46 4.79
C5B FAD L . 58.60 -11.39 5.06
C4B FAD L . 59.92 -11.25 4.36
O4B FAD L . 60.91 -11.91 5.09
C3B FAD L . 59.90 -11.85 3.01
O3B FAD L . 60.40 -10.89 2.05
C2B FAD L . 60.67 -12.99 3.08
O2B FAD L . 61.30 -13.23 1.82
C1B FAD L . 61.66 -12.75 4.24
N9A FAD L . 62.28 -13.88 5.03
C8A FAD L . 61.78 -15.09 5.40
N7A FAD L . 62.70 -15.76 6.13
C5A FAD L . 63.79 -14.97 6.25
C6A FAD L . 65.01 -15.14 6.89
N6A FAD L . 65.24 -16.36 7.59
N1A FAD L . 65.96 -14.19 6.86
C2A FAD L . 65.70 -13.04 6.20
N3A FAD L . 64.52 -12.83 5.55
C4A FAD L . 63.54 -13.77 5.56
N1 FAD L . 47.07 -8.04 1.63
C2 FAD L . 46.25 -6.99 1.56
O2 FAD L . 46.10 -6.21 2.72
N3 FAD L . 45.59 -6.72 0.43
C4 FAD L . 45.76 -7.51 -0.66
O4 FAD L . 45.08 -7.19 -1.82
C4X FAD L . 46.63 -8.62 -0.61
N5 FAD L . 46.83 -9.42 -1.67
C5X FAD L . 47.69 -10.48 -1.53
C6 FAD L . 47.91 -11.32 -2.64
C7 FAD L . 48.77 -12.40 -2.56
C7M FAD L . 49.03 -13.31 -3.73
C8 FAD L . 49.40 -12.64 -1.37
C8M FAD L . 50.33 -13.79 -1.27
C9 FAD L . 49.21 -11.83 -0.27
C9A FAD L . 48.35 -10.73 -0.33
N10 FAD L . 48.15 -9.90 0.74
C10 FAD L . 47.29 -8.86 0.59
C1' FAD L . 48.74 -10.04 2.09
C2' FAD L . 50.05 -9.38 2.44
O2' FAD L . 50.85 -9.55 1.31
C3' FAD L . 50.69 -9.93 3.71
O3' FAD L . 49.70 -10.01 4.67
C4' FAD L . 51.81 -9.07 4.26
O4' FAD L . 52.87 -9.00 3.35
C5' FAD L . 52.40 -9.52 5.57
O5' FAD L . 53.70 -9.08 5.81
P FAD L . 54.62 -9.76 6.92
O1P FAD L . 55.44 -8.76 7.72
O2P FAD L . 53.64 -10.45 7.87
O3P FAD L . 55.47 -10.88 6.17
#